data_8WGD
#
_entry.id   8WGD
#
loop_
_entity.id
_entity.type
_entity.pdbx_description
1 polymer 'Metabotropic glutamate receptor 2'
2 polymer 'Metabotropic glutamate receptor 4'
3 non-polymer '(1S,2R)-2-[(2S)-2-azanyl-1-oxidanyl-1-oxidanylidene-3-(9H-xanthen-9-yl)propan-2-yl]cyclopropane-1-carboxylic acid'
4 non-polymer '(2S)-2-azanyl-2-cyclopropyl-2-(4-phosphonophenyl)ethanoic acid'
#
loop_
_entity_poly.entity_id
_entity_poly.type
_entity_poly.pdbx_seq_one_letter_code
_entity_poly.pdbx_strand_id
1 'polypeptide(L)'
;EGPAKKVLTLEGDLVLGGLFPVHQKGGPAEDCGPVNEHRGIQRLEAMLFALDRINRDPHLLPGVRLGAHILDSCSKDTHA
LEQALDFVRASLSRGADGSRHICPDGSYATHGDAPTAITGVIGGSYSDVSIQVANLLRLFQIPQISYASTSAKLSDKSRY
DYFARTVPPDFFQAKAMAEILRFFNWTYVSTVASEGDYGETGIEAFELEARARNICVATSEKVGRAMSRAAFEGVVRALL
QKPSARVAVLFTRSEDARELLAASQRLNASFTWVASDGWGALESVVAGSEGAAEGAITIELASYPISDFASYFQSLDPWN
NSRNPWFREFWEQRFRCSFRQRDCAAHSLRAVPFEQESKIMFVVNAVYAMAHALHNMHRALCPNTTRLCDAMRPVNGRRL
YKDFVLNVKFDAPFRPADTHNEVRFDRFGDGIGRYNIFTYLRAGSGRYRYQKVGYWAEGLTLDTSLIPWASPSAGPLPAS
RCSEPCLQNEVKSVQPGEVCCWLCIPCQPYEYRLDEFTCADCGLGYWPNASLTGCFELPQEYIRWGDAWAVGPVTIACLG
ALATLFVLGVFVRHNATPVVKASGRELCYILLGGVFLCYCMTFIFIAKPSTAVCTLRRLGLGTAFSVCYSALLTKTNRIA
RIFGGAREGAQRPRFISPASQVAICLALISGQLLIVVAWLVVEAPGTGKETAPERREVVTLRCNHRDASMLGSLAYNVLL
IALCTLYAFKTRKCPENFNEAKFIGFTMYTTCIIWLAFLPIFYVTSSDYRVQTTTMCVSVSLSGSVVLGCLFAPKLHIIL
FQPQKNVVSHRAPTSRFGSAAARASSSLGQGSGSQFVPTVCNGREVVDSTTSSL
;
C
2 'polypeptide(L)'
;KPKGHPHMNSIRIDGDITLGGLFPVHGRGSEGKPCGELKKEKGIHRLEAMLFALDRINNDPDLLPNITLGARILDTCSRD
THALEQSLTFVQALIEKDGTEVRCGSGGPPIITKPERVVGVIGASGSSVSIMVANILRLFKIPQISYASTAPDLSDNSRY
DFFSRVVPSDTYQAQAMVDIVRALKWNYVSTVASEGSYGESGVEAFIQKSREDGGVCIAQSVKIPREPKAGEFDKIIRRL
LETSNARAVIIFANEDDIRRVLEAARRANQTGHFFWMGSDSWGSKIAPVLHLEEVAEGAVTILPKRMSVRGFDRYFSSRT
LDNNRRNIWFAEFWEDNFHCKLSRHALKKGSHVKKCTNRERIGQDSAYEQEGKVQFVIDAVYAMGHALHAMHRDLCPGRV
GLCPRMDPVDGTQLLKYIRNVNFSGIAGNPVTFNENGDAPGRYDIYQYQLRNDSAEYKVIGSWTDHLHLRIERMHWPGSG
QQLPRSICSLPCQPGERKKTVKGMPCCWHCEPCTGYQYQVDRYTCKTCPYDMRPTENRTGCRPIPIIKLEWGSPWAVLPL
FLAVVGIAATLFVVITFVRYNDTPIVKASGRELSYVLLAGIFLCYATTFLMIAEPDLGTCSLRRIFLGLGMSISYAALLT
KTNRIYRIFEQGKRSVSAPRFISPASQLAITFSLISLQLLGICVWFVVDPSHSVVDFQDQRTLDPRFARGVLKCDISDLS
LICLLGYSMLLMVTCTVYAIKTRGVPETFNEAKPIGFTMYTTCIVWLAFIPIFFGTSQSADKLYIQTTTLTVSVSLSASV
SLGMLYMPKVYIILFHPEQNVPKRKRSLKAVVTAATMSNKFTQKGNFRPNGEAKSELCENLEAPALATKQTYVTYTNHAI
;
B
#
# COMPACT_ATOMS: atom_id res chain seq x y z
N LYS A 5 0.54 -26.72 -59.04
CA LYS A 5 0.34 -27.24 -60.39
C LYS A 5 0.87 -26.22 -61.43
N LYS A 6 0.38 -24.95 -61.37
CA LYS A 6 0.70 -23.84 -62.30
C LYS A 6 1.15 -22.59 -61.57
N VAL A 7 1.93 -21.75 -62.21
CA VAL A 7 2.28 -20.45 -61.63
C VAL A 7 1.88 -19.37 -62.61
N LEU A 8 1.16 -18.35 -62.16
CA LEU A 8 0.82 -17.32 -63.14
C LEU A 8 1.97 -16.40 -63.21
N THR A 9 2.90 -16.74 -64.05
CA THR A 9 4.03 -15.91 -64.14
C THR A 9 3.67 -14.78 -65.07
N LEU A 10 4.41 -13.71 -64.98
CA LEU A 10 4.24 -12.60 -65.87
C LEU A 10 5.64 -12.28 -66.33
N GLU A 11 5.82 -12.12 -67.62
CA GLU A 11 7.13 -11.82 -68.14
C GLU A 11 7.62 -10.50 -67.60
N GLY A 12 8.89 -10.45 -67.21
CA GLY A 12 9.49 -9.23 -66.73
C GLY A 12 10.97 -9.43 -66.47
N ASP A 13 11.63 -8.37 -66.04
CA ASP A 13 13.05 -8.37 -65.81
C ASP A 13 13.37 -8.64 -64.33
N LEU A 14 12.46 -8.18 -63.48
CA LEU A 14 12.56 -8.34 -62.03
C LEU A 14 11.22 -8.92 -61.63
N VAL A 15 11.20 -9.92 -60.76
CA VAL A 15 9.95 -10.60 -60.44
C VAL A 15 9.46 -10.63 -59.01
N LEU A 16 8.19 -10.27 -58.84
CA LEU A 16 7.51 -10.34 -57.55
C LEU A 16 6.56 -11.51 -57.54
N GLY A 17 6.47 -12.18 -56.44
CA GLY A 17 5.55 -13.28 -56.36
C GLY A 17 4.31 -12.87 -55.64
N GLY A 18 3.42 -13.81 -55.42
CA GLY A 18 2.21 -13.49 -54.69
C GLY A 18 1.28 -14.64 -54.43
N LEU A 19 0.31 -14.37 -53.57
CA LEU A 19 -0.70 -15.34 -53.14
C LEU A 19 -2.11 -14.81 -53.10
N PHE A 20 -2.89 -15.17 -54.09
CA PHE A 20 -4.26 -14.73 -54.17
C PHE A 20 -5.01 -16.03 -54.40
N PRO A 21 -5.32 -16.77 -53.32
CA PRO A 21 -5.75 -18.13 -53.37
C PRO A 21 -6.89 -18.30 -54.32
N VAL A 22 -6.75 -19.34 -55.10
CA VAL A 22 -7.67 -19.69 -56.13
C VAL A 22 -8.75 -20.51 -55.51
N HIS A 23 -8.31 -21.50 -54.75
CA HIS A 23 -9.21 -22.50 -54.18
C HIS A 23 -9.41 -22.33 -52.70
N GLN A 24 -10.58 -22.76 -52.21
CA GLN A 24 -10.86 -22.62 -50.80
C GLN A 24 -10.68 -23.92 -50.00
N LYS A 25 -11.65 -24.27 -49.15
CA LYS A 25 -11.49 -25.42 -48.24
C LYS A 25 -11.86 -26.73 -48.91
N GLY A 26 -11.00 -27.75 -48.74
CA GLY A 26 -11.15 -29.08 -49.34
C GLY A 26 -11.65 -30.13 -48.37
N GLY A 27 -11.12 -31.36 -48.48
CA GLY A 27 -11.61 -32.47 -47.68
C GLY A 27 -10.81 -33.75 -47.93
N PRO A 28 -11.27 -34.90 -47.43
CA PRO A 28 -10.61 -36.20 -47.50
C PRO A 28 -10.15 -36.63 -48.89
N ALA A 29 -10.87 -36.25 -49.94
CA ALA A 29 -10.47 -36.63 -51.30
C ALA A 29 -10.17 -35.40 -52.15
N GLU A 30 -9.97 -34.25 -51.51
CA GLU A 30 -9.67 -33.01 -52.22
C GLU A 30 -8.54 -32.25 -51.58
N ASP A 31 -7.47 -32.00 -52.34
CA ASP A 31 -6.32 -31.30 -51.75
C ASP A 31 -6.71 -29.93 -51.14
N CYS A 32 -7.65 -29.22 -51.81
CA CYS A 32 -8.23 -27.95 -51.40
C CYS A 32 -9.58 -27.79 -52.10
N GLY A 33 -10.26 -26.72 -51.80
CA GLY A 33 -11.64 -26.51 -52.23
C GLY A 33 -11.91 -25.95 -53.59
N PRO A 34 -13.16 -25.47 -53.79
CA PRO A 34 -13.71 -24.84 -54.99
C PRO A 34 -13.05 -23.51 -55.26
N VAL A 35 -13.13 -23.05 -56.49
CA VAL A 35 -12.57 -21.75 -56.81
C VAL A 35 -13.48 -20.60 -56.40
N ASN A 36 -12.88 -19.55 -55.86
CA ASN A 36 -13.63 -18.37 -55.38
C ASN A 36 -12.98 -17.05 -55.81
N GLU A 37 -13.64 -16.32 -56.71
CA GLU A 37 -13.11 -15.11 -57.35
C GLU A 37 -12.90 -13.96 -56.40
N HIS A 38 -13.45 -14.07 -55.19
CA HIS A 38 -13.33 -13.02 -54.19
C HIS A 38 -12.07 -13.25 -53.35
N ARG A 39 -11.31 -14.27 -53.72
CA ARG A 39 -10.07 -14.58 -53.05
C ARG A 39 -9.04 -14.70 -54.15
N GLY A 40 -9.55 -15.18 -55.29
CA GLY A 40 -8.78 -15.51 -56.48
C GLY A 40 -8.78 -14.43 -57.57
N ILE A 41 -9.60 -14.56 -58.60
CA ILE A 41 -9.57 -13.67 -59.78
C ILE A 41 -9.63 -12.20 -59.53
N GLN A 42 -10.45 -11.75 -58.60
CA GLN A 42 -10.56 -10.31 -58.40
C GLN A 42 -9.31 -9.74 -57.75
N ARG A 43 -8.42 -10.61 -57.27
CA ARG A 43 -7.21 -10.21 -56.60
C ARG A 43 -5.98 -10.60 -57.45
N LEU A 44 -6.09 -11.71 -58.21
CA LEU A 44 -5.04 -12.16 -59.10
C LEU A 44 -4.85 -11.15 -60.20
N GLU A 45 -5.99 -10.64 -60.69
CA GLU A 45 -6.00 -9.65 -61.73
C GLU A 45 -5.59 -8.32 -61.18
N ALA A 46 -5.92 -8.06 -59.92
CA ALA A 46 -5.55 -6.78 -59.36
C ALA A 46 -4.03 -6.64 -59.40
N MET A 47 -3.31 -7.71 -59.07
CA MET A 47 -1.87 -7.61 -59.17
C MET A 47 -1.36 -7.59 -60.60
N LEU A 48 -1.91 -8.42 -61.48
CA LEU A 48 -1.37 -8.43 -62.84
C LEU A 48 -1.63 -7.07 -63.51
N PHE A 49 -2.80 -6.49 -63.22
CA PHE A 49 -3.19 -5.17 -63.68
C PHE A 49 -2.23 -4.14 -63.21
N ALA A 50 -1.97 -4.15 -61.92
CA ALA A 50 -1.09 -3.17 -61.38
C ALA A 50 0.28 -3.33 -62.00
N LEU A 51 0.76 -4.56 -62.18
CA LEU A 51 2.10 -4.69 -62.70
C LEU A 51 2.23 -4.13 -64.08
N ASP A 52 1.27 -4.34 -64.98
CA ASP A 52 1.47 -3.72 -66.28
C ASP A 52 1.27 -2.21 -66.26
N ARG A 53 0.36 -1.66 -65.47
CA ARG A 53 0.22 -0.21 -65.46
C ARG A 53 1.42 0.44 -64.78
N ILE A 54 2.04 -0.27 -63.84
CA ILE A 54 3.35 0.04 -63.26
C ILE A 54 4.46 -0.02 -64.32
N ASN A 55 4.49 -1.06 -65.15
CA ASN A 55 5.49 -1.22 -66.18
C ASN A 55 5.43 -0.09 -67.21
N ARG A 56 4.23 0.41 -67.49
CA ARG A 56 4.03 1.50 -68.44
C ARG A 56 4.30 2.89 -67.83
N ASP A 57 3.92 3.12 -66.58
CA ASP A 57 4.12 4.41 -65.91
C ASP A 57 5.59 4.67 -65.50
N PRO A 58 6.23 5.79 -65.94
CA PRO A 58 7.61 6.16 -65.59
C PRO A 58 7.94 6.34 -64.09
N HIS A 59 6.98 6.23 -63.17
CA HIS A 59 7.29 6.16 -61.73
C HIS A 59 8.02 4.86 -61.35
N LEU A 60 7.79 3.75 -62.04
CA LEU A 60 8.70 2.61 -62.04
C LEU A 60 9.93 2.97 -62.86
N LEU A 61 11.09 2.33 -62.65
CA LEU A 61 12.20 2.66 -63.52
C LEU A 61 11.78 2.16 -64.92
N PRO A 62 11.67 3.05 -65.94
CA PRO A 62 11.14 2.81 -67.28
C PRO A 62 11.66 1.65 -68.10
N GLY A 63 12.92 1.23 -67.93
CA GLY A 63 13.42 0.14 -68.74
C GLY A 63 13.33 -1.22 -68.06
N VAL A 64 12.71 -1.28 -66.87
CA VAL A 64 12.62 -2.55 -66.17
C VAL A 64 11.18 -2.97 -66.01
N ARG A 65 10.86 -4.14 -66.51
CA ARG A 65 9.51 -4.63 -66.35
C ARG A 65 9.41 -5.45 -65.06
N LEU A 66 8.29 -5.34 -64.37
CA LEU A 66 8.05 -6.20 -63.24
C LEU A 66 7.20 -7.36 -63.68
N GLY A 67 7.75 -8.54 -63.49
CA GLY A 67 7.11 -9.77 -63.86
C GLY A 67 6.42 -10.30 -62.62
N ALA A 68 6.02 -11.56 -62.69
CA ALA A 68 5.30 -12.12 -61.57
C ALA A 68 5.55 -13.58 -61.40
N HIS A 69 5.32 -14.03 -60.18
CA HIS A 69 5.35 -15.44 -59.80
C HIS A 69 4.17 -15.68 -58.88
N ILE A 70 2.96 -15.78 -59.44
CA ILE A 70 1.84 -15.91 -58.53
C ILE A 70 1.64 -17.36 -58.25
N LEU A 71 1.74 -17.65 -56.99
CA LEU A 71 1.74 -18.97 -56.43
C LEU A 71 0.38 -19.64 -56.54
N ASP A 72 0.39 -20.94 -56.79
CA ASP A 72 -0.85 -21.69 -56.94
C ASP A 72 -1.41 -22.00 -55.57
N SER A 73 -1.94 -20.96 -54.96
CA SER A 73 -2.44 -20.99 -53.60
C SER A 73 -3.91 -21.40 -53.46
N CYS A 74 -4.20 -21.99 -52.30
CA CYS A 74 -5.47 -22.42 -51.78
C CYS A 74 -5.54 -21.72 -50.42
N SER A 75 -6.72 -21.50 -49.89
CA SER A 75 -6.83 -20.85 -48.58
C SER A 75 -6.54 -21.82 -47.43
N LYS A 76 -5.29 -22.30 -47.39
CA LYS A 76 -4.77 -23.25 -46.42
C LYS A 76 -3.34 -22.85 -46.05
N ASP A 77 -2.99 -22.97 -44.78
CA ASP A 77 -1.67 -22.58 -44.31
C ASP A 77 -0.58 -23.55 -44.71
N THR A 78 -0.94 -24.81 -44.64
CA THR A 78 -0.06 -25.90 -44.93
C THR A 78 0.30 -25.86 -46.39
N HIS A 79 -0.73 -25.63 -47.19
CA HIS A 79 -0.58 -25.56 -48.61
C HIS A 79 0.32 -24.39 -48.95
N ALA A 80 0.03 -23.24 -48.35
CA ALA A 80 0.81 -22.05 -48.63
C ALA A 80 2.28 -22.23 -48.31
N LEU A 81 2.61 -22.94 -47.22
CA LEU A 81 4.01 -23.16 -46.89
C LEU A 81 4.69 -24.06 -47.92
N GLU A 82 3.98 -25.13 -48.30
CA GLU A 82 4.52 -26.10 -49.26
C GLU A 82 4.78 -25.42 -50.58
N GLN A 83 3.91 -24.50 -50.94
CA GLN A 83 4.05 -23.76 -52.16
C GLN A 83 5.05 -22.63 -52.01
N ALA A 84 5.13 -22.00 -50.83
CA ALA A 84 6.05 -20.87 -50.58
C ALA A 84 7.48 -21.29 -50.79
N LEU A 85 7.76 -22.56 -50.55
CA LEU A 85 9.10 -23.09 -50.74
C LEU A 85 9.55 -22.90 -52.19
N ASP A 86 8.60 -22.75 -53.13
CA ASP A 86 8.90 -22.53 -54.54
C ASP A 86 9.56 -21.16 -54.72
N PHE A 87 9.24 -20.19 -53.84
CA PHE A 87 9.83 -18.87 -53.94
C PHE A 87 11.25 -19.01 -53.44
N VAL A 88 11.39 -19.81 -52.40
CA VAL A 88 12.70 -20.04 -51.80
C VAL A 88 13.60 -20.72 -52.80
N ARG A 89 13.08 -21.72 -53.51
CA ARG A 89 13.88 -22.37 -54.52
C ARG A 89 14.24 -21.39 -55.64
N ALA A 90 13.31 -20.54 -56.07
CA ALA A 90 13.60 -19.58 -57.14
C ALA A 90 14.77 -18.68 -56.75
N SER A 91 14.81 -18.31 -55.46
CA SER A 91 15.86 -17.48 -54.86
C SER A 91 17.06 -18.26 -54.27
N LEU A 92 17.06 -19.63 -54.32
CA LEU A 92 18.03 -20.58 -53.78
C LEU A 92 18.38 -20.27 -52.32
N THR A 116 14.28 -14.36 -62.62
CA THR A 116 15.22 -15.00 -61.72
C THR A 116 14.98 -14.46 -60.29
N ALA A 117 14.68 -15.39 -59.34
CA ALA A 117 14.43 -15.19 -57.90
C ALA A 117 13.24 -14.29 -57.58
N ILE A 118 12.95 -14.16 -56.29
CA ILE A 118 11.83 -13.38 -55.80
C ILE A 118 12.29 -12.19 -54.98
N THR A 119 11.80 -11.01 -55.34
CA THR A 119 12.18 -9.76 -54.66
C THR A 119 11.14 -9.25 -53.69
N GLY A 120 10.14 -10.06 -53.46
CA GLY A 120 9.06 -9.80 -52.54
C GLY A 120 7.85 -10.59 -52.95
N VAL A 121 6.95 -10.82 -51.99
CA VAL A 121 5.72 -11.56 -52.20
C VAL A 121 4.49 -10.81 -51.71
N ILE A 122 3.51 -10.65 -52.58
CA ILE A 122 2.30 -9.97 -52.21
C ILE A 122 1.15 -10.96 -52.13
N GLY A 123 0.58 -11.14 -50.97
CA GLY A 123 -0.50 -12.09 -50.85
C GLY A 123 -0.75 -12.65 -49.47
N GLY A 124 -1.79 -13.46 -49.42
CA GLY A 124 -2.30 -14.11 -48.23
C GLY A 124 -3.55 -13.39 -47.81
N SER A 125 -4.69 -14.09 -47.95
CA SER A 125 -6.03 -13.57 -47.67
C SER A 125 -6.51 -13.87 -46.28
N TYR A 126 -5.70 -14.64 -45.58
CA TYR A 126 -5.92 -15.06 -44.20
C TYR A 126 -4.62 -14.93 -43.46
N SER A 127 -4.70 -14.62 -42.16
CA SER A 127 -3.48 -14.49 -41.37
C SER A 127 -2.67 -15.76 -41.29
N ASP A 128 -3.31 -16.92 -41.40
CA ASP A 128 -2.57 -18.17 -41.31
C ASP A 128 -1.78 -18.44 -42.60
N VAL A 129 -2.26 -17.88 -43.71
CA VAL A 129 -1.58 -18.05 -44.96
C VAL A 129 -0.40 -17.10 -44.93
N SER A 130 -0.66 -15.86 -44.50
CA SER A 130 0.39 -14.87 -44.45
C SER A 130 1.51 -15.29 -43.53
N ILE A 131 1.15 -15.80 -42.36
CA ILE A 131 2.16 -16.18 -41.40
C ILE A 131 3.01 -17.31 -41.85
N GLN A 132 2.47 -18.38 -42.42
CA GLN A 132 3.43 -19.42 -42.74
C GLN A 132 4.30 -19.04 -43.92
N VAL A 133 3.77 -18.27 -44.87
CA VAL A 133 4.60 -17.90 -45.98
C VAL A 133 5.71 -16.99 -45.48
N ALA A 134 5.34 -16.01 -44.64
CA ALA A 134 6.30 -15.09 -44.07
C ALA A 134 7.30 -15.81 -43.17
N ASN A 135 6.85 -16.84 -42.45
CA ASN A 135 7.77 -17.51 -41.55
C ASN A 135 8.92 -18.09 -42.30
N LEU A 136 8.65 -18.55 -43.50
CA LEU A 136 9.71 -19.10 -44.28
C LEU A 136 10.53 -18.00 -44.96
N LEU A 137 9.84 -17.07 -45.62
CA LEU A 137 10.51 -16.05 -46.43
C LEU A 137 11.38 -15.06 -45.68
N ARG A 138 11.05 -14.80 -44.42
CA ARG A 138 11.88 -13.87 -43.67
C ARG A 138 13.32 -14.34 -43.60
N LEU A 139 13.54 -15.63 -43.59
CA LEU A 139 14.86 -16.19 -43.42
C LEU A 139 15.71 -16.05 -44.66
N PHE A 140 15.08 -15.66 -45.76
CA PHE A 140 15.74 -15.47 -47.02
C PHE A 140 15.77 -14.01 -47.38
N GLN A 141 15.38 -13.17 -46.40
CA GLN A 141 15.29 -11.73 -46.57
C GLN A 141 14.35 -11.31 -47.69
N ILE A 142 13.22 -12.01 -47.82
CA ILE A 142 12.22 -11.65 -48.80
C ILE A 142 11.03 -11.03 -48.07
N PRO A 143 10.63 -9.76 -48.36
CA PRO A 143 9.52 -9.01 -47.76
C PRO A 143 8.14 -9.47 -48.20
N GLN A 144 7.11 -9.23 -47.37
CA GLN A 144 5.73 -9.58 -47.75
C GLN A 144 4.65 -8.52 -47.50
N ILE A 145 3.59 -8.61 -48.30
CA ILE A 145 2.38 -7.84 -48.07
C ILE A 145 1.16 -8.72 -47.85
N SER A 146 0.37 -8.47 -46.79
CA SER A 146 -0.83 -9.28 -46.50
C SER A 146 -2.19 -8.55 -46.43
N TYR A 147 -3.25 -9.36 -46.53
CA TYR A 147 -4.60 -8.84 -46.51
C TYR A 147 -5.46 -9.57 -45.51
N ALA A 148 -6.45 -8.87 -44.95
CA ALA A 148 -7.43 -9.46 -44.05
C ALA A 148 -6.75 -10.27 -42.96
N SER A 149 -5.65 -9.73 -42.48
CA SER A 149 -4.86 -10.37 -41.49
C SER A 149 -4.84 -9.44 -40.32
N THR A 150 -4.66 -9.98 -39.13
CA THR A 150 -4.73 -9.14 -37.96
C THR A 150 -3.60 -9.31 -36.99
N SER A 151 -3.53 -8.34 -36.07
CA SER A 151 -2.58 -8.21 -34.97
C SER A 151 -2.76 -9.31 -33.95
N ALA A 152 -3.86 -10.05 -34.10
CA ALA A 152 -4.19 -11.16 -33.24
C ALA A 152 -3.01 -12.09 -33.21
N LYS A 153 -2.36 -12.24 -34.36
CA LYS A 153 -1.17 -13.04 -34.41
C LYS A 153 -0.03 -12.13 -34.85
N LEU A 154 -0.32 -11.18 -35.74
CA LEU A 154 0.72 -10.33 -36.31
C LEU A 154 1.07 -9.09 -35.53
N SER A 155 1.60 -9.31 -34.34
CA SER A 155 2.07 -8.24 -33.46
C SER A 155 3.57 -8.31 -33.15
N ASP A 156 4.20 -9.43 -33.50
CA ASP A 156 5.60 -9.60 -33.13
C ASP A 156 6.54 -8.96 -34.10
N LYS A 157 6.66 -7.65 -34.02
CA LYS A 157 7.45 -6.83 -34.93
C LYS A 157 8.92 -7.23 -34.94
N SER A 158 9.42 -7.85 -33.85
CA SER A 158 10.83 -8.23 -33.84
C SER A 158 11.15 -9.21 -34.98
N ARG A 159 10.11 -9.86 -35.52
CA ARG A 159 10.23 -10.74 -36.63
C ARG A 159 9.38 -10.17 -37.77
N TYR A 160 8.31 -9.49 -37.41
CA TYR A 160 7.34 -9.11 -38.41
C TYR A 160 7.60 -7.75 -39.03
N ASP A 161 8.71 -7.11 -38.70
CA ASP A 161 9.08 -5.88 -39.40
C ASP A 161 9.47 -6.19 -40.83
N TYR A 162 9.61 -7.47 -41.17
CA TYR A 162 9.89 -7.88 -42.54
C TYR A 162 8.66 -7.76 -43.44
N PHE A 163 7.47 -7.62 -42.85
CA PHE A 163 6.30 -7.60 -43.69
C PHE A 163 5.15 -6.80 -43.08
N ALA A 164 4.16 -6.51 -43.89
CA ALA A 164 3.04 -5.78 -43.34
C ALA A 164 1.76 -6.01 -44.09
N ARG A 165 0.70 -5.71 -43.42
CA ARG A 165 -0.61 -5.76 -43.95
C ARG A 165 -0.85 -4.53 -44.82
N THR A 166 -1.78 -4.63 -45.77
CA THR A 166 -2.23 -3.44 -46.52
C THR A 166 -3.55 -3.13 -45.88
N VAL A 167 -4.17 -4.19 -45.39
CA VAL A 167 -5.45 -4.11 -44.70
C VAL A 167 -5.12 -3.84 -43.22
N PRO A 168 -5.67 -2.84 -42.55
CA PRO A 168 -5.33 -2.58 -41.19
C PRO A 168 -5.87 -3.74 -40.36
N PRO A 169 -5.28 -4.03 -39.22
CA PRO A 169 -5.69 -5.08 -38.32
C PRO A 169 -7.00 -4.67 -37.69
N ASP A 170 -7.83 -5.67 -37.43
CA ASP A 170 -9.16 -5.56 -36.88
C ASP A 170 -9.21 -4.86 -35.52
N PHE A 171 -8.17 -4.98 -34.69
CA PHE A 171 -8.19 -4.45 -33.34
C PHE A 171 -8.39 -2.93 -33.33
N PHE A 172 -8.06 -2.23 -34.43
CA PHE A 172 -8.26 -0.80 -34.40
C PHE A 172 -9.72 -0.46 -34.28
N GLN A 173 -10.59 -1.33 -34.78
CA GLN A 173 -12.01 -1.12 -34.64
C GLN A 173 -12.40 -1.19 -33.16
N ALA A 174 -11.71 -2.01 -32.36
CA ALA A 174 -12.04 -2.12 -30.95
C ALA A 174 -11.72 -0.80 -30.29
N LYS A 175 -10.65 -0.17 -30.75
CA LYS A 175 -10.29 1.12 -30.20
C LYS A 175 -11.36 2.12 -30.59
N ALA A 176 -11.84 2.03 -31.83
CA ALA A 176 -12.88 2.92 -32.29
C ALA A 176 -14.14 2.72 -31.46
N MET A 177 -14.45 1.47 -31.10
CA MET A 177 -15.63 1.19 -30.29
C MET A 177 -15.53 1.91 -28.97
N ALA A 178 -14.36 1.82 -28.32
CA ALA A 178 -14.21 2.51 -27.05
C ALA A 178 -14.37 4.00 -27.24
N GLU A 179 -13.86 4.56 -28.34
CA GLU A 179 -14.01 5.98 -28.58
C GLU A 179 -15.47 6.37 -28.78
N ILE A 180 -16.22 5.59 -29.55
CA ILE A 180 -17.66 5.80 -29.79
C ILE A 180 -18.38 5.84 -28.46
N LEU A 181 -18.13 4.82 -27.64
CA LEU A 181 -18.81 4.69 -26.37
C LEU A 181 -18.47 5.85 -25.47
N ARG A 182 -17.20 6.31 -25.43
CA ARG A 182 -16.97 7.41 -24.53
C ARG A 182 -17.58 8.70 -25.07
N PHE A 183 -17.56 8.92 -26.39
CA PHE A 183 -18.11 10.13 -26.99
C PHE A 183 -19.60 10.30 -26.63
N PHE A 184 -20.35 9.21 -26.56
CA PHE A 184 -21.72 9.21 -26.07
C PHE A 184 -21.87 9.03 -24.54
N ASN A 185 -20.79 9.17 -23.76
CA ASN A 185 -20.79 8.99 -22.31
C ASN A 185 -21.30 7.60 -21.84
N TRP A 186 -21.11 6.56 -22.63
CA TRP A 186 -21.32 5.17 -22.21
C TRP A 186 -20.11 4.73 -21.43
N THR A 187 -20.25 4.62 -20.12
CA THR A 187 -19.16 4.31 -19.23
C THR A 187 -19.37 3.02 -18.44
N TYR A 188 -20.38 2.25 -18.80
CA TYR A 188 -20.67 0.96 -18.19
C TYR A 188 -21.30 0.09 -19.29
N VAL A 189 -20.48 -0.70 -20.00
CA VAL A 189 -20.94 -1.35 -21.23
C VAL A 189 -20.76 -2.87 -21.28
N SER A 190 -21.44 -3.54 -22.21
CA SER A 190 -21.29 -4.99 -22.32
C SER A 190 -20.54 -5.42 -23.58
N THR A 191 -19.39 -6.11 -23.40
CA THR A 191 -18.56 -6.51 -24.53
C THR A 191 -18.74 -7.97 -24.91
N VAL A 192 -19.05 -8.18 -26.16
CA VAL A 192 -19.25 -9.49 -26.71
C VAL A 192 -18.38 -9.60 -27.94
N ALA A 193 -17.73 -10.73 -28.13
CA ALA A 193 -16.89 -10.86 -29.30
C ALA A 193 -16.94 -12.26 -29.83
N SER A 194 -16.44 -12.50 -31.03
CA SER A 194 -16.53 -13.85 -31.55
C SER A 194 -15.73 -14.88 -30.74
N GLU A 195 -16.06 -16.14 -30.97
CA GLU A 195 -15.46 -17.32 -30.34
C GLU A 195 -13.99 -17.54 -30.67
N GLY A 196 -13.51 -16.92 -31.75
CA GLY A 196 -12.13 -17.09 -32.25
C GLY A 196 -11.13 -16.02 -31.79
N ASP A 197 -10.04 -15.94 -32.55
CA ASP A 197 -8.90 -15.07 -32.30
C ASP A 197 -9.25 -13.63 -32.56
N TYR A 198 -10.09 -13.37 -33.57
CA TYR A 198 -10.64 -12.08 -33.93
C TYR A 198 -11.31 -11.51 -32.69
N GLY A 199 -12.15 -12.34 -32.08
CA GLY A 199 -12.87 -11.93 -30.91
C GLY A 199 -11.97 -11.65 -29.73
N GLU A 200 -11.04 -12.55 -29.42
CA GLU A 200 -10.20 -12.30 -28.25
C GLU A 200 -9.36 -11.05 -28.40
N THR A 201 -8.86 -10.82 -29.61
CA THR A 201 -8.04 -9.67 -29.87
C THR A 201 -8.86 -8.42 -29.69
N GLY A 202 -10.08 -8.44 -30.21
CA GLY A 202 -10.97 -7.31 -30.10
C GLY A 202 -11.30 -7.02 -28.66
N ILE A 203 -11.51 -8.06 -27.84
CA ILE A 203 -11.81 -7.82 -26.45
C ILE A 203 -10.63 -7.21 -25.74
N GLU A 204 -9.43 -7.74 -25.94
CA GLU A 204 -8.32 -7.16 -25.23
C GLU A 204 -8.12 -5.72 -25.64
N ALA A 205 -8.13 -5.45 -26.94
CA ALA A 205 -7.91 -4.09 -27.39
C ALA A 205 -9.00 -3.18 -26.88
N PHE A 206 -10.24 -3.67 -26.88
CA PHE A 206 -11.34 -2.87 -26.42
C PHE A 206 -11.19 -2.53 -24.97
N GLU A 207 -10.91 -3.53 -24.14
CA GLU A 207 -10.82 -3.30 -22.72
C GLU A 207 -9.67 -2.35 -22.39
N LEU A 208 -8.57 -2.46 -23.10
CA LEU A 208 -7.45 -1.58 -22.82
C LEU A 208 -7.79 -0.13 -23.14
N GLU A 209 -8.46 0.08 -24.28
CA GLU A 209 -8.81 1.43 -24.69
C GLU A 209 -9.95 1.93 -23.81
N ALA A 210 -10.88 1.04 -23.49
CA ALA A 210 -12.02 1.40 -22.70
C ALA A 210 -11.58 1.86 -21.33
N ARG A 211 -10.60 1.20 -20.71
CA ARG A 211 -10.16 1.66 -19.42
C ARG A 211 -9.46 3.00 -19.54
N ALA A 212 -8.68 3.18 -20.60
CA ALA A 212 -7.96 4.43 -20.81
C ALA A 212 -8.93 5.62 -20.89
N ARG A 213 -10.11 5.36 -21.43
CA ARG A 213 -11.16 6.34 -21.62
C ARG A 213 -12.16 6.37 -20.46
N ASN A 214 -11.87 5.68 -19.37
CA ASN A 214 -12.70 5.56 -18.19
C ASN A 214 -14.07 4.93 -18.45
N ILE A 215 -14.08 3.92 -19.29
CA ILE A 215 -15.27 3.15 -19.56
C ILE A 215 -15.16 1.84 -18.81
N CYS A 216 -16.16 1.52 -17.96
CA CYS A 216 -16.26 0.28 -17.23
C CYS A 216 -16.88 -0.77 -18.14
N VAL A 217 -16.31 -1.95 -18.12
CA VAL A 217 -16.89 -2.97 -18.95
C VAL A 217 -17.66 -3.89 -18.03
N ALA A 218 -18.98 -3.78 -18.13
CA ALA A 218 -19.93 -4.49 -17.30
C ALA A 218 -19.87 -5.99 -17.53
N THR A 219 -19.72 -6.35 -18.79
CA THR A 219 -19.62 -7.77 -19.13
C THR A 219 -18.54 -7.95 -20.17
N SER A 220 -18.03 -9.16 -20.30
CA SER A 220 -17.06 -9.47 -21.35
C SER A 220 -17.15 -10.97 -21.68
N GLU A 221 -17.59 -11.30 -22.89
CA GLU A 221 -17.78 -12.71 -23.26
C GLU A 221 -17.61 -13.01 -24.74
N LYS A 222 -17.40 -14.29 -25.05
CA LYS A 222 -17.27 -14.70 -26.44
C LYS A 222 -18.50 -15.48 -26.93
N VAL A 223 -18.81 -15.29 -28.21
CA VAL A 223 -19.91 -15.97 -28.89
C VAL A 223 -19.53 -16.56 -30.23
N GLY A 224 -20.37 -17.44 -30.73
CA GLY A 224 -20.17 -17.91 -32.08
C GLY A 224 -21.22 -18.90 -32.48
N ARG A 225 -21.33 -19.20 -33.76
CA ARG A 225 -22.35 -20.11 -34.26
C ARG A 225 -22.28 -21.50 -33.62
N ALA A 226 -21.11 -21.87 -33.13
CA ALA A 226 -20.83 -23.15 -32.51
C ALA A 226 -21.66 -23.42 -31.26
N MET A 227 -22.06 -22.37 -30.54
CA MET A 227 -22.81 -22.57 -29.28
C MET A 227 -24.33 -22.67 -29.47
N SER A 228 -24.81 -22.46 -30.70
CA SER A 228 -26.22 -22.51 -31.09
C SER A 228 -27.14 -21.46 -30.49
N ARG A 229 -28.39 -21.50 -30.93
CA ARG A 229 -29.36 -20.44 -30.63
C ARG A 229 -29.74 -20.27 -29.19
N ALA A 230 -29.80 -21.34 -28.42
CA ALA A 230 -30.17 -21.18 -27.01
C ALA A 230 -29.12 -20.35 -26.30
N ALA A 231 -27.87 -20.55 -26.68
CA ALA A 231 -26.77 -19.84 -26.08
C ALA A 231 -26.80 -18.39 -26.51
N PHE A 232 -27.19 -18.13 -27.76
CA PHE A 232 -27.27 -16.74 -28.19
C PHE A 232 -28.33 -16.04 -27.36
N GLU A 233 -29.44 -16.73 -27.07
CA GLU A 233 -30.45 -16.14 -26.20
C GLU A 233 -29.88 -15.99 -24.82
N GLY A 234 -29.07 -16.96 -24.35
CA GLY A 234 -28.48 -16.86 -23.03
C GLY A 234 -27.62 -15.61 -22.90
N VAL A 235 -26.93 -15.22 -23.98
CA VAL A 235 -26.10 -14.03 -23.99
C VAL A 235 -26.98 -12.79 -23.92
N VAL A 236 -28.04 -12.79 -24.71
CA VAL A 236 -28.93 -11.65 -24.67
C VAL A 236 -29.56 -11.54 -23.29
N ARG A 237 -30.01 -12.65 -22.72
CA ARG A 237 -30.58 -12.64 -21.41
C ARG A 237 -29.54 -12.23 -20.38
N ALA A 238 -28.29 -12.66 -20.53
CA ALA A 238 -27.29 -12.28 -19.55
C ALA A 238 -27.21 -10.77 -19.42
N LEU A 239 -27.35 -10.05 -20.53
CA LEU A 239 -27.33 -8.60 -20.42
C LEU A 239 -28.71 -8.01 -20.17
N LEU A 240 -29.73 -8.56 -20.80
CA LEU A 240 -31.09 -8.05 -20.75
C LEU A 240 -31.66 -8.13 -19.35
N GLN A 241 -31.27 -9.17 -18.62
CA GLN A 241 -31.74 -9.40 -17.27
C GLN A 241 -30.84 -8.68 -16.26
N LYS A 242 -29.80 -8.00 -16.74
CA LYS A 242 -28.90 -7.23 -15.92
C LYS A 242 -28.65 -5.90 -16.63
N PRO A 243 -29.70 -5.09 -16.91
CA PRO A 243 -29.67 -3.93 -17.78
C PRO A 243 -29.08 -2.69 -17.14
N SER A 244 -27.89 -2.83 -16.59
CA SER A 244 -27.21 -1.69 -16.04
C SER A 244 -26.53 -1.03 -17.22
N ALA A 245 -26.00 -1.87 -18.13
CA ALA A 245 -25.62 -1.52 -19.48
C ALA A 245 -26.77 -1.88 -20.42
N ARG A 246 -26.93 -1.11 -21.50
CA ARG A 246 -27.96 -1.25 -22.55
C ARG A 246 -27.38 -1.28 -23.99
N VAL A 247 -26.05 -1.29 -24.11
CA VAL A 247 -25.33 -1.46 -25.37
C VAL A 247 -24.60 -2.80 -25.38
N ALA A 248 -24.74 -3.52 -26.48
CA ALA A 248 -24.07 -4.76 -26.78
C ALA A 248 -23.00 -4.43 -27.81
N VAL A 249 -21.76 -4.45 -27.36
CA VAL A 249 -20.66 -4.06 -28.22
C VAL A 249 -20.15 -5.35 -28.83
N LEU A 250 -20.22 -5.49 -30.14
CA LEU A 250 -20.00 -6.73 -30.86
C LEU A 250 -18.73 -6.72 -31.69
N PHE A 251 -17.71 -7.46 -31.25
CA PHE A 251 -16.52 -7.60 -32.07
C PHE A 251 -16.65 -9.01 -32.61
N THR A 252 -17.62 -9.21 -33.48
CA THR A 252 -18.14 -10.51 -33.93
C THR A 252 -18.24 -10.55 -35.45
N ARG A 253 -17.88 -11.66 -36.10
CA ARG A 253 -18.13 -11.86 -37.54
C ARG A 253 -19.63 -11.95 -37.86
N SER A 254 -19.99 -11.78 -39.12
CA SER A 254 -21.35 -11.50 -39.61
C SER A 254 -22.41 -12.52 -39.19
N GLU A 255 -22.08 -13.81 -39.25
CA GLU A 255 -23.03 -14.88 -38.98
C GLU A 255 -23.40 -14.96 -37.51
N ASP A 256 -22.43 -14.72 -36.68
CA ASP A 256 -22.59 -14.84 -35.25
C ASP A 256 -23.40 -13.65 -34.77
N ALA A 257 -23.15 -12.46 -35.32
CA ALA A 257 -23.91 -11.27 -35.03
C ALA A 257 -25.39 -11.48 -35.38
N ARG A 258 -25.66 -12.15 -36.51
CA ARG A 258 -27.02 -12.37 -36.95
C ARG A 258 -27.75 -13.21 -35.92
N GLU A 259 -27.07 -14.22 -35.38
CA GLU A 259 -27.70 -15.07 -34.40
C GLU A 259 -28.01 -14.34 -33.08
N LEU A 260 -27.15 -13.43 -32.60
CA LEU A 260 -27.46 -12.55 -31.44
C LEU A 260 -28.67 -11.68 -31.73
N LEU A 261 -28.70 -11.05 -32.89
CA LEU A 261 -29.80 -10.17 -33.24
C LEU A 261 -31.11 -10.97 -33.34
N ALA A 262 -31.05 -12.22 -33.80
CA ALA A 262 -32.23 -13.04 -33.86
C ALA A 262 -32.70 -13.38 -32.47
N ALA A 263 -31.75 -13.68 -31.57
CA ALA A 263 -32.10 -13.99 -30.20
C ALA A 263 -32.73 -12.80 -29.53
N SER A 264 -32.22 -11.60 -29.85
CA SER A 264 -32.72 -10.39 -29.25
C SER A 264 -34.20 -10.23 -29.59
N GLN A 265 -34.56 -10.47 -30.85
CA GLN A 265 -35.97 -10.37 -31.20
C GLN A 265 -36.81 -11.54 -30.70
N ARG A 266 -36.24 -12.75 -30.56
CA ARG A 266 -37.02 -13.86 -30.02
C ARG A 266 -37.43 -13.55 -28.59
N LEU A 267 -36.59 -12.81 -27.89
CA LEU A 267 -36.79 -12.37 -26.52
C LEU A 267 -37.56 -11.04 -26.42
N ASN A 268 -38.04 -10.50 -27.57
CA ASN A 268 -38.80 -9.25 -27.67
C ASN A 268 -38.11 -8.05 -27.08
N ALA A 269 -36.84 -7.91 -27.37
CA ALA A 269 -36.09 -6.81 -26.82
C ALA A 269 -34.93 -6.46 -27.69
N SER A 270 -34.34 -5.32 -27.40
CA SER A 270 -33.16 -4.90 -28.12
C SER A 270 -32.24 -4.08 -27.24
N PHE A 271 -31.01 -4.00 -27.69
CA PHE A 271 -29.93 -3.22 -27.10
C PHE A 271 -29.45 -2.34 -28.20
N THR A 272 -28.85 -1.21 -27.86
CA THR A 272 -28.06 -0.54 -28.88
C THR A 272 -26.93 -1.50 -29.22
N TRP A 273 -26.53 -1.65 -30.47
CA TRP A 273 -25.38 -2.48 -30.76
C TRP A 273 -24.29 -1.60 -31.34
N VAL A 274 -23.05 -1.80 -30.91
CA VAL A 274 -21.88 -1.12 -31.47
C VAL A 274 -21.02 -2.18 -32.11
N ALA A 275 -20.77 -2.12 -33.41
CA ALA A 275 -20.27 -3.25 -34.18
C ALA A 275 -18.99 -2.99 -34.98
N SER A 276 -18.20 -4.06 -35.02
CA SER A 276 -17.01 -4.25 -35.85
C SER A 276 -17.34 -4.34 -37.34
N ASP A 277 -16.30 -4.42 -38.19
CA ASP A 277 -16.45 -4.69 -39.61
C ASP A 277 -17.10 -6.05 -39.89
N GLY A 278 -17.29 -6.90 -38.89
CA GLY A 278 -18.13 -8.08 -38.98
C GLY A 278 -19.60 -7.77 -39.28
N TRP A 279 -20.11 -6.55 -39.06
CA TRP A 279 -21.39 -6.13 -39.65
C TRP A 279 -21.28 -5.61 -41.09
N GLY A 280 -20.09 -5.19 -41.52
CA GLY A 280 -19.76 -4.89 -42.92
C GLY A 280 -20.53 -3.75 -43.58
N ALA A 281 -21.24 -2.92 -42.80
CA ALA A 281 -22.27 -2.02 -43.29
C ALA A 281 -23.45 -2.73 -44.01
N LEU A 282 -23.74 -4.00 -43.67
CA LEU A 282 -24.66 -4.85 -44.43
C LEU A 282 -25.97 -5.13 -43.70
N GLU A 283 -27.09 -4.86 -44.37
CA GLU A 283 -28.42 -5.33 -43.95
C GLU A 283 -28.47 -6.85 -43.79
N SER A 284 -27.63 -7.59 -44.53
CA SER A 284 -27.59 -9.05 -44.50
C SER A 284 -27.31 -9.64 -43.12
N VAL A 285 -26.56 -8.97 -42.24
CA VAL A 285 -26.30 -9.48 -40.88
C VAL A 285 -27.48 -9.22 -39.93
N VAL A 286 -28.47 -8.40 -40.32
CA VAL A 286 -29.43 -7.77 -39.41
C VAL A 286 -30.89 -7.98 -39.78
N ALA A 287 -31.26 -7.70 -41.03
CA ALA A 287 -32.62 -7.28 -41.39
C ALA A 287 -33.71 -8.33 -41.13
N GLY A 288 -33.34 -9.62 -41.18
CA GLY A 288 -34.21 -10.71 -40.76
C GLY A 288 -34.78 -10.51 -39.35
N SER A 289 -34.05 -9.82 -38.47
CA SER A 289 -34.50 -9.46 -37.15
C SER A 289 -34.19 -7.99 -37.01
N GLU A 290 -34.65 -7.16 -37.96
CA GLU A 290 -34.29 -5.75 -38.01
C GLU A 290 -34.62 -4.97 -36.75
N GLY A 291 -35.65 -5.39 -36.02
CA GLY A 291 -36.05 -4.69 -34.80
C GLY A 291 -34.98 -4.82 -33.72
N ALA A 292 -34.08 -5.79 -33.84
CA ALA A 292 -33.01 -5.97 -32.88
C ALA A 292 -32.12 -4.74 -32.84
N ALA A 293 -32.01 -3.99 -33.94
CA ALA A 293 -30.80 -3.22 -34.19
C ALA A 293 -30.97 -1.72 -34.35
N GLU A 294 -32.17 -1.15 -34.26
CA GLU A 294 -32.38 0.25 -34.65
C GLU A 294 -31.45 1.20 -33.90
N GLY A 295 -30.80 2.11 -34.60
CA GLY A 295 -29.81 2.99 -34.02
C GLY A 295 -28.47 2.33 -33.71
N ALA A 296 -28.25 1.06 -34.04
CA ALA A 296 -26.93 0.44 -33.91
C ALA A 296 -25.90 1.19 -34.75
N ILE A 297 -24.67 1.27 -34.25
CA ILE A 297 -23.53 1.91 -34.92
C ILE A 297 -22.56 0.82 -35.36
N THR A 298 -22.14 0.83 -36.62
CA THR A 298 -21.13 -0.11 -37.14
C THR A 298 -19.92 0.63 -37.72
N ILE A 299 -18.74 0.29 -37.21
CA ILE A 299 -17.47 0.60 -37.83
C ILE A 299 -17.30 -0.33 -39.04
N GLU A 300 -17.03 0.23 -40.21
CA GLU A 300 -16.80 -0.53 -41.43
C GLU A 300 -15.46 -0.14 -42.02
N LEU A 301 -14.74 -1.11 -42.59
CA LEU A 301 -13.46 -0.84 -43.22
C LEU A 301 -13.67 -0.02 -44.50
N ALA A 302 -13.13 1.20 -44.53
CA ALA A 302 -13.38 2.14 -45.60
C ALA A 302 -12.92 1.57 -46.93
N SER A 303 -13.70 1.88 -47.97
CA SER A 303 -13.41 1.40 -49.29
C SER A 303 -13.53 2.48 -50.33
N TYR A 304 -12.55 2.57 -51.23
CA TYR A 304 -12.45 3.61 -52.24
C TYR A 304 -12.14 2.98 -53.61
N PRO A 305 -12.95 3.19 -54.66
CA PRO A 305 -12.72 2.55 -55.96
C PRO A 305 -11.45 3.07 -56.66
N ILE A 306 -10.85 2.21 -57.48
CA ILE A 306 -10.07 2.64 -58.65
C ILE A 306 -10.91 2.26 -59.86
N SER A 307 -11.49 3.25 -60.53
CA SER A 307 -12.34 3.03 -61.70
C SER A 307 -11.58 2.38 -62.85
N ASP A 308 -10.28 2.66 -62.94
CA ASP A 308 -9.41 2.01 -63.92
C ASP A 308 -9.40 0.49 -63.78
N PHE A 309 -9.37 -0.09 -62.57
CA PHE A 309 -9.38 -1.54 -62.51
C PHE A 309 -10.74 -2.03 -62.86
N ALA A 310 -11.76 -1.43 -62.27
CA ALA A 310 -13.09 -1.93 -62.56
C ALA A 310 -13.35 -1.92 -64.05
N SER A 311 -12.89 -0.87 -64.75
CA SER A 311 -13.06 -0.81 -66.18
C SER A 311 -12.21 -1.84 -66.89
N TYR A 312 -10.91 -1.91 -66.57
CA TYR A 312 -9.97 -2.83 -67.20
C TYR A 312 -10.43 -4.25 -67.07
N PHE A 313 -10.70 -4.61 -65.85
CA PHE A 313 -11.04 -5.93 -65.41
C PHE A 313 -12.36 -6.39 -65.94
N GLN A 314 -13.40 -5.58 -65.82
CA GLN A 314 -14.69 -6.01 -66.30
C GLN A 314 -14.65 -6.16 -67.81
N SER A 315 -13.84 -5.33 -68.47
CA SER A 315 -13.70 -5.30 -69.92
C SER A 315 -12.75 -6.38 -70.48
N LEU A 316 -12.07 -7.14 -69.64
CA LEU A 316 -11.15 -8.15 -70.15
C LEU A 316 -11.94 -9.30 -70.70
N ASP A 317 -11.37 -10.00 -71.66
CA ASP A 317 -11.99 -11.22 -72.11
C ASP A 317 -10.92 -12.29 -72.35
N PRO A 318 -10.56 -13.05 -71.31
CA PRO A 318 -9.53 -14.07 -71.28
C PRO A 318 -9.88 -15.23 -72.20
N TRP A 319 -11.09 -15.26 -72.78
CA TRP A 319 -11.31 -16.34 -73.72
C TRP A 319 -10.36 -16.12 -74.90
N ASN A 320 -10.01 -14.84 -75.16
CA ASN A 320 -9.07 -14.49 -76.20
C ASN A 320 -7.74 -14.00 -75.62
N ASN A 321 -7.80 -13.44 -74.40
CA ASN A 321 -6.64 -12.87 -73.71
C ASN A 321 -5.94 -13.89 -72.80
N SER A 322 -4.77 -14.35 -73.24
CA SER A 322 -3.97 -15.40 -72.62
C SER A 322 -3.36 -15.08 -71.25
N ARG A 323 -3.45 -13.82 -70.80
CA ARG A 323 -2.88 -13.38 -69.53
C ARG A 323 -3.13 -14.25 -68.31
N ASN A 324 -4.33 -14.81 -68.13
CA ASN A 324 -4.58 -15.58 -66.92
C ASN A 324 -5.41 -16.85 -67.13
N PRO A 325 -4.76 -17.99 -67.39
CA PRO A 325 -5.34 -19.30 -67.65
C PRO A 325 -6.21 -19.84 -66.52
N TRP A 326 -6.11 -19.30 -65.30
CA TRP A 326 -6.91 -19.85 -64.21
C TRP A 326 -8.37 -19.50 -64.38
N PHE A 327 -8.66 -18.56 -65.29
CA PHE A 327 -10.03 -18.20 -65.55
C PHE A 327 -10.80 -19.38 -66.06
N ARG A 328 -10.16 -20.32 -66.77
CA ARG A 328 -10.94 -21.41 -67.27
C ARG A 328 -11.64 -22.21 -66.19
N GLU A 329 -11.06 -22.31 -65.01
CA GLU A 329 -11.72 -23.08 -63.97
C GLU A 329 -12.86 -22.24 -63.41
N PHE A 330 -12.65 -20.93 -63.26
CA PHE A 330 -13.68 -20.06 -62.69
C PHE A 330 -14.90 -19.97 -63.61
N TRP A 331 -14.64 -20.01 -64.92
CA TRP A 331 -15.64 -19.92 -65.96
C TRP A 331 -16.59 -21.08 -65.95
N GLU A 332 -16.22 -22.19 -65.32
CA GLU A 332 -17.07 -23.34 -65.32
C GLU A 332 -18.37 -22.99 -64.62
N GLN A 333 -18.30 -22.13 -63.58
CA GLN A 333 -19.54 -21.76 -62.93
C GLN A 333 -20.01 -20.37 -63.30
N ARG A 334 -19.09 -19.46 -63.68
CA ARG A 334 -19.55 -18.11 -64.01
C ARG A 334 -20.44 -18.16 -65.24
N PHE A 335 -20.09 -19.01 -66.21
CA PHE A 335 -20.86 -19.05 -67.42
C PHE A 335 -21.50 -20.38 -67.68
N ARG A 336 -22.74 -20.35 -68.13
CA ARG A 336 -23.44 -21.58 -68.43
C ARG A 336 -23.05 -22.11 -69.82
N CYS A 337 -21.77 -22.57 -69.96
CA CYS A 337 -21.07 -23.08 -71.15
C CYS A 337 -21.93 -23.07 -72.43
N CYS A 344 -17.41 -23.25 -74.79
CA CYS A 344 -17.94 -22.56 -73.63
C CYS A 344 -17.62 -21.09 -73.82
N ALA A 345 -16.87 -20.84 -74.89
CA ALA A 345 -16.34 -19.52 -75.25
C ALA A 345 -17.41 -18.64 -75.84
N ALA A 346 -18.59 -19.22 -75.98
CA ALA A 346 -19.77 -18.52 -76.44
C ALA A 346 -20.09 -17.39 -75.48
N HIS A 347 -19.74 -17.57 -74.20
CA HIS A 347 -20.02 -16.53 -73.22
C HIS A 347 -18.76 -15.75 -72.90
N SER A 348 -18.69 -14.51 -73.35
CA SER A 348 -17.49 -13.72 -73.13
C SER A 348 -17.37 -13.36 -71.66
N LEU A 349 -16.17 -13.02 -71.17
CA LEU A 349 -16.11 -12.66 -69.74
C LEU A 349 -17.01 -11.49 -69.36
N ARG A 350 -17.15 -10.54 -70.27
CA ARG A 350 -17.88 -9.30 -70.04
C ARG A 350 -19.37 -9.53 -69.73
N ALA A 351 -19.88 -10.71 -70.04
CA ALA A 351 -21.27 -11.06 -69.84
C ALA A 351 -21.63 -11.22 -68.36
N VAL A 352 -20.65 -11.52 -67.48
CA VAL A 352 -20.92 -11.71 -66.05
C VAL A 352 -20.06 -10.73 -65.20
N PRO A 353 -20.68 -9.88 -64.34
CA PRO A 353 -20.03 -8.85 -63.54
C PRO A 353 -19.16 -9.31 -62.38
N PHE A 354 -18.21 -8.46 -62.01
CA PHE A 354 -17.37 -8.67 -60.83
C PHE A 354 -17.69 -7.68 -59.71
N GLU A 355 -17.51 -8.12 -58.45
CA GLU A 355 -17.78 -7.25 -57.31
C GLU A 355 -16.62 -6.31 -57.05
N GLN A 356 -16.88 -5.01 -56.98
CA GLN A 356 -15.78 -4.09 -56.77
C GLN A 356 -15.49 -3.88 -55.30
N GLU A 357 -14.80 -4.89 -54.76
CA GLU A 357 -14.45 -5.03 -53.35
C GLU A 357 -13.29 -4.18 -52.90
N SER A 358 -13.25 -3.89 -51.59
CA SER A 358 -12.14 -3.18 -50.99
C SER A 358 -10.89 -4.04 -51.11
N LYS A 359 -11.06 -5.36 -51.17
CA LYS A 359 -9.92 -6.23 -51.34
C LYS A 359 -9.18 -5.91 -52.63
N ILE A 360 -9.88 -5.47 -53.68
CA ILE A 360 -9.20 -5.13 -54.91
C ILE A 360 -8.37 -3.91 -54.65
N MET A 361 -8.99 -2.88 -54.08
CA MET A 361 -8.31 -1.64 -53.76
C MET A 361 -7.04 -1.92 -52.96
N PHE A 362 -7.09 -2.81 -51.97
CA PHE A 362 -5.92 -3.08 -51.18
C PHE A 362 -4.85 -3.80 -52.00
N VAL A 363 -5.24 -4.77 -52.83
CA VAL A 363 -4.23 -5.48 -53.60
C VAL A 363 -3.58 -4.57 -54.62
N VAL A 364 -4.33 -3.73 -55.32
CA VAL A 364 -3.75 -2.80 -56.30
C VAL A 364 -2.78 -1.84 -55.61
N ASN A 365 -3.23 -1.20 -54.54
CA ASN A 365 -2.43 -0.29 -53.74
C ASN A 365 -1.13 -0.98 -53.26
N ALA A 366 -1.22 -2.24 -52.84
CA ALA A 366 -0.09 -2.97 -52.30
C ALA A 366 1.00 -3.18 -53.30
N VAL A 367 0.59 -3.43 -54.53
CA VAL A 367 1.53 -3.68 -55.59
C VAL A 367 2.20 -2.37 -55.92
N TYR A 368 1.44 -1.26 -55.93
CA TYR A 368 1.98 0.10 -56.16
C TYR A 368 3.03 0.47 -55.13
N ALA A 369 2.79 0.18 -53.85
CA ALA A 369 3.79 0.38 -52.83
C ALA A 369 5.04 -0.46 -53.08
N MET A 370 4.93 -1.77 -53.32
CA MET A 370 6.14 -2.54 -53.42
C MET A 370 6.89 -2.11 -54.67
N ALA A 371 6.18 -1.74 -55.73
CA ALA A 371 6.77 -1.23 -56.96
C ALA A 371 7.51 0.08 -56.74
N HIS A 372 6.98 1.02 -55.95
CA HIS A 372 7.67 2.29 -55.73
C HIS A 372 8.85 2.11 -54.77
N ALA A 373 8.75 1.17 -53.84
CA ALA A 373 9.91 0.71 -53.08
C ALA A 373 11.00 0.13 -54.00
N LEU A 374 10.63 -0.66 -55.01
CA LEU A 374 11.58 -1.14 -55.99
C LEU A 374 12.11 0.04 -56.80
N HIS A 375 11.29 0.99 -57.22
CA HIS A 375 11.82 2.16 -57.92
C HIS A 375 12.92 2.83 -57.11
N ASN A 376 12.71 3.00 -55.81
CA ASN A 376 13.73 3.60 -54.99
C ASN A 376 14.90 2.66 -54.83
N MET A 377 14.64 1.35 -54.82
CA MET A 377 15.70 0.38 -54.71
C MET A 377 16.53 0.36 -55.97
N HIS A 378 15.92 0.66 -57.11
CA HIS A 378 16.68 0.71 -58.34
C HIS A 378 17.54 1.93 -58.30
N ARG A 379 17.03 3.03 -57.80
CA ARG A 379 17.88 4.19 -57.76
C ARG A 379 19.04 3.95 -56.78
N ALA A 380 18.78 3.23 -55.68
CA ALA A 380 19.80 2.93 -54.68
C ALA A 380 20.84 1.89 -55.14
N LEU A 381 20.41 0.84 -55.84
CA LEU A 381 21.31 -0.22 -56.33
C LEU A 381 21.79 -0.11 -57.79
N CYS A 382 21.05 0.61 -58.66
CA CYS A 382 21.31 0.74 -60.10
C CYS A 382 21.08 2.22 -60.52
N PRO A 383 21.84 3.17 -59.93
CA PRO A 383 21.70 4.61 -60.05
C PRO A 383 22.04 5.19 -61.42
N ASN A 384 22.75 4.42 -62.24
CA ASN A 384 23.22 4.93 -63.51
C ASN A 384 22.42 4.53 -64.74
N THR A 385 21.27 3.90 -64.56
CA THR A 385 20.50 3.51 -65.73
C THR A 385 19.00 3.40 -65.55
N THR A 386 18.36 2.91 -66.60
CA THR A 386 16.93 2.71 -66.68
C THR A 386 16.60 1.23 -66.71
N ARG A 387 17.65 0.42 -66.73
CA ARG A 387 17.61 -1.04 -66.79
C ARG A 387 18.08 -1.65 -65.49
N LEU A 388 18.15 -2.97 -65.42
CA LEU A 388 18.67 -3.62 -64.22
C LEU A 388 20.20 -3.70 -64.26
N CYS A 389 20.82 -3.68 -63.06
CA CYS A 389 22.24 -3.82 -62.77
C CYS A 389 22.38 -5.09 -61.95
N ASP A 390 23.58 -5.68 -61.97
CA ASP A 390 23.85 -6.90 -61.21
C ASP A 390 23.71 -6.73 -59.70
N ALA A 391 23.74 -5.49 -59.23
CA ALA A 391 23.56 -5.20 -57.81
C ALA A 391 22.21 -5.73 -57.31
N MET A 392 21.23 -5.79 -58.21
CA MET A 392 19.89 -6.24 -57.87
C MET A 392 19.70 -7.73 -58.20
N ARG A 393 20.75 -8.37 -58.74
CA ARG A 393 20.65 -9.76 -59.11
C ARG A 393 20.51 -10.64 -57.87
N PRO A 394 21.31 -10.46 -56.79
CA PRO A 394 21.10 -11.13 -55.54
C PRO A 394 19.78 -10.54 -55.15
N VAL A 395 18.96 -11.24 -54.42
CA VAL A 395 17.71 -10.61 -54.11
C VAL A 395 17.92 -9.31 -53.31
N ASN A 396 17.28 -8.22 -53.80
CA ASN A 396 17.38 -6.87 -53.23
C ASN A 396 16.51 -6.72 -52.00
N GLY A 397 15.88 -7.83 -51.66
CA GLY A 397 15.06 -8.04 -50.51
C GLY A 397 15.90 -7.73 -49.29
N ARG A 398 17.21 -7.96 -49.40
CA ARG A 398 18.14 -7.73 -48.31
C ARG A 398 18.10 -6.28 -47.82
N ARG A 399 17.71 -5.33 -48.68
CA ARG A 399 17.59 -3.94 -48.29
C ARG A 399 16.10 -3.52 -48.26
N LEU A 400 15.26 -4.23 -49.03
CA LEU A 400 13.86 -3.85 -49.06
C LEU A 400 13.13 -4.13 -47.76
N TYR A 401 13.30 -5.34 -47.18
CA TYR A 401 12.44 -5.65 -46.05
C TYR A 401 12.69 -4.79 -44.83
N LYS A 402 13.90 -4.32 -44.66
CA LYS A 402 14.24 -3.53 -43.50
C LYS A 402 14.10 -2.03 -43.69
N ASP A 403 13.77 -1.61 -44.90
CA ASP A 403 13.71 -0.18 -45.20
C ASP A 403 12.74 0.21 -46.29
N PHE A 404 13.08 -0.15 -47.52
CA PHE A 404 12.40 0.43 -48.67
C PHE A 404 10.95 0.04 -48.76
N VAL A 405 10.57 -1.12 -48.24
CA VAL A 405 9.16 -1.47 -48.32
C VAL A 405 8.46 -1.11 -47.02
N LEU A 406 9.14 -0.49 -46.08
CA LEU A 406 8.43 -0.12 -44.87
C LEU A 406 8.09 1.35 -44.96
N ASN A 407 9.02 2.11 -45.47
CA ASN A 407 8.82 3.55 -45.60
C ASN A 407 8.11 3.80 -46.92
N VAL A 408 6.83 3.41 -46.97
CA VAL A 408 6.08 3.38 -48.23
C VAL A 408 4.90 4.26 -48.49
N LYS A 409 4.63 5.33 -47.75
CA LYS A 409 3.42 6.02 -48.18
C LYS A 409 3.57 6.52 -49.61
N PHE A 410 4.81 6.92 -49.93
CA PHE A 410 5.33 7.40 -51.21
C PHE A 410 4.47 8.45 -51.88
N ASP A 411 3.68 9.13 -51.09
CA ASP A 411 2.81 10.18 -51.55
C ASP A 411 1.91 9.73 -52.70
N ALA A 412 1.31 8.53 -52.55
CA ALA A 412 0.31 7.95 -53.45
C ALA A 412 0.79 7.76 -54.91
N PRO A 413 1.82 6.91 -55.13
CA PRO A 413 2.40 6.63 -56.44
C PRO A 413 1.47 5.76 -57.31
N PHE A 414 1.69 5.78 -58.64
CA PHE A 414 0.94 4.98 -59.63
C PHE A 414 -0.59 5.22 -59.66
N ARG A 415 -1.08 6.30 -59.02
CA ARG A 415 -2.50 6.70 -58.89
C ARG A 415 -3.39 5.62 -58.24
N PRO A 416 -3.39 5.52 -56.89
CA PRO A 416 -4.26 4.60 -56.15
C PRO A 416 -5.72 5.07 -56.18
N ALA A 417 -6.56 4.57 -55.27
CA ALA A 417 -7.94 5.04 -55.16
C ALA A 417 -8.02 6.55 -54.88
N ASP A 418 -9.12 7.17 -55.32
CA ASP A 418 -9.23 8.64 -55.48
C ASP A 418 -9.23 9.48 -54.19
N THR A 419 -8.85 8.92 -53.04
CA THR A 419 -8.31 9.73 -51.94
C THR A 419 -6.95 10.32 -52.36
N HIS A 420 -6.10 9.53 -53.02
CA HIS A 420 -4.72 9.87 -53.39
C HIS A 420 -3.88 10.41 -52.22
N ASN A 421 -4.21 10.03 -50.99
CA ASN A 421 -3.52 10.50 -49.79
C ASN A 421 -2.22 9.73 -49.52
N GLU A 422 -2.20 8.42 -49.79
CA GLU A 422 -1.06 7.52 -49.54
C GLU A 422 -1.25 6.18 -50.28
N VAL A 423 -0.34 5.23 -50.08
CA VAL A 423 -0.70 3.79 -50.20
C VAL A 423 -1.20 3.25 -48.85
N ARG A 424 -0.34 3.32 -47.82
CA ARG A 424 -0.61 3.33 -46.39
C ARG A 424 0.51 4.07 -45.73
N PHE A 425 0.32 4.49 -44.50
CA PHE A 425 1.34 5.20 -43.76
C PHE A 425 1.88 4.34 -42.64
N ASP A 426 3.10 4.66 -42.19
CA ASP A 426 3.78 4.00 -41.08
C ASP A 426 4.19 2.56 -41.39
N ARG A 427 3.21 1.71 -41.66
CA ARG A 427 3.41 0.33 -42.04
C ARG A 427 4.26 -0.45 -41.01
N PHE A 428 4.02 -0.27 -39.72
CA PHE A 428 4.76 -1.05 -38.74
C PHE A 428 3.99 -2.34 -38.51
N GLY A 429 3.86 -3.08 -39.60
CA GLY A 429 3.08 -4.29 -39.75
C GLY A 429 1.68 -3.94 -40.26
N ASP A 430 1.35 -2.65 -40.16
CA ASP A 430 0.07 -2.03 -40.50
C ASP A 430 -0.29 -1.75 -41.95
N GLY A 431 -1.61 -1.67 -42.12
CA GLY A 431 -2.28 -1.30 -43.35
C GLY A 431 -2.76 0.15 -43.35
N ILE A 432 -3.80 0.44 -44.15
CA ILE A 432 -4.36 1.81 -44.36
C ILE A 432 -4.89 2.47 -43.07
N GLY A 433 -5.72 1.78 -42.28
CA GLY A 433 -6.28 2.35 -41.05
C GLY A 433 -7.54 3.22 -41.16
N ARG A 434 -8.25 3.21 -42.30
CA ARG A 434 -9.47 4.02 -42.48
C ARG A 434 -10.75 3.21 -42.30
N TYR A 435 -11.68 3.76 -41.54
CA TYR A 435 -12.95 3.13 -41.24
C TYR A 435 -14.09 4.14 -41.33
N ASN A 436 -15.20 3.73 -41.93
CA ASN A 436 -16.38 4.56 -42.04
C ASN A 436 -17.39 4.19 -40.95
N ILE A 437 -18.22 5.13 -40.55
CA ILE A 437 -19.25 4.81 -39.58
C ILE A 437 -20.67 5.02 -40.08
N PHE A 438 -21.43 3.95 -39.96
CA PHE A 438 -22.82 3.82 -40.36
C PHE A 438 -23.73 3.66 -39.16
N THR A 439 -25.03 3.87 -39.36
CA THR A 439 -26.11 3.48 -38.45
C THR A 439 -27.25 2.76 -39.14
N TYR A 440 -27.90 1.86 -38.40
CA TYR A 440 -29.02 1.04 -38.82
C TYR A 440 -30.41 1.61 -38.45
N LEU A 441 -31.08 2.27 -39.39
CA LEU A 441 -32.27 3.11 -39.20
C LEU A 441 -33.56 2.40 -39.62
N ARG A 442 -34.64 2.46 -38.83
CA ARG A 442 -36.00 2.01 -39.20
C ARG A 442 -36.61 2.84 -40.33
N ALA A 443 -36.14 2.58 -41.53
CA ALA A 443 -36.71 3.04 -42.78
C ALA A 443 -37.86 2.10 -43.09
N GLY A 444 -38.92 2.26 -42.31
CA GLY A 444 -40.11 1.39 -42.25
C GLY A 444 -40.90 1.31 -43.54
N SER A 445 -40.66 2.23 -44.48
CA SER A 445 -41.32 2.20 -45.78
C SER A 445 -40.72 1.07 -46.62
N GLY A 446 -39.55 0.60 -46.18
CA GLY A 446 -38.75 -0.46 -46.78
C GLY A 446 -38.34 -1.38 -45.64
N ARG A 447 -37.06 -1.54 -45.36
CA ARG A 447 -36.53 -2.33 -44.22
C ARG A 447 -35.54 -1.47 -43.47
N TYR A 448 -35.23 -1.80 -42.22
CA TYR A 448 -34.27 -0.95 -41.50
C TYR A 448 -32.92 -0.98 -42.26
N ARG A 449 -32.31 0.19 -42.46
CA ARG A 449 -31.22 0.40 -43.43
C ARG A 449 -30.01 1.08 -42.82
N TYR A 450 -28.83 0.80 -43.34
CA TYR A 450 -27.63 1.53 -42.98
C TYR A 450 -27.61 2.92 -43.65
N GLN A 451 -27.06 3.91 -42.96
CA GLN A 451 -26.75 5.23 -43.50
C GLN A 451 -25.42 5.73 -42.95
N LYS A 452 -24.68 6.55 -43.70
CA LYS A 452 -23.36 7.11 -43.34
C LYS A 452 -23.47 8.22 -42.29
N VAL A 453 -23.09 7.90 -41.06
CA VAL A 453 -23.04 8.82 -39.92
C VAL A 453 -21.78 9.67 -39.93
N GLY A 454 -20.65 9.02 -40.20
CA GLY A 454 -19.37 9.62 -39.94
C GLY A 454 -18.25 8.66 -40.21
N TYR A 455 -17.15 8.86 -39.51
CA TYR A 455 -15.95 8.08 -39.70
C TYR A 455 -15.04 8.12 -38.50
N TRP A 456 -14.08 7.20 -38.46
CA TRP A 456 -13.11 7.21 -37.38
C TRP A 456 -11.72 7.42 -37.92
N ALA A 457 -11.05 6.36 -38.29
CA ALA A 457 -9.68 6.51 -38.73
C ALA A 457 -8.91 7.30 -37.68
N GLU A 458 -8.50 8.53 -38.01
CA GLU A 458 -7.70 9.34 -37.11
C GLU A 458 -8.42 9.64 -35.78
N GLY A 459 -9.74 9.73 -35.81
CA GLY A 459 -10.52 9.99 -34.61
C GLY A 459 -12.00 10.04 -34.97
N LEU A 460 -12.86 10.00 -33.96
CA LEU A 460 -14.26 9.93 -34.26
C LEU A 460 -15.01 11.21 -34.58
N THR A 461 -15.64 11.19 -35.75
CA THR A 461 -16.49 12.27 -36.25
C THR A 461 -17.86 11.69 -36.57
N LEU A 462 -18.93 12.27 -36.05
CA LEU A 462 -20.29 11.78 -36.28
C LEU A 462 -21.32 12.90 -36.41
N ASP A 463 -22.30 12.76 -37.31
CA ASP A 463 -23.58 13.45 -37.18
C ASP A 463 -24.53 12.62 -36.33
N THR A 464 -24.66 12.98 -35.06
CA THR A 464 -25.53 12.28 -34.11
C THR A 464 -26.99 12.27 -34.54
N SER A 465 -27.43 13.17 -35.42
CA SER A 465 -28.82 13.19 -35.88
C SER A 465 -29.15 12.00 -36.77
N LEU A 466 -28.17 11.50 -37.53
CA LEU A 466 -28.25 10.24 -38.26
C LEU A 466 -28.12 9.04 -37.31
N ILE A 467 -28.00 9.28 -36.01
CA ILE A 467 -28.05 8.26 -34.98
C ILE A 467 -29.27 8.55 -34.09
N PRO A 468 -30.48 8.13 -34.44
CA PRO A 468 -31.63 8.19 -33.53
C PRO A 468 -31.40 7.66 -32.09
N TRP A 469 -30.32 6.92 -31.81
CA TRP A 469 -29.83 6.64 -30.46
C TRP A 469 -29.48 7.89 -29.63
N ALA A 470 -28.95 8.91 -30.31
CA ALA A 470 -28.34 10.11 -29.76
C ALA A 470 -28.83 11.40 -30.45
N SER A 471 -29.71 11.27 -31.44
CA SER A 471 -30.18 12.37 -32.28
C SER A 471 -30.91 13.45 -31.47
N PRO A 472 -30.73 14.75 -31.77
CA PRO A 472 -31.37 15.85 -31.04
C PRO A 472 -32.87 15.67 -30.82
N SER A 473 -33.33 15.82 -29.58
CA SER A 473 -34.73 15.65 -29.16
C SER A 473 -35.37 14.28 -29.44
N ALA A 474 -34.57 13.24 -29.67
CA ALA A 474 -35.04 11.88 -29.92
C ALA A 474 -34.20 10.78 -29.23
N GLY A 475 -32.89 10.99 -29.03
CA GLY A 475 -31.96 9.98 -28.53
C GLY A 475 -32.08 9.67 -27.04
N PRO A 476 -32.44 8.43 -26.64
CA PRO A 476 -32.58 8.07 -25.22
C PRO A 476 -31.25 7.79 -24.50
N LEU A 477 -30.13 7.64 -25.23
CA LEU A 477 -28.80 7.30 -24.70
C LEU A 477 -28.79 6.25 -23.54
N PRO A 478 -29.50 5.11 -23.67
CA PRO A 478 -29.98 4.33 -22.52
C PRO A 478 -28.94 3.88 -21.49
N ALA A 479 -29.16 4.25 -20.22
CA ALA A 479 -28.42 3.75 -19.05
C ALA A 479 -26.88 3.73 -19.27
N SER A 480 -26.20 2.65 -18.89
CA SER A 480 -24.84 2.36 -19.36
C SER A 480 -23.79 3.36 -18.91
N ARG A 481 -24.05 3.89 -17.73
CA ARG A 481 -23.18 4.68 -16.88
C ARG A 481 -23.64 4.48 -15.44
N CYS A 482 -22.73 4.66 -14.49
CA CYS A 482 -23.06 4.56 -13.08
C CYS A 482 -23.54 5.90 -12.55
N SER A 483 -24.29 5.88 -11.46
CA SER A 483 -24.77 7.12 -10.84
C SER A 483 -23.68 7.79 -10.00
N GLU A 484 -22.61 8.17 -10.70
CA GLU A 484 -21.42 8.83 -10.20
C GLU A 484 -21.67 10.18 -9.53
N PRO A 485 -22.53 11.08 -10.06
CA PRO A 485 -22.76 12.36 -9.46
C PRO A 485 -23.22 12.15 -8.02
N CYS A 486 -22.69 12.98 -7.10
CA CYS A 486 -22.97 12.96 -5.67
C CYS A 486 -23.71 14.23 -5.29
N LEU A 487 -24.51 14.15 -4.24
CA LEU A 487 -25.14 15.35 -3.73
C LEU A 487 -24.00 16.18 -3.21
N GLN A 488 -24.10 17.48 -3.30
CA GLN A 488 -23.00 18.31 -2.83
C GLN A 488 -22.73 18.14 -1.32
N ASN A 489 -23.70 17.58 -0.61
CA ASN A 489 -23.62 17.32 0.80
C ASN A 489 -23.25 15.85 1.12
N GLU A 490 -22.90 15.07 0.09
CA GLU A 490 -22.50 13.67 0.20
C GLU A 490 -21.06 13.48 -0.22
N VAL A 491 -20.28 12.91 0.69
CA VAL A 491 -18.87 12.72 0.45
C VAL A 491 -18.29 11.31 0.52
N LYS A 492 -18.62 10.52 1.53
CA LYS A 492 -17.74 9.38 1.67
C LYS A 492 -17.90 8.44 0.53
N SER A 493 -16.75 8.08 -0.01
CA SER A 493 -16.68 7.19 -1.15
C SER A 493 -17.25 5.80 -0.94
N VAL A 494 -18.09 5.39 -1.89
CA VAL A 494 -18.67 4.06 -1.90
C VAL A 494 -18.28 3.35 -3.17
N GLN A 495 -17.75 2.16 -3.00
CA GLN A 495 -17.38 1.29 -4.11
C GLN A 495 -18.07 -0.04 -3.86
N PRO A 496 -19.34 -0.19 -4.30
CA PRO A 496 -20.24 -1.27 -3.93
C PRO A 496 -19.89 -2.55 -4.68
N GLY A 497 -18.72 -3.09 -4.36
CA GLY A 497 -18.17 -4.27 -4.99
C GLY A 497 -17.41 -3.85 -6.24
N GLU A 498 -18.14 -3.22 -7.16
CA GLU A 498 -17.56 -2.71 -8.37
C GLU A 498 -17.21 -1.24 -8.22
N VAL A 499 -15.92 -0.97 -8.30
CA VAL A 499 -15.35 0.38 -8.14
C VAL A 499 -15.79 1.40 -9.24
N CYS A 500 -16.40 0.87 -10.33
CA CYS A 500 -16.96 1.54 -11.49
C CYS A 500 -18.09 2.47 -11.08
N CYS A 501 -18.85 2.05 -10.07
CA CYS A 501 -19.98 2.84 -9.69
C CYS A 501 -19.67 3.53 -8.40
N TRP A 502 -19.06 4.70 -8.55
CA TRP A 502 -18.66 5.44 -7.39
C TRP A 502 -19.87 6.17 -6.86
N LEU A 503 -20.23 5.90 -5.62
CA LEU A 503 -21.41 6.53 -5.02
C LEU A 503 -20.94 7.30 -3.77
N CYS A 504 -21.73 8.29 -3.25
CA CYS A 504 -21.37 9.02 -2.00
C CYS A 504 -22.38 8.93 -0.86
N ILE A 505 -21.81 8.95 0.34
CA ILE A 505 -22.45 8.99 1.66
C ILE A 505 -22.50 10.41 2.26
N PRO A 506 -23.66 10.88 2.79
CA PRO A 506 -23.87 12.18 3.41
C PRO A 506 -22.81 12.51 4.47
N CYS A 507 -22.33 13.77 4.45
CA CYS A 507 -21.32 14.35 5.32
C CYS A 507 -21.86 14.56 6.75
N GLN A 508 -21.10 14.12 7.74
CA GLN A 508 -21.47 14.29 9.14
C GLN A 508 -21.41 15.78 9.44
N PRO A 509 -22.48 16.44 9.91
CA PRO A 509 -22.53 17.88 10.06
C PRO A 509 -21.77 18.50 11.24
N TYR A 510 -20.49 18.17 11.33
CA TYR A 510 -19.50 18.65 12.28
C TYR A 510 -18.17 18.76 11.54
N GLU A 511 -18.29 18.30 10.29
CA GLU A 511 -17.25 18.14 9.31
C GLU A 511 -17.65 18.91 8.02
N TYR A 512 -16.69 19.21 7.15
CA TYR A 512 -16.97 19.91 5.88
C TYR A 512 -16.25 19.27 4.72
N ARG A 513 -16.76 19.48 3.52
CA ARG A 513 -16.15 18.83 2.37
C ARG A 513 -14.69 19.19 2.22
N LEU A 514 -13.86 18.17 2.13
CA LEU A 514 -12.42 18.35 1.99
C LEU A 514 -12.03 18.03 0.57
N ASP A 515 -12.62 16.96 0.05
CA ASP A 515 -12.36 16.46 -1.29
C ASP A 515 -13.62 15.78 -1.79
N GLU A 516 -13.61 15.29 -3.01
CA GLU A 516 -14.84 14.71 -3.53
C GLU A 516 -15.33 13.49 -2.76
N PHE A 517 -14.41 12.78 -2.12
CA PHE A 517 -14.67 11.55 -1.42
C PHE A 517 -14.64 11.64 0.11
N THR A 518 -14.49 12.86 0.64
CA THR A 518 -14.35 12.99 2.09
C THR A 518 -14.63 14.38 2.68
N CYS A 519 -15.01 14.42 4.00
CA CYS A 519 -15.13 15.62 4.83
C CYS A 519 -14.06 15.64 5.92
N ALA A 520 -13.62 16.84 6.27
CA ALA A 520 -12.68 17.06 7.33
C ALA A 520 -13.39 17.61 8.55
N ASP A 521 -12.87 17.29 9.72
CA ASP A 521 -13.41 17.75 10.99
C ASP A 521 -13.01 19.21 11.26
N CYS A 522 -14.02 20.14 11.40
CA CYS A 522 -13.80 21.56 11.62
C CYS A 522 -13.99 21.93 13.09
N GLY A 523 -14.12 20.93 13.94
CA GLY A 523 -14.22 21.20 15.36
C GLY A 523 -15.54 20.97 16.10
N LEU A 524 -16.59 20.32 15.53
CA LEU A 524 -17.85 20.02 16.29
C LEU A 524 -18.73 21.25 16.64
N GLY A 525 -18.12 22.35 17.08
CA GLY A 525 -18.78 23.62 17.33
C GLY A 525 -18.93 24.37 16.01
N TYR A 526 -18.38 23.73 14.99
CA TYR A 526 -18.36 24.14 13.61
C TYR A 526 -19.07 23.06 12.81
N TRP A 527 -20.09 23.45 12.07
CA TRP A 527 -20.93 22.52 11.31
C TRP A 527 -20.68 22.92 9.87
N PRO A 528 -20.84 22.12 8.84
CA PRO A 528 -20.59 22.52 7.48
C PRO A 528 -21.48 23.68 7.14
N ASN A 529 -20.96 24.59 6.37
CA ASN A 529 -21.66 25.77 5.95
C ASN A 529 -22.31 25.51 4.60
N ALA A 530 -23.01 26.51 4.09
CA ALA A 530 -23.65 26.45 2.78
C ALA A 530 -22.59 26.39 1.68
N SER A 531 -21.38 26.77 2.03
CA SER A 531 -20.23 26.79 1.15
C SER A 531 -19.70 25.39 0.91
N LEU A 532 -20.19 24.40 1.69
CA LEU A 532 -19.87 22.97 1.60
C LEU A 532 -18.50 22.59 2.11
N THR A 533 -17.49 23.34 1.68
CA THR A 533 -16.09 23.16 1.95
C THR A 533 -15.62 24.03 3.11
N GLY A 534 -16.57 24.70 3.76
CA GLY A 534 -16.29 25.52 4.93
C GLY A 534 -17.31 25.14 5.99
N CYS A 535 -17.26 25.83 7.17
CA CYS A 535 -18.13 25.61 8.33
C CYS A 535 -18.84 26.85 8.87
N PHE A 536 -19.96 26.54 9.49
CA PHE A 536 -20.84 27.38 10.25
C PHE A 536 -20.42 27.35 11.69
N GLU A 537 -20.21 28.51 12.26
CA GLU A 537 -19.79 28.56 13.64
C GLU A 537 -20.98 28.83 14.53
N LEU A 538 -21.14 28.05 15.60
CA LEU A 538 -22.22 28.37 16.48
C LEU A 538 -22.03 29.81 16.96
N PRO A 539 -23.03 30.66 16.75
CA PRO A 539 -23.02 32.09 16.99
C PRO A 539 -23.08 32.38 18.43
N GLN A 540 -22.78 33.60 18.79
CA GLN A 540 -22.97 33.95 20.17
C GLN A 540 -23.95 35.13 20.19
N GLU A 541 -24.92 35.11 21.11
CA GLU A 541 -25.96 36.14 21.27
C GLU A 541 -26.57 36.12 22.68
N TYR A 542 -27.13 37.26 23.11
CA TYR A 542 -27.78 37.34 24.41
C TYR A 542 -29.33 37.40 24.48
N ILE A 543 -30.01 38.29 23.73
CA ILE A 543 -31.43 38.37 24.07
C ILE A 543 -32.34 37.39 23.36
N ARG A 544 -32.80 36.44 24.17
CA ARG A 544 -33.72 35.37 23.78
C ARG A 544 -35.08 35.47 24.51
N TRP A 545 -35.30 36.60 25.17
CA TRP A 545 -36.52 36.81 25.96
C TRP A 545 -37.56 37.64 25.20
N GLY A 546 -38.74 37.03 24.96
CA GLY A 546 -39.86 37.63 24.22
C GLY A 546 -40.97 38.15 25.15
N ASP A 547 -42.20 38.28 24.65
CA ASP A 547 -43.31 38.85 25.43
C ASP A 547 -43.64 38.05 26.69
N ALA A 548 -43.48 36.73 26.59
CA ALA A 548 -43.74 35.83 27.72
C ALA A 548 -42.78 36.12 28.85
N TRP A 549 -41.67 36.72 28.46
CA TRP A 549 -40.58 37.08 29.28
C TRP A 549 -40.46 38.58 29.49
N ALA A 550 -41.60 39.26 29.54
CA ALA A 550 -41.70 40.69 29.84
C ALA A 550 -41.22 40.98 31.27
N VAL A 551 -41.05 39.90 32.02
CA VAL A 551 -40.59 39.83 33.38
C VAL A 551 -39.20 39.20 33.48
N GLY A 552 -38.52 39.01 32.33
CA GLY A 552 -37.19 38.41 32.32
C GLY A 552 -36.10 39.47 32.54
N PRO A 553 -34.82 39.09 32.51
CA PRO A 553 -33.62 39.89 32.76
C PRO A 553 -33.55 41.17 31.97
N VAL A 554 -34.05 41.10 30.75
CA VAL A 554 -34.03 42.22 29.87
C VAL A 554 -34.91 43.37 30.33
N THR A 555 -35.89 43.08 31.20
CA THR A 555 -36.70 44.14 31.78
C THR A 555 -36.42 44.26 33.27
N ILE A 556 -35.87 43.22 33.89
CA ILE A 556 -35.59 43.33 35.32
C ILE A 556 -34.42 44.22 35.58
N ALA A 557 -33.35 43.93 34.87
CA ALA A 557 -32.07 44.55 35.09
C ALA A 557 -32.08 46.05 34.92
N CYS A 558 -32.91 46.54 34.01
CA CYS A 558 -32.98 47.95 33.75
C CYS A 558 -34.15 48.65 34.45
N LEU A 559 -35.01 47.89 35.14
CA LEU A 559 -36.16 48.51 35.78
C LEU A 559 -36.11 48.44 37.29
N GLY A 560 -35.51 47.39 37.85
CA GLY A 560 -35.49 47.22 39.30
C GLY A 560 -34.86 48.43 40.00
N ALA A 561 -33.91 49.07 39.31
CA ALA A 561 -33.17 50.23 39.80
C ALA A 561 -34.08 51.38 40.14
N LEU A 562 -35.25 51.44 39.49
CA LEU A 562 -36.18 52.53 39.67
C LEU A 562 -36.75 52.52 41.08
N ALA A 563 -36.71 51.37 41.74
CA ALA A 563 -37.22 51.25 43.08
C ALA A 563 -36.25 51.75 44.14
N THR A 564 -34.96 51.89 43.81
CA THR A 564 -34.00 52.27 44.84
C THR A 564 -33.03 53.39 44.52
N LEU A 565 -32.61 53.58 43.28
CA LEU A 565 -31.51 54.53 43.10
C LEU A 565 -31.88 55.97 43.39
N PHE A 566 -33.16 56.31 43.27
CA PHE A 566 -33.65 57.66 43.53
C PHE A 566 -33.43 58.03 45.00
N VAL A 567 -33.30 57.01 45.84
CA VAL A 567 -33.19 57.14 47.27
C VAL A 567 -32.03 57.97 47.68
N LEU A 568 -30.90 57.89 47.00
CA LEU A 568 -29.82 58.67 47.52
C LEU A 568 -30.16 60.16 47.55
N GLY A 569 -30.97 60.65 46.61
CA GLY A 569 -31.30 62.07 46.58
C GLY A 569 -32.25 62.44 47.70
N VAL A 570 -32.91 61.43 48.27
CA VAL A 570 -33.85 61.62 49.34
C VAL A 570 -32.98 61.86 50.53
N PHE A 571 -31.96 61.02 50.64
CA PHE A 571 -31.04 61.17 51.73
C PHE A 571 -30.35 62.49 51.64
N VAL A 572 -29.97 62.94 50.46
CA VAL A 572 -29.33 64.24 50.44
C VAL A 572 -30.28 65.27 51.00
N ARG A 573 -31.53 65.24 50.59
CA ARG A 573 -32.49 66.19 51.12
C ARG A 573 -32.69 65.99 52.64
N HIS A 574 -32.56 64.76 53.10
CA HIS A 574 -32.74 64.40 54.49
C HIS A 574 -31.43 64.22 55.24
N ASN A 575 -30.30 64.66 54.69
CA ASN A 575 -29.08 64.47 55.45
C ASN A 575 -28.92 65.59 56.44
N ALA A 576 -29.49 65.35 57.62
CA ALA A 576 -29.59 66.26 58.77
C ALA A 576 -28.23 66.66 59.32
N THR A 577 -27.21 65.81 59.19
CA THR A 577 -25.91 66.11 59.74
C THR A 577 -24.82 66.09 58.66
N PRO A 578 -24.77 67.08 57.73
CA PRO A 578 -23.87 67.19 56.57
C PRO A 578 -22.43 67.41 57.00
N VAL A 579 -22.28 67.74 58.27
CA VAL A 579 -21.03 68.01 58.93
C VAL A 579 -20.20 66.76 59.16
N VAL A 580 -20.84 65.59 59.08
CA VAL A 580 -20.12 64.35 59.29
C VAL A 580 -19.54 63.96 57.94
N LYS A 581 -18.24 63.67 57.91
CA LYS A 581 -17.58 63.32 56.67
C LYS A 581 -17.77 61.84 56.38
N ALA A 582 -17.55 61.44 55.13
CA ALA A 582 -17.79 60.06 54.69
C ALA A 582 -17.10 59.03 55.56
N SER A 583 -15.94 59.35 56.11
CA SER A 583 -15.19 58.42 56.94
C SER A 583 -15.92 57.97 58.21
N GLY A 584 -17.01 58.67 58.59
CA GLY A 584 -17.80 58.28 59.75
C GLY A 584 -19.29 58.26 59.35
N ARG A 585 -19.64 59.08 58.37
CA ARG A 585 -21.01 59.26 57.87
C ARG A 585 -21.57 57.99 57.30
N GLU A 586 -20.71 57.27 56.57
CA GLU A 586 -21.04 56.08 55.81
C GLU A 586 -21.57 54.94 56.68
N LEU A 587 -21.45 55.05 58.00
CA LEU A 587 -21.94 53.94 58.82
C LEU A 587 -23.41 53.65 58.53
N CYS A 588 -24.19 54.67 58.18
CA CYS A 588 -25.60 54.46 57.89
C CYS A 588 -25.93 54.54 56.40
N TYR A 589 -24.91 54.55 55.53
CA TYR A 589 -25.10 54.66 54.06
C TYR A 589 -24.49 53.50 53.26
N ILE A 590 -23.61 52.72 53.87
CA ILE A 590 -22.95 51.61 53.16
C ILE A 590 -24.01 50.67 52.62
N LEU A 591 -25.02 50.42 53.43
CA LEU A 591 -26.09 49.54 53.00
C LEU A 591 -26.80 50.08 51.77
N LEU A 592 -27.03 51.39 51.70
CA LEU A 592 -27.70 51.95 50.55
C LEU A 592 -26.80 51.77 49.34
N GLY A 593 -25.51 51.93 49.55
CA GLY A 593 -24.54 51.78 48.49
C GLY A 593 -24.60 50.37 47.91
N GLY A 594 -24.62 49.36 48.79
CA GLY A 594 -24.71 47.97 48.34
C GLY A 594 -25.98 47.74 47.54
N VAL A 595 -27.08 48.35 47.98
CA VAL A 595 -28.33 48.18 47.26
C VAL A 595 -28.26 48.80 45.87
N PHE A 596 -27.70 49.99 45.77
CA PHE A 596 -27.63 50.65 44.49
C PHE A 596 -26.73 49.86 43.54
N LEU A 597 -25.64 49.31 44.09
CA LEU A 597 -24.70 48.53 43.31
C LEU A 597 -25.40 47.29 42.75
N CYS A 598 -26.28 46.65 43.55
CA CYS A 598 -27.01 45.48 43.09
C CYS A 598 -27.61 45.71 41.73
N TYR A 599 -28.27 46.85 41.57
CA TYR A 599 -28.95 47.12 40.32
C TYR A 599 -28.00 47.53 39.23
N CYS A 600 -26.94 48.25 39.60
CA CYS A 600 -26.00 48.71 38.60
C CYS A 600 -25.35 47.51 37.94
N MET A 601 -24.98 46.53 38.75
CA MET A 601 -24.33 45.33 38.24
C MET A 601 -25.28 44.54 37.40
N THR A 602 -26.51 44.42 37.86
CA THR A 602 -27.49 43.63 37.15
C THR A 602 -27.70 44.23 35.76
N PHE A 603 -27.77 45.55 35.67
CA PHE A 603 -27.93 46.21 34.39
C PHE A 603 -26.79 45.90 33.44
N ILE A 604 -25.57 46.01 33.94
CA ILE A 604 -24.39 45.77 33.12
C ILE A 604 -24.43 44.34 32.58
N PHE A 605 -24.88 43.43 33.41
CA PHE A 605 -24.95 42.01 33.06
C PHE A 605 -25.86 41.73 31.88
N ILE A 606 -26.74 42.65 31.49
CA ILE A 606 -27.56 42.42 30.32
C ILE A 606 -27.00 43.26 29.14
N ALA A 607 -26.55 44.46 29.46
CA ALA A 607 -26.15 45.47 28.48
C ALA A 607 -24.72 45.43 27.92
N LYS A 608 -23.74 44.88 28.63
CA LYS A 608 -22.35 45.02 28.16
C LYS A 608 -21.58 43.73 27.86
N PRO A 609 -21.60 43.19 26.62
CA PRO A 609 -21.05 41.90 26.20
C PRO A 609 -19.53 41.89 26.11
N SER A 610 -18.92 42.04 27.28
CA SER A 610 -17.48 42.11 27.51
C SER A 610 -17.03 41.27 28.68
N THR A 611 -15.72 41.34 28.96
CA THR A 611 -15.09 40.62 30.07
C THR A 611 -15.49 41.29 31.37
N ALA A 612 -15.99 42.51 31.21
CA ALA A 612 -16.49 43.30 32.32
C ALA A 612 -17.60 42.56 33.03
N VAL A 613 -18.45 41.82 32.33
CA VAL A 613 -19.52 41.16 33.07
C VAL A 613 -19.02 40.06 33.98
N CYS A 614 -18.09 39.19 33.51
CA CYS A 614 -17.47 38.14 34.32
C CYS A 614 -16.72 38.78 35.49
N THR A 615 -16.02 39.87 35.18
CA THR A 615 -15.25 40.59 36.17
C THR A 615 -16.16 41.06 37.30
N LEU A 616 -17.27 41.66 36.91
CA LEU A 616 -18.20 42.21 37.86
C LEU A 616 -19.07 41.18 38.55
N ARG A 617 -19.42 40.07 37.90
CA ARG A 617 -20.22 39.05 38.57
C ARG A 617 -19.44 38.57 39.78
N ARG A 618 -18.12 38.46 39.64
CA ARG A 618 -17.32 38.05 40.76
C ARG A 618 -17.00 39.19 41.72
N LEU A 619 -16.66 40.38 41.20
CA LEU A 619 -16.16 41.44 42.06
C LEU A 619 -17.14 42.47 42.58
N GLY A 620 -18.04 42.94 41.74
CA GLY A 620 -18.93 44.00 42.16
C GLY A 620 -20.13 43.40 42.82
N LEU A 621 -20.63 42.33 42.19
CA LEU A 621 -21.83 41.69 42.68
C LEU A 621 -21.51 41.11 44.05
N GLY A 622 -20.26 40.69 44.23
CA GLY A 622 -19.77 40.08 45.44
C GLY A 622 -19.99 40.94 46.66
N THR A 623 -20.01 42.29 46.52
CA THR A 623 -20.27 43.09 47.70
C THR A 623 -21.69 43.61 47.61
N ALA A 624 -22.25 43.67 46.40
CA ALA A 624 -23.60 44.19 46.28
C ALA A 624 -24.57 43.35 47.09
N PHE A 625 -24.41 42.03 47.03
CA PHE A 625 -25.32 41.22 47.82
C PHE A 625 -24.81 40.96 49.21
N SER A 626 -23.50 41.00 49.41
CA SER A 626 -22.98 40.72 50.73
C SER A 626 -23.38 41.79 51.71
N VAL A 627 -23.28 43.05 51.26
CA VAL A 627 -23.57 44.18 52.12
C VAL A 627 -24.99 44.12 52.64
N CYS A 628 -25.93 43.70 51.81
CA CYS A 628 -27.33 43.61 52.19
C CYS A 628 -27.58 42.71 53.42
N TYR A 629 -26.62 41.88 53.80
CA TYR A 629 -26.79 41.03 54.97
C TYR A 629 -25.72 41.38 56.01
N SER A 630 -24.50 41.66 55.55
CA SER A 630 -23.35 41.94 56.40
C SER A 630 -23.55 43.19 57.22
N ALA A 631 -24.12 44.22 56.59
CA ALA A 631 -24.35 45.48 57.27
C ALA A 631 -25.29 45.28 58.44
N LEU A 632 -26.24 44.38 58.28
CA LEU A 632 -27.25 44.14 59.27
C LEU A 632 -26.72 43.21 60.32
N LEU A 633 -25.85 42.27 59.95
CA LEU A 633 -25.28 41.42 60.97
C LEU A 633 -24.42 42.26 61.88
N THR A 634 -23.66 43.17 61.28
CA THR A 634 -22.75 44.03 62.02
C THR A 634 -23.54 44.92 62.97
N LYS A 635 -24.61 45.55 62.47
CA LYS A 635 -25.51 46.38 63.28
C LYS A 635 -26.16 45.55 64.39
N THR A 636 -26.56 44.33 64.07
CA THR A 636 -27.23 43.46 65.00
C THR A 636 -26.33 43.10 66.13
N ASN A 637 -25.07 42.77 65.87
CA ASN A 637 -24.20 42.47 66.98
C ASN A 637 -23.93 43.70 67.83
N ARG A 638 -23.80 44.90 67.23
CA ARG A 638 -23.61 46.06 68.10
C ARG A 638 -24.80 46.17 69.03
N ILE A 639 -26.01 46.02 68.48
CA ILE A 639 -27.26 46.01 69.21
C ILE A 639 -27.25 44.95 70.31
N ALA A 640 -26.86 43.70 70.00
CA ALA A 640 -26.87 42.63 70.97
C ALA A 640 -25.93 42.91 72.13
N ARG A 641 -24.77 43.53 71.84
CA ARG A 641 -23.83 43.88 72.89
C ARG A 641 -24.29 45.08 73.74
N ILE A 642 -24.89 46.08 73.10
CA ILE A 642 -25.32 47.30 73.76
C ILE A 642 -26.62 47.19 74.55
N PHE A 643 -27.63 46.52 73.98
CA PHE A 643 -28.96 46.43 74.58
C PHE A 643 -29.12 45.08 75.27
N GLY A 644 -29.01 45.07 76.61
CA GLY A 644 -29.10 43.84 77.38
C GLY A 644 -27.86 42.98 77.21
N SER A 657 -17.56 56.09 68.26
CA SER A 657 -16.43 56.43 67.43
C SER A 657 -16.69 55.97 65.95
N PRO A 658 -17.59 56.67 65.16
CA PRO A 658 -17.96 56.37 63.77
C PRO A 658 -16.79 56.15 62.83
N ALA A 659 -15.67 56.84 63.06
CA ALA A 659 -14.56 56.62 62.15
C ALA A 659 -14.09 55.17 62.18
N SER A 660 -14.12 54.51 63.35
CA SER A 660 -13.64 53.15 63.38
C SER A 660 -14.79 52.23 63.04
N GLN A 661 -16.01 52.67 63.31
CA GLN A 661 -17.14 51.81 63.02
C GLN A 661 -17.24 51.64 61.51
N VAL A 662 -16.96 52.72 60.77
CA VAL A 662 -16.98 52.70 59.33
C VAL A 662 -15.76 51.99 58.79
N ALA A 663 -14.58 52.29 59.32
CA ALA A 663 -13.40 51.62 58.80
C ALA A 663 -13.56 50.12 58.91
N ILE A 664 -14.18 49.64 59.99
CA ILE A 664 -14.41 48.21 60.13
C ILE A 664 -15.44 47.75 59.12
N CYS A 665 -16.54 48.47 58.99
CA CYS A 665 -17.55 48.03 58.05
C CYS A 665 -16.97 47.92 56.65
N LEU A 666 -16.09 48.84 56.30
CA LEU A 666 -15.48 48.81 54.99
C LEU A 666 -14.40 47.72 54.91
N ALA A 667 -13.64 47.51 55.99
CA ALA A 667 -12.61 46.49 55.98
C ALA A 667 -13.21 45.12 55.73
N LEU A 668 -14.41 44.90 56.24
CA LEU A 668 -15.12 43.64 56.11
C LEU A 668 -15.59 43.39 54.68
N ILE A 669 -15.61 44.44 53.86
CA ILE A 669 -16.03 44.37 52.48
C ILE A 669 -14.79 44.15 51.62
N SER A 670 -13.72 44.91 51.92
CA SER A 670 -12.46 44.82 51.19
C SER A 670 -11.91 43.42 51.30
N GLY A 671 -12.15 42.79 52.46
CA GLY A 671 -11.68 41.45 52.70
C GLY A 671 -12.16 40.46 51.64
N GLN A 672 -13.36 40.67 51.05
CA GLN A 672 -13.80 39.73 50.02
C GLN A 672 -13.39 40.23 48.64
N LEU A 673 -13.34 41.55 48.46
CA LEU A 673 -12.98 42.09 47.15
C LEU A 673 -11.60 41.67 46.76
N LEU A 674 -10.71 41.60 47.73
CA LEU A 674 -9.33 41.22 47.50
C LEU A 674 -9.17 39.75 47.13
N ILE A 675 -10.14 38.90 47.49
CA ILE A 675 -10.05 37.50 47.13
C ILE A 675 -10.30 37.47 45.67
N VAL A 676 -11.33 38.20 45.29
CA VAL A 676 -11.73 38.25 43.91
C VAL A 676 -10.68 38.92 43.06
N VAL A 677 -10.06 39.99 43.53
CA VAL A 677 -9.04 40.58 42.69
C VAL A 677 -7.96 39.56 42.46
N ALA A 678 -7.52 38.84 43.49
CA ALA A 678 -6.51 37.85 43.22
C ALA A 678 -7.04 36.84 42.19
N TRP A 679 -8.32 36.46 42.30
CA TRP A 679 -8.87 35.52 41.34
C TRP A 679 -8.85 36.07 39.92
N LEU A 680 -9.18 37.34 39.75
CA LEU A 680 -9.22 38.00 38.44
C LEU A 680 -7.86 38.15 37.81
N VAL A 681 -6.87 38.39 38.64
CA VAL A 681 -5.51 38.53 38.16
C VAL A 681 -4.95 37.18 37.72
N VAL A 682 -5.19 36.13 38.51
CA VAL A 682 -4.70 34.80 38.18
C VAL A 682 -5.52 34.11 37.08
N GLU A 683 -6.84 34.13 37.21
CA GLU A 683 -7.74 33.53 36.23
C GLU A 683 -8.55 34.64 35.57
N ALA A 684 -8.05 35.09 34.42
CA ALA A 684 -8.61 36.24 33.73
C ALA A 684 -10.06 35.97 33.32
N PRO A 685 -10.94 36.99 33.30
CA PRO A 685 -12.33 36.94 32.90
C PRO A 685 -12.48 36.71 31.39
N GLY A 686 -13.56 36.05 31.02
CA GLY A 686 -13.90 35.80 29.62
C GLY A 686 -15.20 36.50 29.21
N THR A 687 -15.69 36.12 28.02
CA THR A 687 -16.89 36.64 27.36
C THR A 687 -17.78 35.50 26.93
N GLY A 688 -17.25 34.73 26.02
CA GLY A 688 -17.98 33.60 25.52
C GLY A 688 -17.85 32.52 26.55
N LYS A 689 -18.48 31.42 26.30
CA LYS A 689 -18.50 30.26 27.14
C LYS A 689 -18.85 29.13 26.27
N GLU A 690 -17.92 28.76 25.46
CA GLU A 690 -18.19 27.75 24.49
C GLU A 690 -18.21 26.41 25.17
N THR A 691 -19.26 25.66 24.89
CA THR A 691 -19.46 24.31 25.39
C THR A 691 -20.58 23.66 24.64
N ALA A 692 -20.90 22.43 25.00
CA ALA A 692 -21.96 21.66 24.35
C ALA A 692 -22.02 21.97 22.85
N PRO A 693 -20.87 21.84 22.14
CA PRO A 693 -20.62 22.29 20.78
C PRO A 693 -21.46 21.58 19.73
N GLU A 694 -22.03 20.45 20.11
CA GLU A 694 -22.85 19.71 19.18
C GLU A 694 -24.15 20.43 18.83
N ARG A 695 -24.59 21.39 19.68
CA ARG A 695 -25.82 22.17 19.53
C ARG A 695 -25.84 23.65 20.02
N ARG A 696 -24.98 24.02 20.99
CA ARG A 696 -25.11 25.28 21.75
C ARG A 696 -24.71 26.64 21.20
N GLU A 697 -25.62 27.61 21.40
CA GLU A 697 -25.37 29.02 21.10
C GLU A 697 -24.67 29.60 22.33
N VAL A 698 -23.76 30.51 22.13
CA VAL A 698 -23.00 31.09 23.23
C VAL A 698 -23.47 32.53 23.45
N VAL A 699 -23.13 33.15 24.59
CA VAL A 699 -23.65 34.48 24.96
C VAL A 699 -22.75 35.74 24.77
N THR A 700 -21.42 35.67 25.02
CA THR A 700 -20.42 36.79 25.00
C THR A 700 -20.41 37.74 26.20
N LEU A 701 -21.39 37.59 27.07
CA LEU A 701 -21.66 38.43 28.23
C LEU A 701 -21.46 37.62 29.53
N ARG A 702 -20.72 36.51 29.47
CA ARG A 702 -20.58 35.58 30.60
C ARG A 702 -19.14 35.05 30.80
N CYS A 703 -18.84 34.46 31.99
CA CYS A 703 -17.54 33.79 32.26
C CYS A 703 -17.46 32.49 31.46
N ASN A 704 -16.29 32.23 30.90
CA ASN A 704 -16.03 31.00 30.16
C ASN A 704 -15.69 29.85 31.09
N HIS A 705 -15.56 30.21 32.34
CA HIS A 705 -15.18 29.38 33.43
C HIS A 705 -16.38 28.68 34.00
N ARG A 706 -16.18 27.51 34.59
CA ARG A 706 -17.28 26.97 35.34
C ARG A 706 -17.38 28.01 36.44
N ASP A 707 -18.57 28.49 36.75
CA ASP A 707 -18.64 29.47 37.79
C ASP A 707 -18.69 28.79 39.13
N ALA A 708 -19.70 27.99 39.36
CA ALA A 708 -19.79 27.23 40.60
C ALA A 708 -19.36 28.08 41.80
N SER A 709 -18.32 27.61 42.49
CA SER A 709 -17.77 28.16 43.73
C SER A 709 -17.13 29.52 43.59
N MET A 710 -16.84 29.96 42.37
CA MET A 710 -16.22 31.26 42.16
C MET A 710 -17.24 32.35 42.51
N LEU A 711 -18.54 32.03 42.45
CA LEU A 711 -19.57 32.97 42.80
C LEU A 711 -20.23 32.41 44.04
N GLY A 712 -20.20 31.07 44.08
CA GLY A 712 -20.82 30.25 45.10
C GLY A 712 -20.31 30.53 46.50
N SER A 713 -18.99 30.50 46.74
CA SER A 713 -18.52 30.70 48.10
C SER A 713 -18.84 32.10 48.62
N LEU A 714 -18.93 33.09 47.73
CA LEU A 714 -19.27 34.43 48.16
C LEU A 714 -20.73 34.44 48.57
N ALA A 715 -21.56 33.76 47.77
CA ALA A 715 -22.98 33.67 48.05
C ALA A 715 -23.27 32.89 49.33
N TYR A 716 -22.47 31.86 49.62
CA TYR A 716 -22.68 31.09 50.83
C TYR A 716 -22.18 31.84 52.06
N ASN A 717 -21.12 32.65 51.92
CA ASN A 717 -20.68 33.41 53.08
C ASN A 717 -21.82 34.30 53.51
N VAL A 718 -22.52 34.83 52.52
CA VAL A 718 -23.63 35.70 52.71
C VAL A 718 -24.82 35.01 53.34
N LEU A 719 -25.13 33.77 52.91
CA LEU A 719 -26.22 33.06 53.56
C LEU A 719 -25.91 32.86 55.04
N LEU A 720 -24.67 32.50 55.36
CA LEU A 720 -24.31 32.26 56.74
C LEU A 720 -24.43 33.53 57.56
N ILE A 721 -24.06 34.68 56.98
CA ILE A 721 -24.20 35.97 57.65
C ILE A 721 -25.65 36.26 57.95
N ALA A 722 -26.50 36.02 56.95
CA ALA A 722 -27.91 36.27 57.11
C ALA A 722 -28.54 35.43 58.23
N LEU A 723 -28.15 34.16 58.31
CA LEU A 723 -28.70 33.28 59.33
C LEU A 723 -28.12 33.60 60.71
N CYS A 724 -26.87 34.05 60.75
CA CYS A 724 -26.24 34.43 62.01
C CYS A 724 -26.97 35.63 62.58
N THR A 725 -27.47 36.48 61.70
CA THR A 725 -28.17 37.67 62.13
C THR A 725 -29.43 37.24 62.84
N LEU A 726 -30.16 36.27 62.26
CA LEU A 726 -31.39 35.86 62.91
C LEU A 726 -31.10 35.20 64.25
N TYR A 727 -30.00 34.49 64.36
CA TYR A 727 -29.63 33.93 65.66
C TYR A 727 -29.39 35.06 66.65
N ALA A 728 -28.58 36.05 66.24
CA ALA A 728 -28.22 37.19 67.06
C ALA A 728 -29.46 37.95 67.51
N PHE A 729 -30.49 37.97 66.65
CA PHE A 729 -31.76 38.63 66.92
C PHE A 729 -32.51 38.09 68.10
N LYS A 730 -32.04 37.03 68.76
CA LYS A 730 -32.79 36.66 69.95
C LYS A 730 -32.81 37.88 70.91
N THR A 731 -31.80 38.76 70.83
CA THR A 731 -31.76 39.95 71.63
C THR A 731 -32.61 41.02 70.95
N ARG A 732 -33.94 40.88 70.95
CA ARG A 732 -34.94 41.79 70.32
C ARG A 732 -35.13 43.15 71.04
N LYS A 733 -34.12 44.05 71.03
CA LYS A 733 -34.18 45.40 71.65
C LYS A 733 -33.35 46.45 70.87
N CYS A 734 -34.00 47.38 70.16
CA CYS A 734 -33.30 48.32 69.25
C CYS A 734 -33.94 49.74 69.16
N PRO A 735 -33.95 50.57 70.21
CA PRO A 735 -34.51 51.93 70.15
C PRO A 735 -33.64 52.93 69.34
N GLU A 736 -34.12 53.40 68.19
CA GLU A 736 -33.51 54.46 67.36
C GLU A 736 -34.59 55.08 66.45
N ASN A 737 -35.17 56.23 66.83
CA ASN A 737 -36.42 56.82 66.30
C ASN A 737 -37.68 55.97 66.56
N PHE A 738 -37.57 54.65 66.38
CA PHE A 738 -38.55 53.60 66.63
C PHE A 738 -37.83 52.42 67.31
N ASN A 739 -38.55 51.45 67.84
CA ASN A 739 -37.92 50.16 68.13
C ASN A 739 -37.64 49.41 66.81
N GLU A 740 -36.44 49.62 66.26
CA GLU A 740 -35.92 49.05 65.03
C GLU A 740 -35.95 47.52 65.02
N ALA A 741 -36.10 46.89 66.19
CA ALA A 741 -36.32 45.45 66.34
C ALA A 741 -37.51 44.94 65.49
N LYS A 742 -38.53 45.78 65.28
CA LYS A 742 -39.64 45.49 64.37
C LYS A 742 -39.12 45.28 62.94
N PHE A 743 -38.43 46.30 62.44
CA PHE A 743 -38.04 46.38 61.04
C PHE A 743 -36.89 45.44 60.70
N ILE A 744 -35.85 45.35 61.53
CA ILE A 744 -34.74 44.42 61.23
C ILE A 744 -35.22 42.98 61.24
N GLY A 745 -36.15 42.64 62.15
CA GLY A 745 -36.81 41.34 62.17
C GLY A 745 -37.50 41.07 60.84
N PHE A 746 -38.49 41.91 60.50
CA PHE A 746 -39.25 41.76 59.27
C PHE A 746 -38.32 41.63 58.06
N THR A 747 -37.28 42.47 58.01
CA THR A 747 -36.31 42.48 56.91
C THR A 747 -35.55 41.15 56.81
N MET A 748 -34.87 40.73 57.87
CA MET A 748 -33.99 39.58 57.76
C MET A 748 -34.75 38.28 57.74
N TYR A 749 -35.92 38.20 58.37
CA TYR A 749 -36.60 36.92 58.24
C TYR A 749 -36.94 36.75 56.78
N THR A 750 -37.33 37.85 56.13
CA THR A 750 -37.68 37.85 54.72
C THR A 750 -36.48 37.59 53.80
N THR A 751 -35.34 38.25 54.03
CA THR A 751 -34.23 38.08 53.09
C THR A 751 -33.48 36.78 53.31
N CYS A 752 -33.64 36.16 54.49
CA CYS A 752 -33.02 34.87 54.72
C CYS A 752 -33.77 33.78 53.95
N ILE A 753 -34.97 34.10 53.45
CA ILE A 753 -35.74 33.17 52.68
C ILE A 753 -35.38 33.39 51.25
N ILE A 754 -35.29 34.66 50.86
CA ILE A 754 -34.99 35.01 49.50
C ILE A 754 -33.61 34.58 49.07
N TRP A 755 -32.59 34.84 49.86
CA TRP A 755 -31.26 34.46 49.43
C TRP A 755 -31.20 32.94 49.30
N LEU A 756 -31.70 32.29 50.32
CA LEU A 756 -31.72 30.86 50.41
C LEU A 756 -32.51 30.26 49.26
N ALA A 757 -33.59 30.91 48.86
CA ALA A 757 -34.46 30.47 47.78
C ALA A 757 -33.73 30.31 46.44
N PHE A 758 -32.69 31.10 46.17
CA PHE A 758 -32.05 30.99 44.87
C PHE A 758 -30.80 30.12 44.88
N LEU A 759 -30.24 29.84 46.06
CA LEU A 759 -29.03 29.02 46.12
C LEU A 759 -29.21 27.60 45.49
N PRO A 760 -30.38 26.91 45.61
CA PRO A 760 -30.68 25.62 45.00
C PRO A 760 -30.62 25.61 43.48
N ILE A 761 -30.61 26.78 42.86
CA ILE A 761 -30.49 26.88 41.43
C ILE A 761 -29.10 27.40 41.12
N PHE A 762 -28.74 28.49 41.81
CA PHE A 762 -27.52 29.25 41.59
C PHE A 762 -26.27 28.41 41.59
N TYR A 763 -26.14 27.54 42.58
CA TYR A 763 -24.96 26.72 42.70
C TYR A 763 -25.21 25.28 42.25
N VAL A 764 -26.37 25.04 41.65
CA VAL A 764 -26.76 23.68 41.31
C VAL A 764 -26.99 23.36 39.84
N THR A 765 -27.73 24.19 39.11
CA THR A 765 -28.12 23.81 37.75
C THR A 765 -27.00 24.08 36.78
N SER A 766 -25.92 23.31 36.92
CA SER A 766 -24.69 23.45 36.15
C SER A 766 -24.89 23.03 34.72
N SER A 767 -25.97 22.31 34.47
CA SER A 767 -26.34 21.83 33.17
C SER A 767 -27.13 22.85 32.37
N ASP A 768 -27.57 23.94 33.01
CA ASP A 768 -28.37 24.93 32.32
C ASP A 768 -27.52 26.05 31.77
N TYR A 769 -28.09 26.73 30.81
CA TYR A 769 -27.49 27.86 30.19
C TYR A 769 -28.27 29.16 30.38
N ARG A 770 -29.57 29.07 30.65
CA ARG A 770 -30.37 30.30 30.67
C ARG A 770 -30.93 30.77 32.02
N VAL A 771 -31.32 29.86 32.92
CA VAL A 771 -31.99 30.27 34.16
C VAL A 771 -31.14 31.14 35.02
N GLN A 772 -29.83 30.95 34.95
CA GLN A 772 -28.93 31.68 35.80
C GLN A 772 -29.02 33.16 35.62
N THR A 773 -29.47 33.61 34.47
CA THR A 773 -29.54 35.03 34.31
C THR A 773 -30.56 35.58 35.29
N THR A 774 -31.72 34.90 35.46
CA THR A 774 -32.73 35.43 36.37
C THR A 774 -32.42 35.02 37.76
N THR A 775 -31.68 33.92 37.92
CA THR A 775 -31.34 33.49 39.26
C THR A 775 -30.61 34.65 39.90
N MET A 776 -29.64 35.19 39.17
CA MET A 776 -28.85 36.28 39.66
C MET A 776 -29.57 37.62 39.61
N CYS A 777 -30.28 37.91 38.52
CA CYS A 777 -30.92 39.21 38.46
C CYS A 777 -31.91 39.36 39.58
N VAL A 778 -32.70 38.32 39.81
CA VAL A 778 -33.71 38.43 40.83
C VAL A 778 -33.14 38.30 42.20
N SER A 779 -32.29 37.31 42.46
CA SER A 779 -31.87 37.17 43.83
C SER A 779 -31.21 38.41 44.35
N VAL A 780 -30.32 38.98 43.56
CA VAL A 780 -29.59 40.11 44.08
C VAL A 780 -30.45 41.37 44.08
N SER A 781 -31.14 41.67 42.97
CA SER A 781 -31.91 42.90 42.92
C SER A 781 -33.07 42.88 43.89
N LEU A 782 -33.59 41.69 44.18
CA LEU A 782 -34.67 41.60 45.12
C LEU A 782 -34.15 41.86 46.50
N SER A 783 -33.00 41.28 46.87
CA SER A 783 -32.53 41.54 48.21
C SER A 783 -32.27 43.02 48.39
N GLY A 784 -31.90 43.69 47.30
CA GLY A 784 -31.63 45.10 47.30
C GLY A 784 -32.86 45.92 47.69
N SER A 785 -33.97 45.73 46.98
CA SER A 785 -35.16 46.51 47.31
C SER A 785 -35.79 46.07 48.61
N VAL A 786 -35.62 44.80 48.98
CA VAL A 786 -36.22 44.35 50.22
C VAL A 786 -35.57 45.01 51.40
N VAL A 787 -34.26 45.16 51.42
CA VAL A 787 -33.76 45.77 52.62
C VAL A 787 -34.01 47.29 52.69
N LEU A 788 -33.84 48.08 51.62
CA LEU A 788 -34.07 49.48 51.98
C LEU A 788 -35.54 49.82 52.15
N GLY A 789 -36.40 49.06 51.47
CA GLY A 789 -37.83 49.25 51.48
C GLY A 789 -38.44 48.87 52.83
N CYS A 790 -37.64 48.27 53.70
CA CYS A 790 -38.10 47.87 55.01
C CYS A 790 -37.33 48.59 56.11
N LEU A 791 -36.05 48.90 55.86
CA LEU A 791 -35.20 49.47 56.88
C LEU A 791 -35.27 50.97 56.89
N PHE A 792 -35.18 51.60 55.73
CA PHE A 792 -35.06 53.03 55.74
C PHE A 792 -36.42 53.61 55.54
N ALA A 793 -37.22 52.86 54.79
CA ALA A 793 -38.55 53.24 54.39
C ALA A 793 -39.45 53.71 55.54
N PRO A 794 -39.41 53.13 56.75
CA PRO A 794 -40.22 53.62 57.85
C PRO A 794 -40.05 55.12 58.10
N LYS A 795 -38.79 55.61 58.16
CA LYS A 795 -38.51 57.05 58.22
C LYS A 795 -38.69 57.71 56.87
N LEU A 796 -38.18 57.06 55.81
CA LEU A 796 -37.94 57.70 54.53
C LEU A 796 -39.26 58.27 54.07
N HIS A 797 -40.35 57.48 54.19
CA HIS A 797 -41.64 57.90 53.69
C HIS A 797 -42.57 58.53 54.72
N ILE A 798 -42.20 58.68 55.99
CA ILE A 798 -43.01 59.56 56.85
C ILE A 798 -42.49 60.97 56.73
N ILE A 799 -41.23 61.11 56.28
CA ILE A 799 -40.67 62.41 56.01
C ILE A 799 -41.03 62.74 54.55
N LEU A 800 -40.78 61.79 53.63
CA LEU A 800 -41.15 61.97 52.20
C LEU A 800 -42.62 61.53 52.11
N PHE A 801 -43.51 62.37 52.68
CA PHE A 801 -44.93 62.13 52.95
C PHE A 801 -45.77 63.35 52.56
N ILE B 11 32.96 -32.22 -44.97
CA ILE B 11 33.00 -33.67 -44.80
C ILE B 11 31.53 -34.15 -44.69
N ARG B 12 30.82 -34.19 -45.84
CA ARG B 12 29.40 -34.57 -45.98
C ARG B 12 29.22 -36.06 -45.77
N ILE B 13 28.24 -36.44 -44.96
CA ILE B 13 28.04 -37.86 -44.69
C ILE B 13 26.81 -38.43 -45.33
N ASP B 14 27.02 -39.50 -46.08
CA ASP B 14 26.01 -40.26 -46.78
C ASP B 14 25.68 -41.58 -46.05
N GLY B 15 24.85 -42.44 -46.67
CA GLY B 15 24.44 -43.72 -46.06
C GLY B 15 23.19 -43.56 -45.23
N ASP B 16 22.60 -42.37 -45.38
CA ASP B 16 21.41 -41.85 -44.76
C ASP B 16 20.16 -42.60 -45.25
N ILE B 17 19.28 -42.92 -44.31
CA ILE B 17 18.04 -43.66 -44.59
C ILE B 17 16.81 -42.85 -44.14
N THR B 18 16.85 -42.18 -42.99
CA THR B 18 15.77 -41.23 -42.59
C THR B 18 16.20 -40.06 -41.69
N LEU B 19 17.43 -40.03 -41.18
CA LEU B 19 17.87 -39.08 -40.16
C LEU B 19 18.96 -38.12 -40.65
N GLY B 20 19.30 -37.11 -39.85
CA GLY B 20 20.45 -36.28 -40.12
C GLY B 20 20.93 -35.54 -38.89
N GLY B 21 21.86 -34.64 -39.10
CA GLY B 21 22.39 -33.87 -37.99
C GLY B 21 23.39 -32.82 -38.43
N LEU B 22 23.67 -31.93 -37.49
CA LEU B 22 24.52 -30.78 -37.76
C LEU B 22 25.74 -30.65 -36.85
N PHE B 23 26.94 -30.71 -37.43
CA PHE B 23 28.13 -30.60 -36.59
C PHE B 23 29.05 -29.43 -36.93
N PRO B 24 29.67 -28.81 -35.90
CA PRO B 24 30.67 -27.76 -35.96
C PRO B 24 32.03 -28.33 -36.28
N VAL B 25 32.10 -28.95 -37.44
CA VAL B 25 33.30 -29.59 -37.94
C VAL B 25 34.29 -28.53 -38.30
N HIS B 26 33.81 -27.44 -38.90
CA HIS B 26 34.70 -26.39 -39.34
C HIS B 26 34.38 -25.03 -38.71
N GLY B 27 35.39 -24.18 -38.69
CA GLY B 27 35.23 -22.81 -38.25
C GLY B 27 34.75 -22.03 -39.46
N ARG B 28 34.76 -20.71 -39.38
CA ARG B 28 34.28 -19.91 -40.50
C ARG B 28 35.38 -19.63 -41.51
N GLY B 29 35.01 -19.57 -42.79
CA GLY B 29 35.94 -19.25 -43.86
C GLY B 29 35.71 -17.84 -44.37
N SER B 30 35.89 -17.65 -45.68
CA SER B 30 35.82 -16.34 -46.33
C SER B 30 35.45 -16.48 -47.80
N GLU B 31 35.32 -15.38 -48.52
CA GLU B 31 34.92 -15.48 -49.91
C GLU B 31 35.89 -16.37 -50.69
N GLY B 32 35.33 -17.29 -51.48
CA GLY B 32 36.08 -18.24 -52.30
C GLY B 32 36.22 -19.60 -51.60
N LYS B 33 35.96 -19.64 -50.30
CA LYS B 33 36.00 -20.82 -49.46
C LYS B 33 35.29 -20.47 -48.15
N PRO B 34 33.98 -20.62 -48.15
CA PRO B 34 33.11 -20.20 -47.05
C PRO B 34 33.39 -20.85 -45.68
N CYS B 35 33.85 -22.14 -45.68
CA CYS B 35 34.17 -22.93 -44.48
C CYS B 35 35.63 -22.73 -44.06
N GLY B 36 35.84 -22.71 -42.76
CA GLY B 36 37.17 -22.52 -42.20
C GLY B 36 37.86 -23.81 -41.88
N GLU B 37 38.81 -23.73 -40.99
CA GLU B 37 39.64 -24.84 -40.60
C GLU B 37 38.83 -25.87 -39.88
N LEU B 38 39.20 -27.14 -40.05
CA LEU B 38 38.52 -28.17 -39.31
C LEU B 38 38.96 -28.13 -37.87
N LYS B 39 38.00 -28.30 -37.00
CA LYS B 39 38.20 -28.34 -35.56
C LYS B 39 37.97 -29.77 -35.13
N LYS B 40 39.06 -30.54 -34.99
CA LYS B 40 38.84 -31.93 -34.73
C LYS B 40 38.32 -32.13 -33.33
N GLU B 41 38.74 -31.21 -32.46
CA GLU B 41 38.40 -31.21 -31.06
C GLU B 41 36.93 -30.97 -30.84
N LYS B 42 36.23 -30.47 -31.86
CA LYS B 42 34.82 -30.19 -31.78
C LYS B 42 34.07 -31.14 -32.69
N GLY B 43 33.58 -30.65 -33.81
CA GLY B 43 32.74 -31.48 -34.64
C GLY B 43 33.33 -32.75 -35.23
N ILE B 44 34.64 -32.87 -35.53
CA ILE B 44 34.90 -34.15 -36.21
C ILE B 44 34.87 -35.29 -35.21
N HIS B 45 35.38 -35.08 -33.99
CA HIS B 45 35.33 -36.13 -33.00
C HIS B 45 33.90 -36.34 -32.55
N ARG B 46 33.10 -35.29 -32.51
CA ARG B 46 31.73 -35.45 -32.11
C ARG B 46 31.00 -36.27 -33.19
N LEU B 47 31.33 -36.00 -34.46
CA LEU B 47 30.76 -36.73 -35.58
C LEU B 47 31.20 -38.15 -35.62
N GLU B 48 32.47 -38.42 -35.43
CA GLU B 48 32.88 -39.79 -35.44
C GLU B 48 32.19 -40.53 -34.33
N ALA B 49 32.00 -39.86 -33.18
CA ALA B 49 31.30 -40.51 -32.11
C ALA B 49 29.87 -40.81 -32.55
N MET B 50 29.22 -39.89 -33.26
CA MET B 50 27.87 -40.19 -33.74
C MET B 50 27.86 -41.32 -34.73
N LEU B 51 28.85 -41.39 -35.61
CA LEU B 51 28.82 -42.43 -36.62
C LEU B 51 28.90 -43.77 -35.92
N PHE B 52 29.73 -43.85 -34.90
CA PHE B 52 29.84 -45.04 -34.09
C PHE B 52 28.54 -45.36 -33.39
N ALA B 53 27.93 -44.37 -32.76
CA ALA B 53 26.69 -44.65 -32.08
C ALA B 53 25.67 -45.15 -33.07
N LEU B 54 25.58 -44.57 -34.27
CA LEU B 54 24.69 -45.11 -35.29
C LEU B 54 25.06 -46.54 -35.61
N ASP B 55 26.35 -46.85 -35.73
CA ASP B 55 26.76 -48.22 -36.05
C ASP B 55 26.30 -49.19 -34.96
N ARG B 56 26.33 -48.75 -33.70
CA ARG B 56 25.86 -49.63 -32.63
C ARG B 56 24.33 -49.69 -32.57
N ILE B 57 23.63 -48.58 -32.70
CA ILE B 57 22.17 -48.63 -32.80
C ILE B 57 21.79 -49.54 -33.97
N ASN B 58 22.61 -49.53 -35.04
CA ASN B 58 22.39 -50.35 -36.22
C ASN B 58 22.73 -51.84 -36.01
N ASN B 59 23.39 -52.20 -34.92
CA ASN B 59 23.57 -53.58 -34.46
C ASN B 59 22.59 -53.97 -33.32
N ASP B 60 21.78 -53.04 -32.81
CA ASP B 60 21.00 -53.27 -31.60
C ASP B 60 19.86 -54.31 -31.79
N PRO B 61 19.62 -55.23 -30.84
CA PRO B 61 18.51 -56.20 -30.91
C PRO B 61 17.08 -55.64 -30.81
N ASP B 62 16.85 -54.40 -30.37
CA ASP B 62 15.51 -53.82 -30.13
C ASP B 62 15.22 -52.55 -30.95
N LEU B 63 16.20 -51.67 -31.13
CA LEU B 63 16.03 -50.43 -31.89
C LEU B 63 16.02 -50.72 -33.40
N LEU B 64 14.83 -50.94 -33.95
CA LEU B 64 14.59 -51.14 -35.40
C LEU B 64 15.37 -52.33 -36.01
N PRO B 65 15.41 -53.51 -35.36
CA PRO B 65 16.52 -54.46 -35.44
C PRO B 65 16.96 -54.92 -36.83
N ASN B 66 16.01 -55.23 -37.71
CA ASN B 66 16.25 -55.77 -39.06
C ASN B 66 16.43 -54.68 -40.14
N ILE B 67 15.96 -53.45 -39.89
CA ILE B 67 16.03 -52.33 -40.84
C ILE B 67 16.41 -51.06 -40.08
N THR B 68 17.68 -51.00 -39.70
CA THR B 68 18.26 -49.91 -38.91
C THR B 68 18.70 -48.74 -39.81
N LEU B 69 19.22 -47.64 -39.24
CA LEU B 69 19.20 -46.32 -39.89
C LEU B 69 20.57 -45.63 -39.95
N GLY B 70 20.92 -45.12 -41.13
CA GLY B 70 21.97 -44.11 -41.27
C GLY B 70 21.42 -42.69 -41.35
N ALA B 71 22.32 -41.71 -41.32
CA ALA B 71 21.96 -40.30 -41.22
C ALA B 71 22.83 -39.38 -42.10
N ARG B 72 22.26 -38.23 -42.51
CA ARG B 72 22.90 -37.27 -43.38
C ARG B 72 23.42 -36.12 -42.56
N ILE B 73 24.70 -35.92 -42.67
CA ILE B 73 25.34 -34.92 -41.85
C ILE B 73 25.80 -33.71 -42.62
N LEU B 74 25.38 -32.58 -42.07
CA LEU B 74 25.56 -31.22 -42.52
C LEU B 74 26.84 -30.59 -41.95
N ASP B 75 27.55 -29.86 -42.81
CA ASP B 75 28.73 -29.13 -42.38
C ASP B 75 28.26 -27.79 -41.86
N THR B 76 28.28 -27.54 -40.56
CA THR B 76 27.66 -26.25 -40.18
C THR B 76 28.55 -25.05 -40.46
N CYS B 77 29.90 -25.25 -40.47
CA CYS B 77 30.99 -24.29 -40.74
C CYS B 77 30.85 -23.04 -39.89
N SER B 78 30.23 -23.25 -38.73
CA SER B 78 29.98 -22.24 -37.74
C SER B 78 29.21 -21.04 -38.30
N ARG B 79 28.28 -21.27 -39.25
CA ARG B 79 27.50 -20.17 -39.85
C ARG B 79 26.02 -20.45 -40.01
N ASP B 80 25.24 -19.37 -40.00
CA ASP B 80 23.80 -19.40 -40.18
C ASP B 80 23.44 -19.68 -41.62
N THR B 81 24.29 -19.18 -42.48
CA THR B 81 24.15 -19.30 -43.89
C THR B 81 24.22 -20.75 -44.28
N HIS B 82 25.22 -21.46 -43.78
CA HIS B 82 25.35 -22.86 -44.13
C HIS B 82 24.30 -23.66 -43.44
N ALA B 83 23.90 -23.23 -42.24
CA ALA B 83 22.91 -23.99 -41.53
C ALA B 83 21.68 -24.16 -42.37
N LEU B 84 21.26 -23.11 -43.10
CA LEU B 84 20.07 -23.33 -43.91
C LEU B 84 20.35 -23.71 -45.33
N GLU B 85 21.47 -23.29 -45.92
CA GLU B 85 21.66 -23.67 -47.30
C GLU B 85 21.66 -25.18 -47.37
N GLN B 86 22.22 -25.84 -46.35
CA GLN B 86 22.22 -27.26 -46.34
C GLN B 86 20.97 -27.89 -45.66
N SER B 87 20.40 -27.31 -44.57
CA SER B 87 19.29 -27.97 -43.88
C SER B 87 18.02 -27.97 -44.70
N LEU B 88 17.95 -27.09 -45.69
CA LEU B 88 16.81 -27.06 -46.57
C LEU B 88 16.80 -28.30 -47.46
N THR B 89 17.89 -29.06 -47.44
CA THR B 89 17.98 -30.33 -48.14
C THR B 89 17.01 -31.27 -47.45
N PHE B 90 16.90 -31.18 -46.10
CA PHE B 90 16.03 -32.07 -45.35
C PHE B 90 14.62 -31.75 -45.74
N VAL B 91 14.38 -30.46 -45.89
CA VAL B 91 13.07 -29.97 -46.24
C VAL B 91 12.67 -30.38 -47.65
N GLN B 92 13.56 -30.24 -48.61
CA GLN B 92 13.19 -30.64 -49.95
C GLN B 92 13.02 -32.16 -50.03
N ALA B 93 13.87 -32.90 -49.31
CA ALA B 93 13.77 -34.36 -49.25
C ALA B 93 12.44 -34.82 -48.62
N LEU B 94 11.92 -34.07 -47.60
CA LEU B 94 10.70 -34.32 -46.84
C LEU B 94 9.51 -34.55 -47.81
N GLU B 116 14.69 -41.86 -47.64
CA GLU B 116 14.01 -40.89 -48.51
C GLU B 116 13.51 -39.66 -47.69
N ARG B 117 12.29 -39.73 -47.07
CA ARG B 117 11.69 -38.62 -46.31
C ARG B 117 12.37 -38.43 -44.97
N VAL B 118 12.58 -37.19 -44.57
CA VAL B 118 13.24 -36.91 -43.32
C VAL B 118 12.32 -37.00 -42.11
N VAL B 119 12.81 -37.77 -41.15
CA VAL B 119 12.13 -38.12 -39.92
C VAL B 119 12.64 -37.29 -38.75
N GLY B 120 13.93 -36.97 -38.71
CA GLY B 120 14.46 -36.14 -37.61
C GLY B 120 15.93 -35.81 -37.76
N VAL B 121 16.37 -34.83 -36.96
CA VAL B 121 17.71 -34.29 -37.01
C VAL B 121 18.38 -34.17 -35.61
N ILE B 122 19.69 -34.40 -35.51
CA ILE B 122 20.32 -34.18 -34.21
C ILE B 122 21.11 -32.83 -34.33
N GLY B 123 20.80 -31.89 -33.44
CA GLY B 123 21.24 -30.49 -33.55
C GLY B 123 22.61 -29.99 -33.10
N ALA B 124 23.00 -28.88 -33.72
CA ALA B 124 24.24 -28.14 -33.49
C ALA B 124 24.24 -27.44 -32.15
N SER B 125 25.45 -27.24 -31.61
CA SER B 125 25.63 -26.53 -30.36
C SER B 125 25.46 -25.02 -30.46
N GLY B 126 25.96 -24.44 -31.55
CA GLY B 126 25.87 -23.00 -31.66
C GLY B 126 24.45 -22.58 -31.92
N SER B 127 24.04 -21.45 -31.30
CA SER B 127 22.71 -20.90 -31.52
C SER B 127 22.61 -20.29 -32.90
N SER B 128 23.76 -19.92 -33.45
CA SER B 128 23.88 -19.36 -34.78
C SER B 128 23.50 -20.37 -35.84
N VAL B 129 23.46 -21.63 -35.45
CA VAL B 129 23.07 -22.71 -36.30
C VAL B 129 21.73 -23.26 -35.83
N SER B 130 21.61 -23.65 -34.55
CA SER B 130 20.40 -24.32 -34.09
C SER B 130 19.15 -23.47 -34.09
N ILE B 131 19.24 -22.15 -33.96
CA ILE B 131 18.04 -21.34 -33.98
C ILE B 131 17.54 -21.20 -35.40
N MET B 132 18.45 -20.95 -36.33
CA MET B 132 18.10 -20.78 -37.72
C MET B 132 17.45 -22.04 -38.21
N VAL B 133 18.02 -23.15 -37.79
CA VAL B 133 17.51 -24.43 -38.16
C VAL B 133 16.16 -24.60 -37.54
N ALA B 134 15.99 -24.24 -36.28
CA ALA B 134 14.68 -24.38 -35.67
C ALA B 134 13.65 -23.59 -36.39
N ASN B 135 14.01 -22.40 -36.86
CA ASN B 135 13.03 -21.58 -37.55
C ASN B 135 12.49 -22.31 -38.78
N ILE B 136 13.34 -23.08 -39.46
CA ILE B 136 12.89 -23.89 -40.60
C ILE B 136 12.28 -25.24 -40.24
N LEU B 137 12.93 -25.98 -39.38
CA LEU B 137 12.46 -27.32 -39.16
C LEU B 137 11.11 -27.32 -38.51
N ARG B 138 10.81 -26.32 -37.69
CA ARG B 138 9.50 -26.36 -37.08
C ARG B 138 8.40 -26.16 -38.13
N LEU B 139 8.69 -25.39 -39.17
CA LEU B 139 7.70 -25.10 -40.18
C LEU B 139 7.37 -26.33 -40.95
N PHE B 140 8.38 -27.14 -41.12
CA PHE B 140 8.26 -28.36 -41.87
C PHE B 140 8.10 -29.58 -40.97
N LYS B 141 7.84 -29.34 -39.69
CA LYS B 141 7.61 -30.36 -38.69
C LYS B 141 8.68 -31.43 -38.54
N ILE B 142 9.93 -31.04 -38.53
CA ILE B 142 11.02 -31.98 -38.30
C ILE B 142 11.60 -31.76 -36.90
N PRO B 143 11.54 -32.74 -35.98
CA PRO B 143 12.01 -32.62 -34.62
C PRO B 143 13.53 -32.59 -34.62
N GLN B 144 14.11 -31.83 -33.69
CA GLN B 144 15.56 -31.82 -33.57
C GLN B 144 16.07 -31.82 -32.15
N ILE B 145 17.05 -32.70 -31.89
CA ILE B 145 17.59 -32.83 -30.54
C ILE B 145 19.03 -32.33 -30.46
N SER B 146 19.30 -31.24 -29.76
CA SER B 146 20.67 -30.76 -29.73
C SER B 146 21.66 -31.64 -28.97
N TYR B 147 22.87 -31.69 -29.54
CA TYR B 147 24.02 -32.39 -28.99
C TYR B 147 24.66 -31.64 -27.83
N ALA B 148 24.61 -30.30 -27.88
CA ALA B 148 25.33 -29.48 -26.91
C ALA B 148 24.71 -28.09 -26.72
N SER B 149 23.47 -28.04 -26.26
CA SER B 149 22.72 -26.80 -26.04
C SER B 149 23.29 -25.92 -24.92
N THR B 150 23.14 -24.61 -25.08
CA THR B 150 23.63 -23.61 -24.13
C THR B 150 22.55 -22.60 -23.76
N ALA B 151 22.32 -21.68 -24.69
CA ALA B 151 21.42 -20.59 -24.45
C ALA B 151 19.99 -21.06 -24.13
N PRO B 152 19.27 -20.37 -23.22
CA PRO B 152 17.92 -20.60 -22.76
C PRO B 152 16.90 -20.33 -23.84
N ASP B 153 17.36 -19.80 -24.95
CA ASP B 153 16.54 -19.48 -26.06
C ASP B 153 15.79 -20.73 -26.51
N LEU B 154 16.42 -21.92 -26.39
CA LEU B 154 15.71 -23.12 -26.83
C LEU B 154 14.75 -23.67 -25.79
N SER B 155 14.59 -23.00 -24.65
CA SER B 155 13.62 -23.45 -23.66
C SER B 155 12.27 -22.85 -24.00
N ASP B 156 12.25 -21.94 -24.98
CA ASP B 156 11.03 -21.28 -25.30
C ASP B 156 10.17 -22.07 -26.28
N ASN B 157 9.21 -22.82 -25.74
CA ASN B 157 8.34 -23.67 -26.56
C ASN B 157 7.40 -22.87 -27.45
N SER B 158 7.30 -21.56 -27.24
CA SER B 158 6.42 -20.76 -28.08
C SER B 158 7.12 -20.41 -29.39
N ARG B 159 8.41 -20.69 -29.46
CA ARG B 159 9.19 -20.40 -30.65
C ARG B 159 9.91 -21.63 -31.18
N TYR B 160 10.32 -22.55 -30.30
CA TYR B 160 11.07 -23.69 -30.76
C TYR B 160 10.43 -24.95 -30.23
N ASP B 161 9.20 -25.19 -30.66
CA ASP B 161 8.33 -26.27 -30.22
C ASP B 161 8.82 -27.62 -30.69
N PHE B 162 9.51 -27.60 -31.80
CA PHE B 162 10.09 -28.82 -32.35
C PHE B 162 11.46 -29.19 -31.82
N PHE B 163 11.99 -28.41 -30.89
CA PHE B 163 13.29 -28.67 -30.32
C PHE B 163 13.35 -29.26 -28.93
N SER B 164 14.42 -30.01 -28.73
CA SER B 164 14.80 -30.57 -27.45
C SER B 164 16.30 -30.74 -27.44
N ARG B 165 16.84 -31.13 -26.30
CA ARG B 165 18.25 -31.40 -26.15
C ARG B 165 18.49 -32.37 -25.03
N VAL B 166 19.66 -32.96 -24.98
CA VAL B 166 19.97 -33.86 -23.87
C VAL B 166 20.95 -33.21 -22.94
N VAL B 167 20.98 -31.91 -23.03
CA VAL B 167 21.88 -31.04 -22.34
C VAL B 167 21.11 -30.02 -21.50
N PRO B 168 21.51 -29.72 -20.26
CA PRO B 168 20.91 -28.68 -19.45
C PRO B 168 21.32 -27.34 -20.01
N SER B 169 20.44 -26.34 -19.90
CA SER B 169 20.81 -24.99 -20.33
C SER B 169 21.70 -24.26 -19.33
N ASP B 170 22.20 -23.12 -19.78
CA ASP B 170 23.02 -22.21 -18.99
C ASP B 170 22.27 -21.65 -17.78
N THR B 171 20.94 -21.69 -17.79
CA THR B 171 20.20 -21.15 -16.69
C THR B 171 20.02 -22.21 -15.60
N TYR B 172 20.24 -23.48 -15.95
CA TYR B 172 20.20 -24.53 -14.96
C TYR B 172 21.44 -24.27 -14.13
N GLN B 173 22.55 -24.00 -14.82
CA GLN B 173 23.77 -23.67 -14.12
C GLN B 173 23.60 -22.37 -13.31
N ALA B 174 22.83 -21.41 -13.80
CA ALA B 174 22.61 -20.21 -12.99
C ALA B 174 21.96 -20.59 -11.65
N GLN B 175 21.06 -21.59 -11.67
CA GLN B 175 20.42 -22.03 -10.43
C GLN B 175 21.46 -22.58 -9.50
N ALA B 176 22.44 -23.29 -10.06
CA ALA B 176 23.50 -23.86 -9.25
C ALA B 176 24.26 -22.78 -8.54
N MET B 177 24.45 -21.66 -9.24
CA MET B 177 25.20 -20.60 -8.62
C MET B 177 24.40 -19.95 -7.51
N VAL B 178 23.09 -19.92 -7.61
CA VAL B 178 22.32 -19.32 -6.53
C VAL B 178 22.41 -20.24 -5.33
N ASP B 179 22.28 -21.53 -5.58
CA ASP B 179 22.30 -22.51 -4.53
C ASP B 179 23.65 -22.53 -3.83
N ILE B 180 24.75 -22.40 -4.59
CA ILE B 180 26.06 -22.49 -3.95
C ILE B 180 26.32 -21.26 -3.11
N VAL B 181 25.86 -20.09 -3.53
CA VAL B 181 26.11 -18.93 -2.71
C VAL B 181 25.42 -19.14 -1.39
N ARG B 182 24.19 -19.64 -1.43
CA ARG B 182 23.49 -19.85 -0.18
C ARG B 182 24.11 -20.96 0.63
N ALA B 183 24.55 -22.05 0.01
CA ALA B 183 25.15 -23.17 0.72
C ALA B 183 26.42 -22.80 1.44
N LEU B 184 27.17 -21.89 0.83
CA LEU B 184 28.41 -21.42 1.36
C LEU B 184 28.15 -20.27 2.33
N LYS B 185 26.87 -19.93 2.47
CA LYS B 185 26.35 -18.91 3.35
C LYS B 185 26.93 -17.53 3.14
N TRP B 186 27.18 -17.14 1.91
CA TRP B 186 27.65 -15.78 1.70
C TRP B 186 26.35 -15.02 1.62
N ASN B 187 26.14 -14.05 2.51
CA ASN B 187 24.84 -13.41 2.56
C ASN B 187 24.86 -11.97 2.09
N TYR B 188 25.86 -11.62 1.29
CA TYR B 188 25.99 -10.30 0.68
C TYR B 188 26.95 -10.44 -0.51
N VAL B 189 26.46 -10.30 -1.73
CA VAL B 189 27.33 -10.62 -2.89
C VAL B 189 27.41 -9.63 -4.04
N SER B 190 28.44 -9.82 -4.85
CA SER B 190 28.56 -9.10 -6.10
C SER B 190 28.55 -10.12 -7.25
N THR B 191 28.03 -9.71 -8.39
CA THR B 191 28.01 -10.58 -9.57
C THR B 191 28.83 -9.97 -10.68
N VAL B 192 29.60 -10.79 -11.37
CA VAL B 192 30.41 -10.29 -12.48
C VAL B 192 30.27 -11.21 -13.69
N ALA B 193 30.22 -10.60 -14.88
CA ALA B 193 29.91 -11.37 -16.08
C ALA B 193 30.44 -10.78 -17.38
N SER B 194 30.78 -11.64 -18.33
CA SER B 194 31.21 -11.16 -19.64
C SER B 194 30.08 -10.64 -20.48
N GLU B 195 30.37 -9.61 -21.27
CA GLU B 195 29.45 -9.14 -22.27
C GLU B 195 29.24 -10.23 -23.30
N GLY B 196 28.00 -10.44 -23.69
CA GLY B 196 27.68 -11.48 -24.66
C GLY B 196 26.59 -12.37 -24.09
N SER B 197 25.98 -13.20 -24.91
CA SER B 197 24.87 -14.00 -24.41
C SER B 197 25.22 -14.98 -23.29
N TYR B 198 26.44 -15.49 -23.24
CA TYR B 198 26.71 -16.42 -22.15
C TYR B 198 26.64 -15.75 -20.79
N GLY B 199 27.41 -14.68 -20.64
CA GLY B 199 27.46 -13.99 -19.37
C GLY B 199 26.13 -13.35 -19.04
N GLU B 200 25.53 -12.70 -20.03
CA GLU B 200 24.30 -11.99 -19.77
C GLU B 200 23.14 -12.92 -19.42
N SER B 201 23.02 -14.07 -20.08
CA SER B 201 21.95 -15.00 -19.79
C SER B 201 22.17 -15.68 -18.45
N GLY B 202 23.44 -16.01 -18.15
CA GLY B 202 23.79 -16.66 -16.91
C GLY B 202 23.41 -15.74 -15.77
N VAL B 203 23.82 -14.48 -15.89
CA VAL B 203 23.53 -13.51 -14.86
C VAL B 203 22.07 -13.18 -14.79
N GLU B 204 21.39 -12.93 -15.89
CA GLU B 204 20.01 -12.57 -15.69
C GLU B 204 19.25 -13.68 -14.99
N ALA B 205 19.50 -14.94 -15.37
CA ALA B 205 18.78 -15.99 -14.68
C ALA B 205 19.19 -16.03 -13.22
N PHE B 206 20.47 -15.85 -12.94
CA PHE B 206 21.00 -15.84 -11.60
C PHE B 206 20.36 -14.78 -10.75
N ILE B 207 20.30 -13.56 -11.28
CA ILE B 207 19.80 -12.44 -10.51
C ILE B 207 18.34 -12.68 -10.22
N GLN B 208 17.57 -13.15 -11.20
CA GLN B 208 16.16 -13.35 -10.93
C GLN B 208 15.95 -14.40 -9.87
N LYS B 209 16.70 -15.49 -9.95
CA LYS B 209 16.57 -16.56 -9.01
C LYS B 209 17.03 -16.12 -7.63
N SER B 210 18.07 -15.31 -7.61
CA SER B 210 18.63 -14.79 -6.40
C SER B 210 17.69 -13.86 -5.70
N ARG B 211 16.99 -13.01 -6.46
CA ARG B 211 16.04 -12.09 -5.87
C ARG B 211 14.83 -12.85 -5.35
N GLU B 212 14.43 -13.91 -6.07
CA GLU B 212 13.29 -14.72 -5.65
C GLU B 212 13.57 -15.41 -4.31
N ASP B 213 14.79 -15.90 -4.12
CA ASP B 213 15.13 -16.57 -2.87
C ASP B 213 15.51 -15.57 -1.77
N GLY B 214 16.34 -14.60 -2.10
CA GLY B 214 16.76 -13.52 -1.21
C GLY B 214 17.94 -13.86 -0.28
N GLY B 215 18.31 -15.14 -0.22
CA GLY B 215 19.33 -15.64 0.73
C GLY B 215 20.74 -15.25 0.36
N VAL B 216 20.89 -14.68 -0.81
CA VAL B 216 22.21 -14.27 -1.25
C VAL B 216 22.46 -12.74 -1.12
N CYS B 217 21.39 -11.89 -0.93
CA CYS B 217 21.46 -10.43 -0.78
C CYS B 217 22.39 -9.78 -1.84
N ILE B 218 21.91 -9.68 -3.07
CA ILE B 218 22.83 -9.10 -4.05
C ILE B 218 23.02 -7.64 -3.77
N ALA B 219 24.29 -7.29 -3.65
CA ALA B 219 24.73 -5.95 -3.36
C ALA B 219 25.23 -5.20 -4.58
N GLN B 220 25.93 -5.91 -5.47
CA GLN B 220 26.60 -5.27 -6.60
C GLN B 220 26.63 -6.09 -7.89
N SER B 221 26.75 -5.42 -9.03
CA SER B 221 26.93 -6.17 -10.28
C SER B 221 27.81 -5.46 -11.31
N VAL B 222 28.56 -6.27 -12.07
CA VAL B 222 29.47 -5.82 -13.12
C VAL B 222 29.38 -6.52 -14.47
N LYS B 223 29.35 -5.72 -15.53
CA LYS B 223 29.39 -6.25 -16.89
C LYS B 223 30.77 -5.97 -17.48
N ILE B 224 31.42 -7.00 -18.02
CA ILE B 224 32.74 -6.83 -18.61
C ILE B 224 32.61 -6.67 -20.11
N PRO B 225 33.05 -5.56 -20.71
CA PRO B 225 32.97 -5.29 -22.12
C PRO B 225 33.69 -6.39 -22.87
N ARG B 226 33.26 -6.69 -24.10
CA ARG B 226 33.94 -7.74 -24.88
C ARG B 226 35.42 -7.44 -25.08
N GLU B 227 35.77 -6.17 -25.18
CA GLU B 227 37.17 -5.77 -25.32
C GLU B 227 37.52 -4.77 -24.21
N PRO B 228 37.71 -5.25 -22.96
CA PRO B 228 37.97 -4.47 -21.77
C PRO B 228 39.42 -4.07 -21.84
N LYS B 229 39.86 -3.11 -21.05
CA LYS B 229 41.27 -2.76 -21.08
C LYS B 229 42.02 -3.20 -19.84
N ALA B 230 43.31 -3.43 -19.98
CA ALA B 230 44.12 -3.80 -18.83
C ALA B 230 44.08 -2.66 -17.84
N GLY B 231 43.81 -3.00 -16.60
CA GLY B 231 43.72 -2.04 -15.51
C GLY B 231 42.26 -1.63 -15.25
N GLU B 232 41.37 -1.92 -16.20
CA GLU B 232 39.95 -1.61 -16.06
C GLU B 232 39.43 -2.40 -14.90
N PHE B 233 40.08 -3.51 -14.69
CA PHE B 233 39.79 -4.49 -13.71
C PHE B 233 40.15 -4.00 -12.32
N ASP B 234 41.03 -3.01 -12.23
CA ASP B 234 41.40 -2.50 -10.93
C ASP B 234 40.25 -1.58 -10.56
N LYS B 235 39.71 -0.90 -11.60
CA LYS B 235 38.58 0.00 -11.43
C LYS B 235 37.34 -0.82 -11.08
N ILE B 236 37.24 -2.00 -11.68
CA ILE B 236 36.17 -2.93 -11.38
C ILE B 236 36.27 -3.35 -9.95
N ILE B 237 37.48 -3.67 -9.46
CA ILE B 237 37.61 -4.00 -8.06
C ILE B 237 37.19 -2.86 -7.18
N ARG B 238 37.60 -1.64 -7.50
CA ARG B 238 37.18 -0.55 -6.66
C ARG B 238 35.67 -0.50 -6.60
N ARG B 239 34.97 -0.73 -7.73
CA ARG B 239 33.52 -0.76 -7.71
C ARG B 239 32.97 -1.96 -6.93
N LEU B 240 33.60 -3.12 -7.07
CA LEU B 240 33.16 -4.35 -6.39
C LEU B 240 33.29 -4.23 -4.89
N LEU B 241 34.20 -3.39 -4.40
CA LEU B 241 34.34 -3.23 -2.96
C LEU B 241 33.61 -2.03 -2.41
N GLU B 242 32.81 -1.32 -3.21
CA GLU B 242 32.05 -0.22 -2.63
C GLU B 242 31.13 -0.85 -1.60
N THR B 243 30.59 -2.00 -1.99
CA THR B 243 29.79 -2.84 -1.15
C THR B 243 30.83 -3.69 -0.48
N SER B 244 31.55 -3.07 0.44
CA SER B 244 32.76 -3.60 1.03
C SER B 244 32.62 -4.90 1.77
N ASN B 245 31.43 -5.21 2.26
CA ASN B 245 31.32 -6.49 2.94
C ASN B 245 30.97 -7.60 1.96
N ALA B 246 30.74 -7.26 0.68
CA ALA B 246 30.29 -8.26 -0.29
C ALA B 246 31.50 -8.97 -0.81
N ARG B 247 32.08 -9.75 0.08
CA ARG B 247 33.30 -10.47 -0.12
C ARG B 247 33.21 -11.48 -1.25
N ALA B 248 32.05 -12.15 -1.40
CA ALA B 248 31.90 -13.13 -2.47
C ALA B 248 31.65 -12.47 -3.83
N VAL B 249 32.35 -12.93 -4.87
CA VAL B 249 32.20 -12.47 -6.25
C VAL B 249 31.82 -13.67 -7.10
N ILE B 250 30.71 -13.54 -7.81
CA ILE B 250 30.20 -14.63 -8.62
C ILE B 250 30.50 -14.38 -10.08
N ILE B 251 31.29 -15.25 -10.71
CA ILE B 251 31.68 -14.99 -12.07
C ILE B 251 31.15 -15.90 -13.17
N PHE B 252 30.55 -15.26 -14.18
CA PHE B 252 30.04 -15.90 -15.41
C PHE B 252 30.78 -15.21 -16.56
N ALA B 253 32.03 -15.56 -16.74
CA ALA B 253 32.86 -14.81 -17.66
C ALA B 253 33.92 -15.65 -18.35
N ASN B 254 34.39 -15.13 -19.46
CA ASN B 254 35.44 -15.72 -20.28
C ASN B 254 36.75 -15.90 -19.55
N GLU B 255 37.48 -16.95 -19.89
CA GLU B 255 38.79 -17.27 -19.35
C GLU B 255 39.72 -16.07 -19.24
N ASP B 256 39.71 -15.17 -20.23
CA ASP B 256 40.61 -14.03 -20.18
C ASP B 256 40.06 -12.96 -19.26
N ASP B 257 38.74 -12.88 -19.11
CA ASP B 257 38.12 -11.87 -18.29
C ASP B 257 38.32 -12.29 -16.84
N ILE B 258 38.31 -13.61 -16.62
CA ILE B 258 38.53 -14.17 -15.30
C ILE B 258 39.94 -13.84 -14.88
N ARG B 259 40.91 -14.07 -15.78
CA ARG B 259 42.26 -13.72 -15.43
C ARG B 259 42.38 -12.24 -15.20
N ARG B 260 41.78 -11.39 -16.02
CA ARG B 260 41.98 -9.98 -15.77
C ARG B 260 41.45 -9.54 -14.39
N VAL B 261 40.32 -10.10 -13.92
CA VAL B 261 39.81 -9.74 -12.60
C VAL B 261 40.75 -10.23 -11.51
N LEU B 262 41.21 -11.46 -11.63
CA LEU B 262 42.09 -12.02 -10.63
C LEU B 262 43.46 -11.30 -10.66
N GLU B 263 43.94 -10.92 -11.83
CA GLU B 263 45.22 -10.24 -11.93
C GLU B 263 45.13 -8.90 -11.25
N ALA B 264 43.99 -8.24 -11.43
CA ALA B 264 43.74 -6.97 -10.78
C ALA B 264 43.73 -7.17 -9.29
N ALA B 265 43.19 -8.30 -8.83
CA ALA B 265 43.17 -8.60 -7.41
C ALA B 265 44.59 -8.66 -6.88
N ARG B 266 45.55 -9.12 -7.69
CA ARG B 266 46.91 -9.12 -7.17
C ARG B 266 47.42 -7.70 -7.05
N ARG B 267 47.16 -6.89 -8.06
CA ARG B 267 47.64 -5.50 -8.04
C ARG B 267 47.01 -4.71 -6.91
N ALA B 268 45.76 -5.01 -6.64
CA ALA B 268 44.95 -4.39 -5.62
C ALA B 268 45.11 -5.06 -4.25
N ASN B 269 45.92 -6.14 -4.14
CA ASN B 269 46.11 -6.89 -2.91
C ASN B 269 44.78 -7.35 -2.29
N GLN B 270 43.88 -7.90 -3.11
CA GLN B 270 42.58 -8.33 -2.62
C GLN B 270 42.37 -9.78 -2.24
N THR B 271 43.34 -10.68 -2.40
CA THR B 271 42.97 -12.03 -2.00
C THR B 271 42.61 -11.98 -0.51
N GLY B 272 41.45 -12.49 -0.14
CA GLY B 272 41.04 -12.51 1.27
C GLY B 272 40.06 -11.41 1.61
N HIS B 273 39.85 -10.49 0.67
CA HIS B 273 38.91 -9.42 0.81
C HIS B 273 37.90 -9.81 -0.21
N PHE B 274 38.46 -10.41 -1.25
CA PHE B 274 37.75 -10.96 -2.39
C PHE B 274 37.82 -12.48 -2.40
N PHE B 275 36.63 -13.05 -2.46
CA PHE B 275 36.37 -14.49 -2.48
C PHE B 275 35.66 -14.84 -3.74
N TRP B 276 36.27 -15.63 -4.59
CA TRP B 276 35.65 -15.88 -5.88
C TRP B 276 34.96 -17.20 -6.02
N MET B 277 33.92 -17.18 -6.80
CA MET B 277 33.24 -18.39 -7.16
C MET B 277 32.76 -18.20 -8.59
N GLY B 278 32.40 -19.26 -9.27
CA GLY B 278 31.93 -19.04 -10.63
C GLY B 278 31.42 -20.23 -11.41
N SER B 279 31.04 -19.92 -12.62
CA SER B 279 30.43 -20.80 -13.59
C SER B 279 31.45 -21.69 -14.28
N ASP B 280 30.94 -22.46 -15.22
CA ASP B 280 31.66 -23.46 -15.99
C ASP B 280 32.67 -22.85 -16.93
N SER B 281 32.55 -21.55 -17.16
CA SER B 281 33.44 -20.79 -18.04
C SER B 281 34.81 -20.67 -17.38
N TRP B 282 34.83 -20.94 -16.08
CA TRP B 282 36.01 -20.95 -15.25
C TRP B 282 36.21 -22.45 -15.04
N GLY B 283 35.19 -23.05 -14.43
CA GLY B 283 35.11 -24.46 -14.23
C GLY B 283 36.28 -25.09 -13.52
N SER B 284 36.79 -26.15 -14.14
CA SER B 284 37.92 -26.88 -13.60
C SER B 284 39.14 -26.58 -14.42
N LYS B 285 39.04 -25.57 -15.29
CA LYS B 285 40.19 -25.28 -16.10
C LYS B 285 41.21 -24.60 -15.24
N ILE B 286 42.48 -24.94 -15.45
CA ILE B 286 43.56 -24.26 -14.77
C ILE B 286 43.96 -23.02 -15.55
N ALA B 287 43.54 -22.95 -16.80
CA ALA B 287 43.92 -21.84 -17.66
C ALA B 287 43.59 -20.45 -17.05
N PRO B 288 42.40 -20.21 -16.46
CA PRO B 288 41.98 -18.93 -15.90
C PRO B 288 42.79 -18.53 -14.67
N VAL B 289 43.59 -19.45 -14.10
CA VAL B 289 44.33 -19.14 -12.89
C VAL B 289 45.83 -19.32 -13.08
N LEU B 290 46.31 -19.57 -14.30
CA LEU B 290 47.73 -19.90 -14.41
C LEU B 290 48.60 -18.76 -14.01
N HIS B 291 49.57 -19.07 -13.15
CA HIS B 291 50.57 -18.15 -12.60
C HIS B 291 49.92 -17.06 -11.74
N LEU B 292 48.62 -17.25 -11.47
CA LEU B 292 47.74 -16.42 -10.70
C LEU B 292 47.07 -17.19 -9.55
N GLU B 293 47.73 -18.27 -9.14
CA GLU B 293 47.24 -19.21 -8.15
C GLU B 293 47.02 -18.57 -6.76
N GLU B 294 47.80 -17.53 -6.43
CA GLU B 294 47.69 -16.85 -5.13
C GLU B 294 46.40 -16.03 -5.00
N VAL B 295 45.66 -15.89 -6.09
CA VAL B 295 44.41 -15.20 -6.01
C VAL B 295 43.31 -16.24 -6.08
N ALA B 296 43.47 -17.15 -7.04
CA ALA B 296 42.49 -18.18 -7.30
C ALA B 296 42.26 -19.15 -6.13
N GLU B 297 43.29 -19.45 -5.35
CA GLU B 297 43.11 -20.42 -4.29
C GLU B 297 41.94 -20.04 -3.41
N GLY B 298 41.10 -21.02 -3.15
CA GLY B 298 39.97 -20.86 -2.30
C GLY B 298 38.71 -20.59 -3.11
N ALA B 299 38.88 -20.39 -4.42
CA ALA B 299 37.73 -20.16 -5.26
C ALA B 299 36.91 -21.42 -5.41
N VAL B 300 35.60 -21.22 -5.60
CA VAL B 300 34.69 -22.34 -5.84
C VAL B 300 33.97 -22.24 -7.18
N THR B 301 34.16 -23.21 -8.05
CA THR B 301 33.52 -23.12 -9.36
C THR B 301 32.74 -24.37 -9.75
N ILE B 302 31.80 -24.22 -10.67
CA ILE B 302 30.97 -25.36 -11.03
C ILE B 302 30.92 -25.77 -12.52
N LEU B 303 31.12 -27.07 -12.77
CA LEU B 303 31.03 -27.70 -14.09
C LEU B 303 30.04 -28.84 -14.13
N PRO B 304 29.47 -29.17 -15.29
CA PRO B 304 28.67 -30.33 -15.51
C PRO B 304 29.60 -31.51 -15.41
N LYS B 305 29.07 -32.67 -15.13
CA LYS B 305 29.87 -33.89 -15.16
C LYS B 305 30.18 -34.26 -16.58
N ARG B 306 31.37 -34.82 -16.77
CA ARG B 306 31.82 -35.31 -18.06
C ARG B 306 32.31 -36.71 -17.86
N MET B 307 31.73 -37.67 -18.54
CA MET B 307 32.16 -39.04 -18.37
C MET B 307 32.51 -39.67 -19.71
N SER B 308 33.69 -40.30 -19.77
CA SER B 308 34.11 -40.94 -21.00
C SER B 308 33.59 -42.35 -21.08
N VAL B 309 33.56 -42.88 -22.29
CA VAL B 309 33.15 -44.24 -22.52
C VAL B 309 34.20 -44.99 -23.34
N ARG B 310 34.65 -46.13 -22.80
CA ARG B 310 35.69 -46.92 -23.48
C ARG B 310 35.24 -47.40 -24.83
N GLY B 311 33.95 -47.66 -24.98
CA GLY B 311 33.43 -48.13 -26.24
C GLY B 311 33.85 -47.20 -27.38
N PHE B 312 34.01 -45.91 -27.08
CA PHE B 312 34.42 -44.94 -28.05
C PHE B 312 35.94 -44.86 -28.15
N ASP B 313 36.61 -44.79 -26.99
CA ASP B 313 38.06 -44.60 -26.99
C ASP B 313 38.79 -45.72 -27.71
N ARG B 314 38.22 -46.93 -27.66
CA ARG B 314 38.81 -48.07 -28.31
C ARG B 314 38.83 -48.00 -29.84
N TYR B 315 37.92 -47.23 -30.48
CA TYR B 315 37.98 -47.21 -31.94
C TYR B 315 38.60 -45.90 -32.37
N PHE B 316 38.54 -44.89 -31.51
CA PHE B 316 39.09 -43.59 -31.84
C PHE B 316 40.59 -43.54 -31.93
N SER B 317 41.21 -44.66 -31.72
CA SER B 317 42.62 -44.81 -31.89
C SER B 317 42.88 -45.02 -33.40
N SER B 318 42.78 -46.26 -33.84
CA SER B 318 43.04 -46.63 -35.21
C SER B 318 41.88 -46.50 -36.20
N ARG B 319 40.67 -46.18 -35.72
CA ARG B 319 39.48 -46.03 -36.56
C ARG B 319 39.18 -47.27 -37.41
N THR B 320 39.27 -48.42 -36.75
CA THR B 320 39.10 -49.75 -37.33
C THR B 320 37.67 -50.16 -37.53
N LEU B 321 36.74 -49.27 -37.22
CA LEU B 321 35.34 -49.59 -37.45
C LEU B 321 35.24 -49.80 -38.96
N ASP B 322 35.98 -48.97 -39.71
CA ASP B 322 36.12 -49.04 -41.14
C ASP B 322 37.30 -48.16 -41.48
N ASN B 323 38.47 -48.77 -41.69
CA ASN B 323 39.68 -48.00 -41.89
C ASN B 323 39.75 -47.39 -43.28
N ASN B 324 38.76 -47.73 -44.11
CA ASN B 324 38.67 -47.19 -45.43
C ASN B 324 37.41 -46.32 -45.58
N ARG B 325 36.76 -45.96 -44.46
CA ARG B 325 35.59 -45.09 -44.55
C ARG B 325 35.47 -44.13 -43.36
N ARG B 326 35.48 -44.66 -42.13
CA ARG B 326 35.32 -43.80 -40.95
C ARG B 326 36.64 -43.04 -40.80
N ASN B 327 37.72 -43.76 -41.07
CA ASN B 327 39.07 -43.24 -41.04
C ASN B 327 39.29 -42.28 -42.18
N ILE B 328 38.49 -42.41 -43.23
CA ILE B 328 38.60 -41.58 -44.41
C ILE B 328 37.81 -40.31 -44.21
N TRP B 329 36.64 -40.39 -43.58
CA TRP B 329 35.95 -39.15 -43.31
C TRP B 329 36.89 -38.30 -42.46
N PHE B 330 37.69 -38.95 -41.61
CA PHE B 330 38.65 -38.23 -40.80
C PHE B 330 39.97 -37.93 -41.57
N ALA B 331 40.33 -38.74 -42.59
CA ALA B 331 41.52 -38.56 -43.45
C ALA B 331 41.48 -37.23 -44.12
N GLU B 332 40.28 -36.73 -44.35
CA GLU B 332 40.13 -35.43 -44.97
C GLU B 332 40.82 -34.37 -44.06
N PHE B 333 41.10 -34.71 -42.79
CA PHE B 333 41.87 -33.89 -41.88
C PHE B 333 43.23 -34.51 -41.51
N TRP B 334 43.28 -35.78 -41.07
CA TRP B 334 44.57 -36.30 -40.59
C TRP B 334 45.62 -36.34 -41.68
N GLU B 335 45.24 -36.41 -42.96
CA GLU B 335 46.25 -36.44 -44.00
C GLU B 335 47.00 -35.12 -44.06
N ASP B 336 46.36 -34.01 -43.65
CA ASP B 336 47.06 -32.74 -43.68
C ASP B 336 47.86 -32.62 -42.39
N ASN B 337 47.33 -33.18 -41.31
CA ASN B 337 48.02 -33.12 -40.03
C ASN B 337 49.39 -33.78 -40.19
N PHE B 338 49.42 -34.83 -41.01
CA PHE B 338 50.64 -35.56 -41.34
C PHE B 338 51.16 -35.37 -42.78
N HIS B 339 50.84 -34.21 -43.46
CA HIS B 339 51.27 -33.85 -44.83
C HIS B 339 50.63 -34.79 -45.87
N GLU B 360 50.97 -42.31 -41.11
CA GLU B 360 50.64 -41.86 -39.77
C GLU B 360 49.13 -41.60 -39.63
N ARG B 361 48.61 -41.67 -38.37
CA ARG B 361 47.18 -41.46 -38.04
C ARG B 361 46.94 -40.69 -36.73
N ILE B 362 45.92 -39.85 -36.75
CA ILE B 362 45.52 -39.26 -35.50
C ILE B 362 44.79 -40.39 -34.83
N GLY B 363 45.11 -40.60 -33.56
CA GLY B 363 44.61 -41.66 -32.73
C GLY B 363 45.67 -42.75 -32.53
N GLN B 364 46.72 -42.73 -33.35
CA GLN B 364 47.81 -43.69 -33.21
C GLN B 364 49.07 -42.93 -32.87
N ASP B 365 49.39 -41.94 -33.72
CA ASP B 365 50.56 -41.09 -33.57
C ASP B 365 50.21 -39.92 -32.69
N SER B 366 48.95 -39.52 -32.74
CA SER B 366 48.44 -38.42 -31.92
C SER B 366 47.30 -38.94 -31.05
N ALA B 367 47.49 -38.92 -29.74
CA ALA B 367 46.52 -39.53 -28.82
C ALA B 367 45.13 -38.91 -28.84
N TYR B 368 44.13 -39.77 -28.66
CA TYR B 368 42.74 -39.35 -28.57
C TYR B 368 42.22 -39.33 -27.14
N GLU B 369 41.49 -38.27 -26.83
CA GLU B 369 40.80 -38.14 -25.55
C GLU B 369 39.36 -37.79 -25.87
N GLN B 370 38.42 -38.31 -25.11
CA GLN B 370 37.03 -38.00 -25.36
C GLN B 370 36.57 -36.68 -24.76
N GLU B 371 35.96 -35.85 -25.61
CA GLU B 371 35.39 -34.59 -25.17
C GLU B 371 34.13 -34.94 -24.38
N GLY B 372 33.87 -34.29 -23.26
CA GLY B 372 32.65 -34.59 -22.49
C GLY B 372 31.36 -34.32 -23.26
N LYS B 373 31.46 -33.48 -24.27
CA LYS B 373 30.32 -33.15 -25.08
C LYS B 373 29.85 -34.37 -25.82
N VAL B 374 30.71 -35.38 -25.99
CA VAL B 374 30.39 -36.63 -26.66
C VAL B 374 29.34 -37.34 -25.84
N GLN B 375 29.42 -37.26 -24.52
CA GLN B 375 28.42 -37.89 -23.68
C GLN B 375 27.08 -37.38 -24.14
N PHE B 376 27.04 -36.08 -24.33
CA PHE B 376 25.83 -35.41 -24.75
C PHE B 376 25.51 -35.64 -26.23
N VAL B 377 26.53 -35.71 -27.10
CA VAL B 377 26.27 -35.92 -28.51
C VAL B 377 25.55 -37.19 -28.68
N ILE B 378 26.04 -38.20 -28.02
CA ILE B 378 25.54 -39.52 -28.18
C ILE B 378 24.22 -39.71 -27.52
N ASP B 379 24.03 -39.16 -26.33
CA ASP B 379 22.74 -39.33 -25.75
C ASP B 379 21.67 -38.69 -26.67
N ALA B 380 21.98 -37.58 -27.37
CA ALA B 380 20.98 -37.00 -28.29
C ALA B 380 20.66 -37.99 -29.42
N VAL B 381 21.69 -38.68 -29.91
CA VAL B 381 21.56 -39.65 -30.97
C VAL B 381 20.70 -40.84 -30.52
N TYR B 382 20.97 -41.35 -29.31
CA TYR B 382 20.19 -42.45 -28.73
C TYR B 382 18.77 -42.01 -28.39
N ALA B 383 18.58 -40.76 -27.97
CA ALA B 383 17.24 -40.33 -27.64
C ALA B 383 16.36 -40.37 -28.87
N MET B 384 16.90 -39.99 -30.03
CA MET B 384 16.12 -40.09 -31.24
C MET B 384 15.85 -41.56 -31.50
N GLY B 385 16.87 -42.41 -31.33
CA GLY B 385 16.74 -43.87 -31.45
C GLY B 385 15.57 -44.44 -30.63
N HIS B 386 15.45 -44.07 -29.36
CA HIS B 386 14.31 -44.46 -28.52
C HIS B 386 13.00 -43.90 -29.04
N ALA B 387 12.93 -42.63 -29.45
CA ALA B 387 11.66 -42.09 -29.90
C ALA B 387 11.19 -42.77 -31.19
N LEU B 388 12.13 -43.10 -32.08
CA LEU B 388 11.87 -43.80 -33.32
C LEU B 388 11.37 -45.21 -33.03
N HIS B 389 12.03 -45.91 -32.12
CA HIS B 389 11.60 -47.25 -31.72
C HIS B 389 10.17 -47.22 -31.18
N ALA B 390 9.85 -46.27 -30.30
CA ALA B 390 8.53 -46.21 -29.74
C ALA B 390 7.50 -45.87 -30.80
N MET B 391 7.85 -44.98 -31.73
CA MET B 391 6.93 -44.73 -32.80
C MET B 391 6.66 -45.99 -33.60
N HIS B 392 7.71 -46.72 -33.99
CA HIS B 392 7.55 -47.92 -34.81
C HIS B 392 6.74 -49.00 -34.13
N ARG B 393 6.89 -49.24 -32.81
CA ARG B 393 6.14 -50.34 -32.21
C ARG B 393 4.65 -49.96 -32.20
N ASP B 394 4.32 -48.65 -32.10
CA ASP B 394 2.93 -48.24 -32.11
C ASP B 394 2.36 -47.98 -33.52
N LEU B 395 3.21 -47.50 -34.45
CA LEU B 395 2.83 -47.18 -35.85
C LEU B 395 2.61 -48.41 -36.76
N CYS B 396 3.44 -49.45 -36.56
CA CYS B 396 3.53 -50.65 -37.37
C CYS B 396 3.90 -51.85 -36.48
N PRO B 397 3.03 -52.27 -35.56
CA PRO B 397 3.32 -53.29 -34.60
C PRO B 397 3.72 -54.57 -35.33
N GLY B 398 4.72 -55.25 -34.81
CA GLY B 398 5.17 -56.50 -35.41
C GLY B 398 6.24 -56.32 -36.48
N ARG B 399 6.52 -55.09 -36.89
CA ARG B 399 7.52 -54.87 -37.93
C ARG B 399 8.87 -54.58 -37.29
N VAL B 400 9.93 -55.02 -37.96
CA VAL B 400 11.24 -55.26 -37.33
C VAL B 400 12.26 -54.18 -37.68
N GLY B 401 11.84 -53.03 -38.18
CA GLY B 401 12.76 -51.94 -38.51
C GLY B 401 12.05 -50.72 -39.10
N LEU B 402 12.79 -49.85 -39.77
CA LEU B 402 12.26 -48.74 -40.56
C LEU B 402 11.06 -49.20 -41.41
N CYS B 403 9.97 -48.47 -41.31
CA CYS B 403 8.71 -48.82 -41.95
C CYS B 403 8.10 -47.71 -42.81
N PRO B 404 7.24 -48.09 -43.77
CA PRO B 404 6.70 -47.19 -44.77
C PRO B 404 5.74 -46.19 -44.14
N ARG B 405 5.27 -46.52 -42.93
CA ARG B 405 4.39 -45.66 -42.14
C ARG B 405 5.18 -44.52 -41.48
N MET B 406 6.44 -44.78 -41.16
CA MET B 406 7.34 -43.83 -40.52
C MET B 406 7.89 -42.82 -41.54
N ASP B 407 7.98 -43.17 -42.82
CA ASP B 407 8.42 -42.20 -43.80
C ASP B 407 7.43 -40.97 -43.71
N PRO B 408 6.09 -41.10 -43.93
CA PRO B 408 5.09 -40.05 -43.77
C PRO B 408 4.68 -39.86 -42.31
N VAL B 409 5.62 -39.39 -41.50
CA VAL B 409 5.41 -39.16 -40.07
C VAL B 409 5.27 -37.68 -39.74
N ASP B 410 4.37 -37.38 -38.82
CA ASP B 410 4.20 -36.03 -38.33
C ASP B 410 5.19 -35.86 -37.20
N GLY B 411 6.14 -34.94 -37.33
CA GLY B 411 7.18 -34.77 -36.34
C GLY B 411 6.63 -34.51 -34.94
N THR B 412 5.38 -34.07 -34.85
CA THR B 412 4.70 -33.80 -33.61
C THR B 412 4.58 -35.11 -32.83
N GLN B 413 4.32 -36.21 -33.55
CA GLN B 413 4.16 -37.49 -32.92
C GLN B 413 5.49 -37.83 -32.28
N LEU B 414 6.57 -37.56 -33.02
CA LEU B 414 7.90 -37.78 -32.47
C LEU B 414 8.18 -36.86 -31.32
N LEU B 415 7.74 -35.61 -31.36
CA LEU B 415 8.08 -34.74 -30.24
C LEU B 415 7.48 -35.28 -28.98
N LYS B 416 6.29 -35.84 -29.07
CA LYS B 416 5.68 -36.40 -27.88
C LYS B 416 6.52 -37.59 -27.39
N TYR B 417 6.99 -38.43 -28.31
CA TYR B 417 7.79 -39.57 -27.88
C TYR B 417 9.17 -39.16 -27.39
N ILE B 418 9.74 -38.07 -27.94
CA ILE B 418 11.04 -37.55 -27.54
C ILE B 418 10.95 -37.00 -26.14
N ARG B 419 9.91 -36.20 -25.87
CA ARG B 419 9.71 -35.64 -24.54
C ARG B 419 9.58 -36.77 -23.52
N ASN B 420 9.01 -37.90 -23.95
CA ASN B 420 8.83 -39.04 -23.08
C ASN B 420 9.98 -40.06 -23.08
N VAL B 421 11.12 -39.73 -23.71
CA VAL B 421 12.28 -40.62 -23.68
C VAL B 421 12.97 -40.59 -22.33
N ASN B 422 13.29 -41.80 -21.83
CA ASN B 422 13.99 -42.01 -20.57
C ASN B 422 14.87 -43.26 -20.66
N PHE B 423 16.18 -43.07 -20.74
CA PHE B 423 17.07 -44.23 -20.91
C PHE B 423 18.41 -44.01 -20.26
N SER B 424 19.17 -45.08 -20.01
CA SER B 424 20.51 -44.88 -19.48
C SER B 424 21.39 -44.44 -20.64
N GLY B 425 22.15 -43.37 -20.45
CA GLY B 425 22.99 -42.85 -21.52
C GLY B 425 24.27 -43.62 -21.61
N ILE B 426 25.17 -43.17 -22.46
CA ILE B 426 26.40 -43.96 -22.62
C ILE B 426 27.27 -44.00 -21.36
N ALA B 427 27.16 -42.97 -20.52
CA ALA B 427 27.91 -42.92 -19.27
C ALA B 427 27.20 -43.70 -18.15
N GLY B 428 26.00 -44.23 -18.40
CA GLY B 428 25.21 -45.00 -17.44
C GLY B 428 24.14 -44.24 -16.67
N ASN B 429 24.17 -42.92 -16.68
CA ASN B 429 23.17 -42.14 -15.97
C ASN B 429 21.99 -41.94 -16.88
N PRO B 430 20.76 -41.79 -16.36
CA PRO B 430 19.56 -41.58 -17.13
C PRO B 430 19.56 -40.28 -17.91
N VAL B 431 18.97 -40.34 -19.08
CA VAL B 431 18.77 -39.23 -19.98
C VAL B 431 17.30 -38.99 -20.05
N THR B 432 16.87 -37.81 -19.63
CA THR B 432 15.45 -37.48 -19.63
C THR B 432 15.26 -36.10 -20.20
N PHE B 433 14.02 -35.75 -20.49
CA PHE B 433 13.68 -34.41 -20.98
C PHE B 433 12.56 -33.81 -20.14
N ASN B 434 12.58 -32.50 -19.93
CA ASN B 434 11.45 -31.86 -19.27
C ASN B 434 10.50 -31.40 -20.35
N GLU B 435 9.46 -30.70 -19.97
CA GLU B 435 8.43 -30.26 -20.90
C GLU B 435 8.93 -29.26 -21.96
N ASN B 436 10.08 -28.63 -21.73
CA ASN B 436 10.63 -27.67 -22.67
C ASN B 436 11.76 -28.32 -23.45
N GLY B 437 11.98 -29.60 -23.21
CA GLY B 437 13.03 -30.32 -23.88
C GLY B 437 14.38 -30.19 -23.18
N ASP B 438 14.41 -29.58 -21.98
CA ASP B 438 15.67 -29.42 -21.27
C ASP B 438 16.04 -30.74 -20.70
N ALA B 439 17.31 -30.97 -20.50
CA ALA B 439 17.70 -32.19 -19.84
C ALA B 439 18.59 -31.88 -18.66
N PRO B 440 18.02 -31.65 -17.47
CA PRO B 440 18.72 -31.24 -16.28
C PRO B 440 19.87 -32.19 -16.08
N GLY B 441 21.03 -31.64 -15.82
CA GLY B 441 22.23 -32.44 -15.66
C GLY B 441 22.68 -32.61 -14.23
N ARG B 442 23.95 -32.97 -14.13
CA ARG B 442 24.62 -33.26 -12.89
C ARG B 442 25.94 -32.51 -12.97
N TYR B 443 26.30 -31.79 -11.91
CA TYR B 443 27.47 -30.93 -11.86
C TYR B 443 28.50 -31.21 -10.75
N ASP B 444 29.76 -30.98 -11.09
CA ASP B 444 30.94 -31.11 -10.23
C ASP B 444 31.38 -29.75 -9.64
N ILE B 445 31.47 -29.66 -8.31
CA ILE B 445 31.82 -28.41 -7.65
C ILE B 445 33.26 -28.43 -7.15
N TYR B 446 34.10 -27.58 -7.75
CA TYR B 446 35.55 -27.53 -7.54
C TYR B 446 36.08 -26.51 -6.55
N GLN B 447 37.09 -26.95 -5.80
CA GLN B 447 37.84 -26.24 -4.77
C GLN B 447 39.26 -25.96 -5.18
N TYR B 448 39.66 -24.71 -5.24
CA TYR B 448 41.04 -24.49 -5.70
C TYR B 448 42.02 -24.47 -4.53
N GLN B 449 42.99 -25.40 -4.48
CA GLN B 449 43.93 -25.47 -3.33
C GLN B 449 45.39 -25.33 -3.73
N LEU B 450 46.22 -24.62 -2.94
CA LEU B 450 47.64 -24.49 -3.35
C LEU B 450 48.56 -25.58 -2.91
N ARG B 451 48.52 -26.67 -3.64
CA ARG B 451 49.33 -27.82 -3.30
C ARG B 451 50.73 -27.48 -3.71
N ASN B 452 51.58 -27.25 -2.73
CA ASN B 452 52.95 -26.84 -2.95
C ASN B 452 52.95 -25.59 -3.83
N ASP B 453 51.98 -24.70 -3.61
CA ASP B 453 51.88 -23.47 -4.38
C ASP B 453 51.02 -23.55 -5.65
N SER B 454 50.61 -24.74 -6.09
CA SER B 454 49.81 -24.90 -7.30
C SER B 454 48.31 -25.02 -7.05
N ALA B 455 47.50 -24.24 -7.76
CA ALA B 455 46.05 -24.28 -7.57
C ALA B 455 45.49 -25.51 -8.27
N GLU B 456 45.58 -26.62 -7.55
CA GLU B 456 45.12 -27.92 -8.00
C GLU B 456 43.68 -28.00 -7.57
N TYR B 457 42.81 -28.44 -8.44
CA TYR B 457 41.43 -28.39 -8.04
C TYR B 457 40.94 -29.72 -7.50
N LYS B 458 40.28 -29.63 -6.37
CA LYS B 458 39.66 -30.74 -5.67
C LYS B 458 38.20 -30.45 -5.70
N VAL B 459 37.35 -31.24 -5.07
CA VAL B 459 35.95 -30.91 -5.10
C VAL B 459 35.33 -30.82 -3.72
N ILE B 460 34.27 -30.05 -3.63
CA ILE B 460 33.51 -29.87 -2.39
C ILE B 460 32.48 -30.95 -2.46
N GLY B 461 31.95 -31.10 -3.66
CA GLY B 461 30.86 -32.01 -3.84
C GLY B 461 30.24 -31.85 -5.20
N SER B 462 28.94 -32.05 -5.25
CA SER B 462 28.20 -32.00 -6.50
C SER B 462 26.83 -31.35 -6.39
N TRP B 463 26.29 -31.03 -7.55
CA TRP B 463 24.97 -30.43 -7.65
C TRP B 463 24.09 -31.21 -8.61
N THR B 464 22.92 -31.59 -8.13
CA THR B 464 21.98 -32.36 -8.93
C THR B 464 20.62 -31.71 -8.75
N ASP B 465 20.55 -30.41 -8.99
CA ASP B 465 19.40 -29.56 -8.67
C ASP B 465 19.17 -29.62 -7.14
N HIS B 466 20.27 -29.85 -6.45
CA HIS B 466 20.41 -29.96 -5.01
C HIS B 466 21.89 -29.94 -4.69
N LEU B 467 22.30 -29.32 -3.61
CA LEU B 467 23.72 -29.39 -3.25
C LEU B 467 24.06 -30.49 -2.28
N HIS B 468 25.09 -31.23 -2.65
CA HIS B 468 25.63 -32.35 -1.90
C HIS B 468 27.07 -32.02 -1.57
N LEU B 469 27.28 -31.28 -0.49
CA LEU B 469 28.61 -30.74 -0.21
C LEU B 469 29.22 -31.09 1.11
N ARG B 470 30.53 -31.30 1.11
CA ARG B 470 31.27 -31.43 2.35
C ARG B 470 32.33 -30.34 2.40
N ILE B 471 31.97 -29.22 3.02
CA ILE B 471 32.78 -28.00 3.07
C ILE B 471 34.05 -28.21 3.88
N GLU B 472 34.09 -29.31 4.61
CA GLU B 472 35.23 -29.73 5.40
C GLU B 472 36.46 -29.92 4.49
N ARG B 473 36.21 -30.13 3.21
CA ARG B 473 37.25 -30.35 2.23
C ARG B 473 37.82 -29.03 1.71
N MET B 474 37.18 -27.90 2.05
CA MET B 474 37.50 -26.61 1.50
C MET B 474 38.65 -25.94 2.22
N HIS B 475 39.47 -25.22 1.45
CA HIS B 475 40.55 -24.44 2.02
C HIS B 475 40.66 -23.04 1.41
N TRP B 476 40.63 -22.01 2.25
CA TRP B 476 40.81 -20.62 1.82
C TRP B 476 42.19 -20.12 2.31
N PRO B 477 42.99 -19.37 1.52
CA PRO B 477 44.27 -18.86 1.96
C PRO B 477 44.18 -18.10 3.26
N GLY B 478 44.97 -18.51 4.23
CA GLY B 478 45.03 -17.85 5.52
C GLY B 478 44.00 -18.34 6.53
N SER B 479 43.03 -19.14 6.10
CA SER B 479 42.01 -19.61 7.04
C SER B 479 41.69 -21.10 6.97
N GLY B 480 42.08 -21.78 5.89
CA GLY B 480 41.78 -23.19 5.77
C GLY B 480 40.28 -23.47 5.67
N GLN B 481 39.77 -24.30 6.57
CA GLN B 481 38.36 -24.69 6.55
C GLN B 481 37.41 -23.64 7.11
N GLN B 482 37.35 -22.51 6.42
CA GLN B 482 36.51 -21.39 6.82
C GLN B 482 36.06 -20.53 5.65
N LEU B 483 34.86 -20.01 5.80
CA LEU B 483 34.28 -19.07 4.88
C LEU B 483 33.97 -17.79 5.63
N PRO B 484 34.71 -16.71 5.44
CA PRO B 484 34.47 -15.43 6.08
C PRO B 484 33.25 -14.82 5.42
N ARG B 485 32.11 -15.37 5.78
CA ARG B 485 30.81 -15.08 5.20
C ARG B 485 30.50 -13.61 5.21
N SER B 486 30.01 -13.13 4.07
CA SER B 486 29.63 -11.75 3.92
C SER B 486 28.28 -11.49 4.48
N ILE B 487 28.09 -10.28 4.98
CA ILE B 487 26.81 -9.81 5.48
C ILE B 487 26.58 -8.36 5.03
N CYS B 488 25.31 -7.89 4.98
CA CYS B 488 25.01 -6.48 4.79
C CYS B 488 25.05 -5.84 6.19
N SER B 489 24.20 -6.37 7.08
CA SER B 489 24.22 -5.93 8.47
C SER B 489 24.59 -7.06 9.40
N LEU B 490 25.11 -6.69 10.57
CA LEU B 490 25.51 -7.64 11.57
C LEU B 490 24.38 -7.79 12.59
N PRO B 491 24.06 -8.99 13.09
CA PRO B 491 23.07 -9.18 14.12
C PRO B 491 23.48 -8.28 15.28
N CYS B 492 22.50 -7.61 15.91
CA CYS B 492 22.69 -6.65 16.98
C CYS B 492 22.31 -7.32 18.32
N GLN B 493 22.87 -6.81 19.40
CA GLN B 493 22.70 -7.41 20.71
C GLN B 493 21.26 -7.44 21.23
N PRO B 494 20.91 -8.37 22.14
CA PRO B 494 19.61 -8.45 22.77
C PRO B 494 19.32 -7.13 23.40
N GLY B 495 18.09 -6.71 23.29
CA GLY B 495 17.67 -5.43 23.83
C GLY B 495 17.79 -4.33 22.80
N GLU B 496 18.34 -4.67 21.64
CA GLU B 496 18.51 -3.68 20.62
C GLU B 496 17.73 -4.10 19.36
N ARG B 497 17.07 -3.14 18.72
CA ARG B 497 16.21 -3.44 17.56
C ARG B 497 16.90 -3.53 16.22
N LYS B 498 16.56 -4.54 15.42
CA LYS B 498 17.07 -4.66 14.06
C LYS B 498 16.04 -4.21 13.05
N LYS B 499 16.17 -2.99 12.56
CA LYS B 499 15.19 -2.42 11.66
C LYS B 499 15.57 -2.65 10.21
N THR B 500 14.74 -3.33 9.46
CA THR B 500 15.07 -3.69 8.09
C THR B 500 15.39 -2.46 7.23
N VAL B 501 16.49 -2.52 6.49
CA VAL B 501 16.86 -1.44 5.57
C VAL B 501 15.91 -1.58 4.42
N LYS B 502 15.25 -0.51 4.03
CA LYS B 502 14.28 -0.64 2.95
C LYS B 502 14.88 -1.33 1.72
N GLY B 503 14.22 -2.39 1.28
CA GLY B 503 14.60 -3.17 0.11
C GLY B 503 15.49 -4.37 0.41
N MET B 504 16.01 -4.47 1.63
CA MET B 504 16.89 -5.56 1.99
C MET B 504 16.57 -6.31 3.27
N PRO B 505 15.94 -7.48 3.17
CA PRO B 505 15.63 -8.26 4.40
C PRO B 505 16.91 -8.63 5.22
N CYS B 506 18.04 -8.79 4.51
CA CYS B 506 19.40 -9.13 4.87
C CYS B 506 20.16 -7.98 5.53
N CYS B 507 19.56 -6.80 5.53
CA CYS B 507 20.28 -5.67 6.00
C CYS B 507 19.38 -4.90 6.97
N TRP B 508 19.95 -4.36 8.03
CA TRP B 508 19.19 -3.63 9.02
C TRP B 508 19.98 -2.57 9.71
N HIS B 509 19.28 -1.62 10.28
CA HIS B 509 19.87 -0.58 11.09
C HIS B 509 19.68 -1.07 12.51
N CYS B 510 20.63 -0.79 13.45
CA CYS B 510 20.42 -1.19 14.86
C CYS B 510 20.00 0.04 15.66
N GLU B 511 18.95 -0.14 16.43
CA GLU B 511 18.44 0.88 17.33
C GLU B 511 18.29 0.35 18.75
N PRO B 512 19.33 0.49 19.59
CA PRO B 512 19.34 0.04 20.96
C PRO B 512 18.20 0.67 21.75
N CYS B 513 17.53 -0.11 22.62
CA CYS B 513 16.44 0.34 23.47
C CYS B 513 17.00 0.70 24.83
N THR B 514 16.63 1.88 25.27
CA THR B 514 17.13 2.44 26.51
C THR B 514 15.98 2.84 27.39
N GLY B 515 16.32 3.29 28.60
CA GLY B 515 15.31 3.75 29.51
C GLY B 515 14.38 2.62 29.85
N TYR B 516 13.11 2.83 29.61
CA TYR B 516 12.11 1.84 29.94
C TYR B 516 11.68 0.97 28.78
N GLN B 517 12.36 1.09 27.65
CA GLN B 517 11.95 0.24 26.56
C GLN B 517 12.61 -1.12 26.59
N TYR B 518 11.84 -2.13 26.21
CA TYR B 518 12.38 -3.49 26.12
C TYR B 518 11.81 -4.17 24.90
N GLN B 519 12.54 -5.16 24.39
CA GLN B 519 12.08 -5.83 23.18
C GLN B 519 10.88 -6.70 23.33
N VAL B 520 10.02 -6.61 22.34
CA VAL B 520 8.86 -7.47 22.23
C VAL B 520 8.98 -8.29 20.95
N ASP B 521 9.81 -7.80 20.02
CA ASP B 521 10.11 -8.50 18.77
C ASP B 521 11.54 -8.14 18.40
N ARG B 522 12.08 -8.70 17.33
CA ARG B 522 13.48 -8.43 16.99
C ARG B 522 13.75 -7.00 16.53
N TYR B 523 12.72 -6.33 16.05
CA TYR B 523 12.77 -4.98 15.52
C TYR B 523 11.87 -4.02 16.30
N THR B 524 11.25 -4.51 17.40
CA THR B 524 10.29 -3.69 18.17
C THR B 524 10.51 -3.75 19.68
N CYS B 525 10.44 -2.57 20.36
CA CYS B 525 10.46 -2.42 21.80
C CYS B 525 9.26 -1.62 22.20
N LYS B 526 8.77 -1.91 23.39
CA LYS B 526 7.67 -1.17 23.97
C LYS B 526 8.14 -0.54 25.24
N THR B 527 7.54 0.60 25.59
CA THR B 527 7.91 1.23 26.83
C THR B 527 7.22 0.49 27.97
N CYS B 528 7.99 0.10 29.00
CA CYS B 528 7.50 -0.57 30.20
C CYS B 528 6.80 0.44 31.11
N PRO B 529 5.57 0.17 31.58
CA PRO B 529 4.84 1.05 32.46
C PRO B 529 5.58 1.04 33.78
N TYR B 530 5.49 2.12 34.55
CA TYR B 530 6.20 2.19 35.83
C TYR B 530 5.54 1.40 36.95
N ASP B 531 5.41 0.11 36.71
CA ASP B 531 4.88 -0.87 37.62
C ASP B 531 6.07 -1.77 37.79
N MET B 532 6.88 -1.75 36.73
CA MET B 532 7.99 -2.67 36.57
C MET B 532 9.32 -2.02 36.15
N ARG B 533 10.44 -2.53 36.69
CA ARG B 533 11.85 -2.40 36.36
C ARG B 533 12.26 -3.20 35.10
N PRO B 534 12.69 -2.56 33.99
CA PRO B 534 13.22 -3.17 32.80
C PRO B 534 14.40 -4.03 33.19
N THR B 535 14.54 -5.17 32.55
CA THR B 535 15.62 -6.10 32.86
C THR B 535 16.93 -5.71 32.20
N GLU B 536 18.02 -6.36 32.60
CA GLU B 536 19.35 -5.98 32.13
C GLU B 536 19.58 -6.12 30.63
N ASN B 537 18.88 -7.00 29.96
CA ASN B 537 19.07 -7.12 28.54
C ASN B 537 18.00 -6.34 27.82
N ARG B 538 17.12 -5.67 28.55
CA ARG B 538 16.02 -4.93 27.98
C ARG B 538 15.23 -5.77 26.98
N THR B 539 14.91 -7.00 27.36
CA THR B 539 14.10 -7.94 26.57
C THR B 539 12.83 -8.32 27.33
N GLY B 540 12.75 -7.82 28.55
CA GLY B 540 11.68 -8.11 29.48
C GLY B 540 11.65 -6.99 30.52
N CYS B 541 10.60 -6.95 31.39
CA CYS B 541 10.46 -5.93 32.45
C CYS B 541 9.77 -6.64 33.63
N ARG B 542 10.29 -6.40 34.85
CA ARG B 542 9.84 -7.06 36.08
C ARG B 542 9.40 -6.05 37.14
N PRO B 543 8.55 -6.39 38.11
CA PRO B 543 8.04 -5.47 39.15
C PRO B 543 9.10 -4.54 39.76
N ILE B 544 8.79 -3.24 39.82
CA ILE B 544 9.68 -2.21 40.35
C ILE B 544 9.74 -2.31 41.87
N PRO B 545 10.85 -1.99 42.53
CA PRO B 545 10.87 -1.92 43.98
C PRO B 545 9.91 -0.88 44.46
N ILE B 546 9.33 -1.07 45.62
CA ILE B 546 8.27 -0.22 46.10
C ILE B 546 8.73 0.28 47.40
N ILE B 547 8.78 1.59 47.51
CA ILE B 547 9.20 2.19 48.73
C ILE B 547 8.04 2.12 49.63
N LYS B 548 7.83 1.00 50.25
CA LYS B 548 7.19 1.02 51.51
C LYS B 548 8.30 1.51 52.37
N LEU B 549 8.36 2.77 52.70
CA LEU B 549 9.45 3.29 53.48
C LEU B 549 9.74 2.39 54.69
N GLU B 550 10.96 2.38 55.20
CA GLU B 550 11.31 1.66 56.42
C GLU B 550 10.92 2.42 57.70
N TRP B 551 10.17 1.80 58.63
CA TRP B 551 9.81 2.42 59.91
C TRP B 551 11.02 2.75 60.79
N GLY B 552 12.12 2.02 60.68
CA GLY B 552 13.34 2.24 61.48
C GLY B 552 14.27 3.31 60.87
N SER B 553 13.83 4.06 59.86
CA SER B 553 14.63 5.09 59.19
C SER B 553 14.93 6.29 60.09
N PRO B 554 16.10 6.95 59.99
CA PRO B 554 16.30 8.30 60.49
C PRO B 554 15.13 9.21 60.10
N TRP B 555 14.51 9.02 58.93
CA TRP B 555 13.37 9.82 58.54
C TRP B 555 12.20 9.63 59.49
N ALA B 556 12.02 8.43 59.99
CA ALA B 556 11.01 8.09 60.97
C ALA B 556 11.49 8.26 62.42
N VAL B 557 12.80 8.32 62.68
CA VAL B 557 13.30 8.33 64.05
C VAL B 557 12.66 9.44 64.89
N LEU B 558 12.49 10.67 64.37
CA LEU B 558 11.87 11.66 65.22
C LEU B 558 10.43 11.26 65.57
N PRO B 559 9.54 10.96 64.61
CA PRO B 559 8.21 10.45 64.89
C PRO B 559 8.18 9.20 65.81
N LEU B 560 9.13 8.26 65.72
CA LEU B 560 9.12 7.12 66.65
C LEU B 560 9.31 7.64 68.07
N PHE B 561 10.25 8.55 68.21
CA PHE B 561 10.56 9.15 69.49
C PHE B 561 9.34 9.83 70.03
N LEU B 562 8.70 10.63 69.19
CA LEU B 562 7.55 11.37 69.63
C LEU B 562 6.43 10.43 70.02
N ALA B 563 6.27 9.30 69.31
CA ALA B 563 5.25 8.34 69.70
C ALA B 563 5.55 7.83 71.10
N VAL B 564 6.82 7.61 71.39
CA VAL B 564 7.20 7.14 72.72
C VAL B 564 6.90 8.19 73.77
N VAL B 565 7.21 9.44 73.47
CA VAL B 565 6.94 10.51 74.42
C VAL B 565 5.45 10.63 74.67
N GLY B 566 4.65 10.56 73.61
CA GLY B 566 3.22 10.67 73.70
C GLY B 566 2.63 9.65 74.65
N ILE B 567 2.97 8.37 74.50
CA ILE B 567 2.42 7.33 75.37
C ILE B 567 3.03 7.39 76.78
N ALA B 568 4.32 7.68 76.92
CA ALA B 568 4.98 7.74 78.22
C ALA B 568 4.31 8.79 79.12
N ALA B 569 4.11 10.01 78.60
CA ALA B 569 3.39 11.04 79.32
C ALA B 569 1.94 10.63 79.63
N THR B 570 1.26 10.04 78.65
CA THR B 570 -0.10 9.54 78.81
C THR B 570 -0.18 8.59 79.98
N LEU B 571 0.54 7.47 79.92
CA LEU B 571 0.43 6.43 80.91
C LEU B 571 0.91 6.94 82.27
N PHE B 572 2.03 7.66 82.34
CA PHE B 572 2.54 8.12 83.64
C PHE B 572 1.56 9.08 84.33
N VAL B 573 0.85 9.92 83.55
CA VAL B 573 -0.27 10.70 84.07
C VAL B 573 -1.42 9.78 84.47
N VAL B 574 -1.89 8.95 83.56
CA VAL B 574 -3.11 8.16 83.71
C VAL B 574 -2.96 7.16 84.85
N ILE B 575 -1.98 6.28 84.74
CA ILE B 575 -1.70 5.27 85.74
C ILE B 575 -1.50 5.89 87.11
N THR B 576 -1.07 7.16 87.18
CA THR B 576 -1.06 7.89 88.45
C THR B 576 -2.46 8.28 88.88
N PHE B 577 -3.11 9.22 88.21
CA PHE B 577 -4.28 9.83 88.84
C PHE B 577 -5.45 8.85 88.92
N VAL B 578 -5.51 7.86 88.02
CA VAL B 578 -6.53 6.80 88.04
C VAL B 578 -6.33 5.79 89.18
N ARG B 579 -5.07 5.50 89.58
CA ARG B 579 -4.80 4.76 90.83
C ARG B 579 -5.18 5.56 92.08
N TYR B 580 -5.07 6.89 92.01
CA TYR B 580 -5.17 7.79 93.17
C TYR B 580 -6.18 8.92 92.92
N ASN B 581 -7.41 8.53 92.55
CA ASN B 581 -8.42 9.42 91.96
C ASN B 581 -9.29 10.22 92.95
N ASP B 582 -9.30 9.86 94.23
CA ASP B 582 -10.23 10.44 95.23
C ASP B 582 -9.95 11.92 95.55
N THR B 583 -8.84 12.45 95.07
CA THR B 583 -8.27 13.76 95.45
C THR B 583 -9.15 14.96 95.05
N PRO B 584 -9.28 15.99 95.92
CA PRO B 584 -9.91 17.25 95.57
C PRO B 584 -9.25 17.93 94.37
N ILE B 585 -8.00 17.57 94.08
CA ILE B 585 -7.31 18.18 92.96
C ILE B 585 -7.97 17.78 91.65
N VAL B 586 -8.34 16.51 91.51
CA VAL B 586 -9.01 15.98 90.31
C VAL B 586 -10.46 16.43 90.31
N LYS B 587 -11.10 16.49 91.49
CA LYS B 587 -12.50 16.92 91.57
C LYS B 587 -12.63 18.39 91.13
N ALA B 588 -11.65 19.20 91.52
CA ALA B 588 -11.62 20.62 91.23
C ALA B 588 -11.29 20.91 89.77
N SER B 589 -10.85 19.88 89.04
CA SER B 589 -10.45 20.01 87.67
C SER B 589 -11.63 19.65 86.75
N GLY B 590 -12.75 19.24 87.37
CA GLY B 590 -13.91 18.82 86.62
C GLY B 590 -14.12 17.30 86.60
N ARG B 591 -13.35 16.53 87.40
CA ARG B 591 -13.50 15.09 87.48
C ARG B 591 -13.31 14.45 86.12
N GLU B 592 -14.37 13.84 85.58
CA GLU B 592 -14.27 13.19 84.30
C GLU B 592 -13.86 14.16 83.20
N LEU B 593 -14.19 15.44 83.30
CA LEU B 593 -13.79 16.36 82.25
C LEU B 593 -12.28 16.53 82.23
N SER B 594 -11.63 16.46 83.40
CA SER B 594 -10.20 16.60 83.42
C SER B 594 -9.68 15.43 82.62
N TYR B 595 -10.25 14.26 82.87
CA TYR B 595 -9.90 13.03 82.19
C TYR B 595 -10.18 13.12 80.69
N VAL B 596 -11.26 13.76 80.25
CA VAL B 596 -11.50 13.90 78.82
C VAL B 596 -10.44 14.78 78.22
N LEU B 597 -10.04 15.86 78.88
CA LEU B 597 -8.95 16.65 78.34
C LEU B 597 -7.66 15.81 78.25
N LEU B 598 -7.35 15.05 79.28
CA LEU B 598 -6.18 14.17 79.30
C LEU B 598 -6.27 13.01 78.30
N ALA B 599 -7.47 12.56 77.95
CA ALA B 599 -7.69 11.55 76.92
C ALA B 599 -7.22 12.04 75.55
N GLY B 600 -7.10 13.36 75.33
CA GLY B 600 -6.63 13.86 74.07
C GLY B 600 -5.14 13.62 73.91
N ILE B 601 -4.40 13.44 75.00
CA ILE B 601 -2.97 13.08 74.94
C ILE B 601 -2.86 11.63 74.42
N PHE B 602 -3.66 10.73 75.01
CA PHE B 602 -3.73 9.35 74.56
C PHE B 602 -4.10 9.28 73.09
N LEU B 603 -5.08 10.07 72.64
CA LEU B 603 -5.43 9.94 71.26
C LEU B 603 -4.34 10.53 70.37
N CYS B 604 -3.68 11.62 70.80
CA CYS B 604 -2.60 12.17 69.99
C CYS B 604 -1.52 11.09 69.80
N TYR B 605 -1.22 10.35 70.87
CA TYR B 605 -0.31 9.22 70.75
C TYR B 605 -0.79 8.18 69.77
N ALA B 606 -2.03 7.75 69.92
CA ALA B 606 -2.56 6.69 69.09
C ALA B 606 -2.54 7.11 67.63
N THR B 607 -2.81 8.39 67.38
CA THR B 607 -2.84 8.94 66.05
C THR B 607 -1.42 8.85 65.50
N THR B 608 -0.42 9.14 66.31
CA THR B 608 0.98 8.97 65.93
C THR B 608 1.30 7.50 65.67
N PHE B 609 0.90 6.59 66.55
CA PHE B 609 1.12 5.16 66.38
C PHE B 609 0.66 4.70 65.00
N LEU B 610 -0.54 5.08 64.61
CA LEU B 610 -1.02 4.77 63.27
C LEU B 610 -0.22 5.52 62.20
N MET B 611 0.16 6.78 62.43
CA MET B 611 1.01 7.50 61.49
C MET B 611 2.38 6.86 61.28
N ILE B 612 2.99 6.20 62.28
CA ILE B 612 4.35 5.67 62.14
C ILE B 612 4.42 4.28 61.48
N ALA B 613 3.36 3.49 61.53
CA ALA B 613 3.36 2.18 60.86
C ALA B 613 3.36 2.33 59.32
N GLU B 614 4.00 1.42 58.58
CA GLU B 614 3.82 1.30 57.13
C GLU B 614 2.36 0.90 56.80
N PRO B 615 1.58 1.72 56.08
CA PRO B 615 0.13 1.55 56.05
C PRO B 615 -0.38 0.39 55.17
N ASP B 616 -0.71 -0.71 55.82
CA ASP B 616 -1.68 -1.69 55.35
C ASP B 616 -3.08 -1.07 55.17
N LEU B 617 -3.96 -1.67 54.38
CA LEU B 617 -5.32 -1.23 54.16
C LEU B 617 -6.12 -1.08 55.46
N GLY B 618 -5.97 -2.00 56.42
CA GLY B 618 -6.59 -1.88 57.73
C GLY B 618 -6.06 -0.69 58.53
N THR B 619 -4.77 -0.38 58.41
CA THR B 619 -4.19 0.85 59.01
C THR B 619 -4.70 2.11 58.31
N CYS B 620 -4.82 2.12 56.97
CA CYS B 620 -5.52 3.20 56.27
C CYS B 620 -6.95 3.39 56.79
N SER B 621 -7.65 2.27 57.02
CA SER B 621 -8.99 2.25 57.57
C SER B 621 -9.05 2.88 58.94
N LEU B 622 -8.20 2.53 59.89
CA LEU B 622 -8.22 3.21 61.18
C LEU B 622 -7.77 4.67 61.04
N ARG B 623 -6.71 4.94 60.28
CA ARG B 623 -6.16 6.29 60.07
C ARG B 623 -7.25 7.29 59.72
N ARG B 624 -8.26 6.87 58.96
CA ARG B 624 -9.41 7.70 58.56
C ARG B 624 -10.01 8.55 59.69
N ILE B 625 -10.13 8.01 60.90
CA ILE B 625 -10.75 8.69 62.02
C ILE B 625 -9.67 9.34 62.86
N PHE B 626 -8.54 8.68 63.03
CA PHE B 626 -7.52 9.20 63.92
C PHE B 626 -6.86 10.48 63.43
N LEU B 627 -6.64 10.63 62.12
CA LEU B 627 -5.97 11.85 61.68
C LEU B 627 -6.78 13.09 62.04
N GLY B 628 -8.10 12.99 61.98
CA GLY B 628 -9.00 14.08 62.31
C GLY B 628 -9.22 14.16 63.84
N LEU B 629 -9.63 13.02 64.44
CA LEU B 629 -9.98 12.95 65.86
C LEU B 629 -8.83 13.29 66.77
N GLY B 630 -7.61 12.95 66.36
CA GLY B 630 -6.43 13.21 67.16
C GLY B 630 -6.35 14.67 67.53
N MET B 631 -6.87 15.57 66.68
CA MET B 631 -6.84 16.96 67.05
C MET B 631 -8.19 17.41 67.60
N SER B 632 -9.30 16.95 66.97
CA SER B 632 -10.62 17.47 67.35
C SER B 632 -10.98 17.11 68.78
N ILE B 633 -10.40 16.04 69.32
CA ILE B 633 -10.65 15.68 70.70
C ILE B 633 -10.15 16.74 71.67
N SER B 634 -9.02 17.36 71.34
CA SER B 634 -8.42 18.35 72.20
C SER B 634 -9.25 19.57 72.18
N TYR B 635 -9.66 19.96 70.99
CA TYR B 635 -10.37 21.20 70.90
C TYR B 635 -11.77 21.04 71.43
N ALA B 636 -12.40 19.90 71.19
CA ALA B 636 -13.75 19.74 71.71
C ALA B 636 -13.75 19.77 73.22
N ALA B 637 -12.75 19.13 73.84
CA ALA B 637 -12.67 19.11 75.28
C ALA B 637 -12.39 20.53 75.82
N LEU B 638 -11.56 21.28 75.11
CA LEU B 638 -11.28 22.64 75.53
C LEU B 638 -12.52 23.50 75.37
N LEU B 639 -13.27 23.29 74.29
CA LEU B 639 -14.46 24.08 74.08
C LEU B 639 -15.49 23.82 75.12
N THR B 640 -15.68 22.58 75.53
CA THR B 640 -16.69 22.33 76.52
C THR B 640 -16.28 22.82 77.90
N LYS B 641 -14.99 22.74 78.26
CA LYS B 641 -14.62 23.21 79.58
C LYS B 641 -14.74 24.71 79.56
N THR B 642 -14.39 25.32 78.43
CA THR B 642 -14.50 26.74 78.27
C THR B 642 -15.95 27.10 78.32
N ASN B 643 -16.82 26.33 77.68
CA ASN B 643 -18.21 26.68 77.73
C ASN B 643 -18.70 26.67 79.17
N ARG B 644 -18.22 25.71 79.99
CA ARG B 644 -18.68 25.73 81.37
C ARG B 644 -18.23 26.99 82.09
N ILE B 645 -16.94 27.31 81.98
CA ILE B 645 -16.42 28.44 82.74
C ILE B 645 -16.94 29.72 82.22
N TYR B 646 -16.88 29.87 80.91
CA TYR B 646 -17.28 31.07 80.28
C TYR B 646 -18.73 31.36 80.54
N ARG B 647 -19.65 30.38 80.39
CA ARG B 647 -21.01 30.80 80.65
C ARG B 647 -21.23 31.07 82.11
N ILE B 648 -20.52 30.40 83.03
CA ILE B 648 -20.75 30.75 84.42
C ILE B 648 -20.34 32.20 84.62
N PHE B 649 -19.19 32.56 84.07
CA PHE B 649 -18.69 33.92 84.13
C PHE B 649 -19.61 34.94 83.45
N GLU B 650 -20.00 34.67 82.21
CA GLU B 650 -20.79 35.57 81.43
C GLU B 650 -22.15 35.78 82.08
N GLN B 651 -22.72 34.69 82.62
CA GLN B 651 -24.01 34.74 83.28
C GLN B 651 -23.93 35.54 84.56
N GLY B 652 -22.83 35.36 85.32
CA GLY B 652 -22.61 36.12 86.53
C GLY B 652 -22.48 37.63 86.27
N SER B 663 -22.81 19.85 84.78
CA SER B 663 -22.59 18.52 85.31
C SER B 663 -22.35 17.48 84.24
N PRO B 664 -21.34 16.58 84.43
CA PRO B 664 -20.89 15.54 83.51
C PRO B 664 -22.01 14.56 83.19
N ALA B 665 -23.03 14.51 84.05
CA ALA B 665 -24.13 13.61 83.82
C ALA B 665 -24.74 13.83 82.45
N SER B 666 -24.75 15.08 81.98
CA SER B 666 -25.26 15.33 80.66
C SER B 666 -24.17 15.98 79.85
N GLN B 667 -23.23 16.63 80.54
CA GLN B 667 -22.19 17.37 79.89
C GLN B 667 -21.19 16.48 79.16
N LEU B 668 -20.92 15.28 79.67
CA LEU B 668 -19.97 14.46 78.96
C LEU B 668 -20.61 14.03 77.67
N ALA B 669 -21.90 13.72 77.69
CA ALA B 669 -22.57 13.31 76.48
C ALA B 669 -22.49 14.42 75.45
N ILE B 670 -22.65 15.65 75.91
CA ILE B 670 -22.58 16.80 75.02
C ILE B 670 -21.20 16.92 74.41
N THR B 671 -20.18 16.72 75.22
CA THR B 671 -18.80 16.80 74.77
C THR B 671 -18.56 15.74 73.70
N PHE B 672 -19.06 14.54 73.98
CA PHE B 672 -18.88 13.42 73.10
C PHE B 672 -19.59 13.66 71.79
N SER B 673 -20.77 14.27 71.84
CA SER B 673 -21.50 14.62 70.63
C SER B 673 -20.68 15.63 69.83
N LEU B 674 -20.13 16.65 70.48
CA LEU B 674 -19.35 17.63 69.74
C LEU B 674 -18.26 16.94 68.92
N ILE B 675 -17.63 15.91 69.49
CA ILE B 675 -16.62 15.14 68.79
C ILE B 675 -17.24 14.23 67.70
N SER B 676 -18.32 13.48 68.03
CA SER B 676 -18.91 12.53 67.09
C SER B 676 -19.54 13.21 65.90
N LEU B 677 -19.90 14.48 66.03
CA LEU B 677 -20.45 15.18 64.89
C LEU B 677 -19.46 15.23 63.73
N GLN B 678 -18.14 15.27 63.99
CA GLN B 678 -17.21 15.29 62.87
C GLN B 678 -16.91 13.87 62.44
N LEU B 679 -16.93 12.96 63.41
CA LEU B 679 -16.64 11.56 63.17
C LEU B 679 -17.65 10.93 62.25
N LEU B 680 -18.89 11.32 62.40
CA LEU B 680 -19.95 10.80 61.57
C LEU B 680 -19.74 11.22 60.13
N GLY B 681 -19.21 12.44 59.91
CA GLY B 681 -18.95 12.91 58.55
C GLY B 681 -17.87 12.04 57.94
N ILE B 682 -16.90 11.69 58.76
CA ILE B 682 -15.80 10.84 58.34
C ILE B 682 -16.32 9.46 58.00
N CYS B 683 -17.22 8.93 58.84
CA CYS B 683 -17.78 7.61 58.64
C CYS B 683 -18.48 7.57 57.29
N VAL B 684 -19.20 8.64 56.93
CA VAL B 684 -19.86 8.70 55.64
C VAL B 684 -18.82 8.72 54.51
N TRP B 685 -17.77 9.52 54.65
CA TRP B 685 -16.76 9.57 53.59
C TRP B 685 -16.19 8.19 53.34
N PHE B 686 -15.92 7.46 54.41
CA PHE B 686 -15.37 6.13 54.34
C PHE B 686 -16.30 5.10 53.71
N VAL B 687 -17.55 5.05 54.13
CA VAL B 687 -18.38 4.02 53.55
C VAL B 687 -18.66 4.30 52.06
N VAL B 688 -18.71 5.59 51.69
CA VAL B 688 -18.90 5.97 50.30
C VAL B 688 -17.62 5.71 49.48
N ASP B 689 -16.45 6.06 50.03
CA ASP B 689 -15.17 5.88 49.37
C ASP B 689 -14.11 5.47 50.42
N PRO B 690 -14.00 4.17 50.77
CA PRO B 690 -13.16 3.65 51.83
C PRO B 690 -11.69 3.73 51.49
N SER B 691 -10.87 3.87 52.53
CA SER B 691 -9.44 3.90 52.41
C SER B 691 -8.81 2.51 52.33
N HIS B 692 -7.63 2.51 51.71
CA HIS B 692 -6.72 1.42 51.40
C HIS B 692 -5.35 2.05 51.08
N SER B 693 -4.27 1.29 50.91
CA SER B 693 -3.01 1.86 50.44
C SER B 693 -3.08 2.27 48.96
N VAL B 694 -2.31 3.30 48.57
CA VAL B 694 -2.02 3.61 47.18
C VAL B 694 -0.55 3.61 46.98
N VAL B 695 -0.12 3.11 45.85
CA VAL B 695 1.27 3.07 45.56
C VAL B 695 1.53 4.11 44.51
N ASP B 696 2.13 5.21 44.91
CA ASP B 696 2.29 6.27 43.97
C ASP B 696 3.50 6.12 43.10
N PHE B 697 3.47 5.08 42.28
CA PHE B 697 4.53 4.84 41.29
C PHE B 697 4.79 6.05 40.39
N GLN B 698 3.75 6.83 40.09
CA GLN B 698 3.85 7.97 39.21
C GLN B 698 4.69 9.09 39.83
N ASP B 699 4.92 9.01 41.15
CA ASP B 699 5.66 10.00 41.89
C ASP B 699 7.17 9.91 41.68
N GLN B 700 7.71 8.73 41.34
CA GLN B 700 9.16 8.53 41.30
C GLN B 700 9.61 8.19 39.89
N ARG B 701 8.93 8.76 38.88
CA ARG B 701 9.15 8.39 37.50
C ARG B 701 10.43 8.95 36.97
N THR B 702 11.48 8.29 37.36
CA THR B 702 12.82 8.69 37.00
C THR B 702 13.19 8.28 35.62
N LEU B 703 14.34 8.72 35.20
CA LEU B 703 14.80 8.36 33.87
C LEU B 703 15.59 7.08 33.92
N ASP B 704 16.26 6.84 35.05
CA ASP B 704 17.06 5.63 35.24
C ASP B 704 16.20 4.60 35.95
N PRO B 705 15.70 3.57 35.25
CA PRO B 705 14.74 2.61 35.70
C PRO B 705 15.14 1.84 36.92
N ARG B 706 16.44 1.69 37.17
CA ARG B 706 16.94 0.98 38.37
C ARG B 706 16.51 1.66 39.67
N PHE B 707 16.12 2.93 39.59
CA PHE B 707 15.74 3.75 40.70
C PHE B 707 14.30 4.19 40.65
N ALA B 708 13.52 3.75 39.67
CA ALA B 708 12.11 4.06 39.72
C ALA B 708 11.56 3.39 40.98
N ARG B 709 10.47 3.89 41.55
CA ARG B 709 9.92 3.31 42.77
C ARG B 709 8.40 3.39 42.82
N GLY B 710 7.78 2.35 43.38
CA GLY B 710 6.50 2.53 44.04
C GLY B 710 6.69 3.31 45.34
N VAL B 711 5.61 3.77 45.94
CA VAL B 711 5.66 4.67 47.07
C VAL B 711 4.44 4.41 47.89
N LEU B 712 4.60 3.79 49.05
CA LEU B 712 3.49 3.52 49.96
C LEU B 712 2.95 4.80 50.58
N LYS B 713 1.68 5.09 50.30
CA LYS B 713 0.87 6.11 51.00
C LYS B 713 -0.55 5.58 51.27
N CYS B 714 -1.24 6.16 52.24
CA CYS B 714 -2.69 5.92 52.39
C CYS B 714 -3.46 6.64 51.28
N ASP B 715 -4.42 5.95 50.67
CA ASP B 715 -5.26 6.55 49.65
C ASP B 715 -6.41 7.29 50.30
N ILE B 716 -6.01 8.32 51.01
CA ILE B 716 -6.82 9.27 51.69
C ILE B 716 -6.43 10.45 50.87
N SER B 717 -5.11 10.48 50.60
CA SER B 717 -4.48 11.52 49.83
C SER B 717 -4.82 12.90 50.34
N ASP B 718 -5.25 13.75 49.42
CA ASP B 718 -5.56 15.15 49.72
C ASP B 718 -6.70 15.30 50.72
N LEU B 719 -7.55 14.28 50.85
CA LEU B 719 -8.70 14.38 51.73
C LEU B 719 -8.27 14.37 53.17
N SER B 720 -7.01 14.01 53.44
CA SER B 720 -6.58 14.00 54.80
C SER B 720 -6.68 15.41 55.30
N LEU B 721 -6.47 16.40 54.44
CA LEU B 721 -6.58 17.74 54.94
C LEU B 721 -7.93 18.30 54.58
N ILE B 722 -8.44 17.99 53.40
CA ILE B 722 -9.69 18.59 52.97
C ILE B 722 -10.80 18.25 53.94
N CYS B 723 -10.87 16.99 54.37
CA CYS B 723 -11.93 16.60 55.27
C CYS B 723 -11.44 16.18 56.65
N LEU B 724 -10.32 15.49 56.77
CA LEU B 724 -10.09 15.01 58.13
C LEU B 724 -9.48 16.09 59.01
N LEU B 725 -8.50 16.83 58.48
CA LEU B 725 -7.90 17.87 59.29
C LEU B 725 -8.83 19.06 59.15
N GLY B 726 -9.44 19.20 57.98
CA GLY B 726 -10.36 20.27 57.70
C GLY B 726 -11.53 20.27 58.68
N TYR B 727 -11.97 19.09 59.16
CA TYR B 727 -13.04 19.08 60.13
C TYR B 727 -12.49 19.44 61.52
N SER B 728 -11.30 18.96 61.88
CA SER B 728 -10.80 19.31 63.22
C SER B 728 -10.53 20.82 63.32
N MET B 729 -10.25 21.43 62.17
CA MET B 729 -10.00 22.87 62.07
C MET B 729 -11.24 23.68 62.44
N LEU B 730 -12.42 23.06 62.41
CA LEU B 730 -13.64 23.74 62.75
C LEU B 730 -13.64 24.07 64.22
N LEU B 731 -13.05 23.19 65.04
CA LEU B 731 -13.09 23.45 66.46
C LEU B 731 -11.94 24.36 66.79
N MET B 732 -10.86 24.30 66.00
CA MET B 732 -9.71 25.17 66.20
C MET B 732 -10.12 26.63 66.00
N VAL B 733 -10.95 26.88 64.98
CA VAL B 733 -11.39 28.25 64.77
C VAL B 733 -12.25 28.70 65.94
N THR B 734 -13.18 27.84 66.38
CA THR B 734 -14.03 28.17 67.50
C THR B 734 -13.17 28.42 68.74
N CYS B 735 -12.15 27.57 68.94
CA CYS B 735 -11.26 27.69 70.08
C CYS B 735 -10.49 28.97 70.08
N THR B 736 -10.03 29.43 68.93
CA THR B 736 -9.29 30.67 68.87
C THR B 736 -10.20 31.79 69.38
N VAL B 737 -11.45 31.78 68.92
CA VAL B 737 -12.42 32.80 69.33
C VAL B 737 -12.67 32.69 70.82
N TYR B 738 -12.82 31.47 71.30
CA TYR B 738 -13.06 31.22 72.71
C TYR B 738 -11.87 31.56 73.57
N ALA B 739 -10.66 31.43 73.05
CA ALA B 739 -9.47 31.75 73.78
C ALA B 739 -9.47 33.23 74.10
N ILE B 740 -9.96 34.04 73.17
CA ILE B 740 -10.06 35.47 73.35
C ILE B 740 -11.17 35.76 74.36
N LYS B 741 -12.30 35.05 74.24
CA LYS B 741 -13.37 35.25 75.21
C LYS B 741 -12.85 34.91 76.61
N THR B 742 -12.02 33.86 76.68
CA THR B 742 -11.39 33.38 77.90
C THR B 742 -10.38 34.41 78.38
N ARG B 743 -9.64 35.03 77.46
CA ARG B 743 -8.66 36.06 77.81
C ARG B 743 -9.36 37.17 78.61
N GLY B 744 -10.62 37.47 78.26
CA GLY B 744 -11.39 38.49 78.93
C GLY B 744 -11.94 38.07 80.32
N VAL B 745 -11.76 36.80 80.69
CA VAL B 745 -12.21 36.25 81.96
C VAL B 745 -11.18 36.70 83.02
N PRO B 746 -11.60 37.31 84.15
CA PRO B 746 -10.76 37.83 85.22
C PRO B 746 -9.82 36.80 85.79
N ASN B 750 -8.26 31.00 87.92
CA ASN B 750 -6.96 30.43 87.65
C ASN B 750 -7.08 29.18 86.79
N GLU B 751 -8.22 28.50 86.88
CA GLU B 751 -8.49 27.34 86.06
C GLU B 751 -8.74 27.72 84.61
N ALA B 752 -9.12 28.98 84.34
CA ALA B 752 -9.43 29.43 83.00
C ALA B 752 -8.17 29.86 82.30
N LYS B 753 -7.25 30.44 83.05
CA LYS B 753 -6.01 30.92 82.49
C LYS B 753 -5.34 29.95 81.50
N PRO B 754 -4.98 28.69 81.88
CA PRO B 754 -4.33 27.72 81.05
C PRO B 754 -5.22 27.19 79.95
N ILE B 755 -6.52 27.42 80.03
CA ILE B 755 -7.40 26.94 79.02
C ILE B 755 -7.32 27.92 77.90
N GLY B 756 -7.42 29.20 78.24
CA GLY B 756 -7.32 30.22 77.22
C GLY B 756 -5.94 30.17 76.58
N PHE B 757 -4.92 29.88 77.40
CA PHE B 757 -3.57 29.83 76.90
C PHE B 757 -3.40 28.64 75.98
N THR B 758 -3.93 27.48 76.38
CA THR B 758 -3.82 26.27 75.59
C THR B 758 -4.58 26.39 74.30
N MET B 759 -5.78 26.93 74.35
CA MET B 759 -6.57 27.04 73.14
C MET B 759 -5.92 27.94 72.14
N TYR B 760 -5.44 29.08 72.57
CA TYR B 760 -4.85 29.97 71.62
C TYR B 760 -3.58 29.32 71.08
N THR B 761 -2.76 28.79 71.99
CA THR B 761 -1.48 28.23 71.65
C THR B 761 -1.57 27.02 70.76
N THR B 762 -2.48 26.08 71.02
CA THR B 762 -2.52 24.87 70.22
C THR B 762 -3.25 25.09 68.92
N CYS B 763 -4.06 26.15 68.80
CA CYS B 763 -4.64 26.42 67.50
C CYS B 763 -3.48 26.85 66.62
N ILE B 764 -2.59 27.67 67.19
CA ILE B 764 -1.41 28.15 66.49
C ILE B 764 -0.44 27.02 66.23
N VAL B 765 -0.19 26.15 67.20
CA VAL B 765 0.74 25.07 66.95
C VAL B 765 0.26 24.27 65.79
N TRP B 766 -1.01 23.96 65.73
CA TRP B 766 -1.45 23.20 64.60
C TRP B 766 -1.31 23.93 63.27
N LEU B 767 -1.87 25.12 63.20
CA LEU B 767 -1.95 25.85 61.95
C LEU B 767 -0.59 26.24 61.43
N ALA B 768 0.36 26.44 62.32
CA ALA B 768 1.72 26.80 61.97
C ALA B 768 2.38 25.79 61.05
N PHE B 769 1.94 24.53 61.06
CA PHE B 769 2.57 23.51 60.23
C PHE B 769 1.81 23.25 58.95
N ILE B 770 0.67 23.90 58.76
CA ILE B 770 -0.11 23.64 57.57
C ILE B 770 0.62 24.07 56.31
N PRO B 771 1.29 25.22 56.25
CA PRO B 771 2.06 25.65 55.10
C PRO B 771 3.19 24.67 54.76
N ILE B 772 3.61 23.82 55.72
CA ILE B 772 4.66 22.88 55.47
C ILE B 772 3.99 21.70 54.82
N PHE B 773 2.85 21.30 55.38
CA PHE B 773 2.11 20.19 54.84
C PHE B 773 1.87 20.47 53.36
N PHE B 774 1.42 21.69 53.04
CA PHE B 774 1.22 22.00 51.64
C PHE B 774 2.52 22.26 50.88
N GLY B 775 3.43 23.05 51.44
CA GLY B 775 4.64 23.46 50.77
C GLY B 775 5.56 22.31 50.38
N THR B 776 5.57 21.26 51.18
CA THR B 776 6.43 20.13 50.94
C THR B 776 5.72 19.00 50.22
N SER B 777 4.48 19.22 49.79
CA SER B 777 3.71 18.21 49.08
C SER B 777 4.39 17.86 47.77
N GLN B 778 4.92 18.86 47.07
CA GLN B 778 5.56 18.60 45.79
C GLN B 778 7.03 18.25 45.99
N SER B 779 7.26 17.12 46.64
CA SER B 779 8.61 16.63 46.96
C SER B 779 8.66 15.13 47.19
N ALA B 780 9.73 14.47 46.74
CA ALA B 780 9.85 13.03 46.97
C ALA B 780 9.84 12.70 48.47
N ASP B 781 10.42 13.61 49.23
CA ASP B 781 10.57 13.44 50.66
C ASP B 781 9.28 13.63 51.42
N LYS B 782 8.19 13.96 50.74
CA LYS B 782 6.89 14.15 51.36
C LYS B 782 6.51 12.89 52.11
N LEU B 783 7.01 11.76 51.61
CA LEU B 783 6.84 10.41 52.10
C LEU B 783 7.19 10.25 53.59
N TYR B 784 8.10 11.09 54.12
CA TYR B 784 8.32 11.18 55.56
C TYR B 784 8.08 12.58 56.13
N ILE B 785 8.15 13.61 55.30
CA ILE B 785 7.97 14.96 55.78
C ILE B 785 6.57 15.22 56.22
N GLN B 786 5.55 14.80 55.45
CA GLN B 786 4.20 15.12 55.90
C GLN B 786 3.89 14.37 57.20
N THR B 787 4.40 13.14 57.32
CA THR B 787 4.21 12.36 58.52
C THR B 787 4.86 13.09 59.69
N THR B 788 6.09 13.59 59.49
CA THR B 788 6.81 14.31 60.53
C THR B 788 6.12 15.61 60.86
N THR B 789 5.67 16.32 59.84
CA THR B 789 5.04 17.61 59.99
C THR B 789 3.81 17.48 60.86
N LEU B 790 2.99 16.47 60.58
CA LEU B 790 1.80 16.29 61.37
C LEU B 790 2.18 15.70 62.71
N THR B 791 3.14 14.79 62.77
CA THR B 791 3.47 14.19 64.05
C THR B 791 3.93 15.24 65.02
N VAL B 792 4.76 16.17 64.57
CA VAL B 792 5.22 17.20 65.48
C VAL B 792 4.08 18.08 65.91
N SER B 793 3.22 18.54 64.99
CA SER B 793 2.18 19.45 65.47
C SER B 793 1.18 18.75 66.38
N VAL B 794 0.97 17.45 66.20
CA VAL B 794 0.06 16.70 67.04
C VAL B 794 0.65 16.48 68.43
N SER B 795 1.90 16.01 68.49
CA SER B 795 2.51 15.74 69.78
C SER B 795 2.92 17.03 70.49
N LEU B 796 3.19 18.09 69.73
CA LEU B 796 3.54 19.37 70.31
C LEU B 796 2.32 19.96 70.95
N SER B 797 1.16 19.84 70.28
CA SER B 797 -0.05 20.37 70.87
C SER B 797 -0.37 19.60 72.14
N ALA B 798 -0.13 18.28 72.14
CA ALA B 798 -0.37 17.47 73.33
C ALA B 798 0.53 17.91 74.47
N SER B 799 1.79 18.24 74.15
CA SER B 799 2.74 18.71 75.15
C SER B 799 2.27 20.01 75.76
N VAL B 800 1.78 20.93 74.91
CA VAL B 800 1.29 22.21 75.39
C VAL B 800 0.11 22.01 76.30
N SER B 801 -0.80 21.14 75.90
CA SER B 801 -1.98 20.89 76.69
C SER B 801 -1.60 20.39 78.07
N LEU B 802 -0.71 19.41 78.16
CA LEU B 802 -0.25 18.91 79.45
C LEU B 802 0.43 20.03 80.23
N GLY B 803 1.38 20.73 79.60
CA GLY B 803 2.23 21.67 80.28
C GLY B 803 1.45 22.80 80.92
N MET B 804 0.39 23.23 80.24
CA MET B 804 -0.45 24.29 80.76
C MET B 804 -1.61 23.83 81.64
N LEU B 805 -2.29 22.73 81.27
CA LEU B 805 -3.50 22.33 81.98
C LEU B 805 -3.31 21.38 83.14
N TYR B 806 -2.24 20.57 83.18
CA TYR B 806 -2.20 19.46 84.13
C TYR B 806 -0.85 19.12 84.78
N MET B 807 0.31 19.33 84.15
CA MET B 807 1.58 18.91 84.77
C MET B 807 1.77 19.42 86.21
N PRO B 808 1.46 20.68 86.56
CA PRO B 808 1.65 21.11 87.93
C PRO B 808 0.79 20.25 88.87
N LYS B 809 -0.38 19.78 88.41
CA LYS B 809 -1.27 19.02 89.24
C LYS B 809 -0.86 17.56 89.30
N VAL B 810 -0.24 17.00 88.26
CA VAL B 810 0.35 15.66 88.40
C VAL B 810 1.46 15.68 89.46
N TYR B 811 2.33 16.69 89.41
CA TYR B 811 3.41 16.85 90.39
C TYR B 811 2.83 17.02 91.81
N ILE B 812 1.73 17.75 91.95
CA ILE B 812 1.17 17.96 93.27
C ILE B 812 0.49 16.68 93.75
N ILE B 813 -0.27 15.96 92.91
CA ILE B 813 -0.95 14.74 93.34
C ILE B 813 0.06 13.67 93.79
N LEU B 814 1.13 13.48 93.01
CA LEU B 814 2.11 12.40 93.23
C LEU B 814 3.24 12.80 94.20
N PHE B 815 3.94 13.90 93.92
CA PHE B 815 5.16 14.26 94.62
C PHE B 815 4.93 15.25 95.76
N HIS B 816 3.96 16.17 95.63
CA HIS B 816 3.78 17.25 96.59
C HIS B 816 2.34 17.62 96.90
#